data_8QZX
#
_entry.id   8QZX
#
_cell.length_a   1.00
_cell.length_b   1.00
_cell.length_c   1.00
_cell.angle_alpha   90.00
_cell.angle_beta   90.00
_cell.angle_gamma   90.00
#
_symmetry.space_group_name_H-M   'P 1'
#
loop_
_entity.id
_entity.type
_entity.pdbx_description
1 polymer 'Deoxyhypusine synthase related protein, putative'
2 polymer 'Eukaryotic translation initiation factor 5A'
3 non-polymer NICOTINAMIDE-ADENINE-DINUCLEOTIDE
4 non-polymer SPERMIDINE
#
loop_
_entity_poly.entity_id
_entity_poly.type
_entity_poly.pdbx_seq_one_letter_code
_entity_poly.pdbx_strand_id
1 'polypeptide(L)'
;MSRAPSLAPSLAVDSVFVESEELTTPLVKGYVPDDNGKFDFDKMLEQMKYCGFQATNLGLAIDQINEMLHYDYEPQPGDE
KKLFGLGGGVEGVKYKPRACKIFLGITSNLISSGMRDYIRFLVKHALVDVVVCTAGGIEEDFIKCLAPTHMGEFFHDGHD
LRKRGLNRIGNLIVPNKNYCLFEDWIMPILDKCLEEQNTQGTKWTPSKLIHRLGLEINNEDSVWYWAAKNNIPVYSPALT
DGSIGDMIYFHSYNNPGLVLDLVEDIRDMNNEPLWATKTGCIILGGGVVKHHIMNANLYRNGADFVVYVNTAHDFDGSDS
GARPDEAVSWGAISLEAKPVKVYAEVTLVLPLLVAGSFSKFLAE
;
A,B,C,D
2 'polypeptide(L)'
;MSSAEEEVHHDLEIQEVDAGSQEKATIPVNKLKKGGYVLIEGRPCRVVDITKSKTGKHGHAKAGIAGTDLFTGRRYETHL
PTSHEIEVPFVDRSDYGLINIDDGHTQLLTLDGTLREDVDLPPEGNEMRQRVIDLFNVCVNTNDQVVVTVLSSNGENLIV
DCKKSTN
;
E
#
# COMPACT_ATOMS: atom_id res chain seq x y z
N THR A 24 -16.55 -13.28 24.18
CA THR A 24 -17.43 -12.19 24.56
C THR A 24 -17.25 -10.96 23.68
N THR A 25 -16.65 -11.16 22.50
CA THR A 25 -16.37 -10.03 21.54
C THR A 25 -17.56 -9.85 20.58
N PRO A 26 -17.66 -8.75 19.78
CA PRO A 26 -18.83 -8.49 18.93
C PRO A 26 -19.10 -9.51 17.82
N LEU A 27 -20.34 -9.55 17.34
CA LEU A 27 -20.73 -10.57 16.32
C LEU A 27 -20.76 -9.94 14.93
N VAL A 28 -20.20 -10.64 13.96
CA VAL A 28 -20.28 -10.13 12.57
C VAL A 28 -21.76 -10.04 12.28
N LYS A 29 -22.22 -8.96 11.63
CA LYS A 29 -23.64 -8.88 11.20
C LYS A 29 -23.86 -7.71 10.24
N GLY A 30 -24.21 -7.98 8.99
CA GLY A 30 -24.55 -6.90 8.05
C GLY A 30 -25.98 -6.43 8.25
N TYR A 31 -26.34 -5.28 7.69
CA TYR A 31 -27.76 -4.84 7.71
C TYR A 31 -28.46 -5.43 6.48
N VAL A 32 -29.57 -6.13 6.66
CA VAL A 32 -30.33 -6.71 5.51
C VAL A 32 -31.05 -5.58 4.77
N PRO A 33 -30.99 -5.49 3.42
CA PRO A 33 -31.73 -4.47 2.68
C PRO A 33 -33.26 -4.57 2.77
N ASP A 34 -33.97 -3.44 2.66
CA ASP A 34 -35.45 -3.40 2.84
C ASP A 34 -36.18 -4.18 1.75
N ASP A 35 -37.20 -4.97 2.12
CA ASP A 35 -38.01 -5.68 1.11
C ASP A 35 -38.76 -4.67 0.25
N ASN A 36 -39.25 -3.58 0.85
CA ASN A 36 -40.03 -2.56 0.10
C ASN A 36 -39.16 -1.91 -0.98
N GLY A 37 -37.88 -1.64 -0.67
CA GLY A 37 -36.97 -1.07 -1.69
C GLY A 37 -36.48 0.35 -1.40
N LYS A 38 -36.91 0.96 -0.31
CA LYS A 38 -36.31 2.28 0.04
C LYS A 38 -35.13 2.00 0.97
N PHE A 39 -33.90 1.92 0.42
CA PHE A 39 -32.71 1.56 1.24
C PHE A 39 -32.41 2.65 2.26
N ASP A 40 -32.10 2.26 3.51
CA ASP A 40 -31.71 3.27 4.52
C ASP A 40 -30.19 3.39 4.53
N PHE A 41 -29.66 4.45 3.89
CA PHE A 41 -28.19 4.67 3.83
C PHE A 41 -27.70 4.89 5.26
N ASP A 42 -28.52 5.56 6.07
CA ASP A 42 -28.13 5.77 7.49
C ASP A 42 -27.95 4.42 8.18
N LYS A 43 -28.79 3.42 7.90
CA LYS A 43 -28.61 2.15 8.64
C LYS A 43 -27.40 1.40 8.09
N MET A 44 -27.09 1.54 6.80
CA MET A 44 -25.87 0.91 6.23
C MET A 44 -24.62 1.49 6.89
N LEU A 45 -24.58 2.81 7.12
CA LEU A 45 -23.40 3.49 7.71
C LEU A 45 -23.16 2.94 9.11
N GLU A 46 -24.23 2.75 9.88
CA GLU A 46 -24.11 2.25 11.28
C GLU A 46 -23.57 0.82 11.28
N GLN A 47 -23.98 0.00 10.30
CA GLN A 47 -23.60 -1.43 10.32
C GLN A 47 -22.33 -1.70 9.51
N MET A 48 -21.66 -0.67 8.98
CA MET A 48 -20.38 -0.85 8.25
C MET A 48 -19.32 -1.40 9.22
N LYS A 49 -19.32 -0.97 10.48
CA LYS A 49 -18.31 -1.41 11.48
C LYS A 49 -18.39 -2.92 11.69
N TYR A 50 -19.59 -3.50 11.65
CA TYR A 50 -19.74 -4.95 11.96
C TYR A 50 -19.67 -5.85 10.71
N CYS A 51 -19.52 -5.29 9.52
CA CYS A 51 -19.37 -6.12 8.29
C CYS A 51 -18.08 -6.95 8.31
N GLY A 52 -16.97 -6.39 8.81
CA GLY A 52 -15.68 -7.11 8.80
C GLY A 52 -14.75 -6.59 7.73
N PHE A 53 -13.49 -7.02 7.74
CA PHE A 53 -12.46 -6.59 6.74
C PHE A 53 -12.26 -5.06 6.77
N GLN A 54 -12.31 -4.42 5.61
CA GLN A 54 -12.05 -2.95 5.54
C GLN A 54 -13.25 -2.16 6.02
N ALA A 55 -14.45 -2.74 6.01
CA ALA A 55 -15.62 -2.04 6.57
C ALA A 55 -15.45 -1.86 8.08
N THR A 56 -14.86 -2.81 8.78
CA THR A 56 -14.62 -2.56 10.22
C THR A 56 -13.79 -1.29 10.36
N ASN A 57 -12.82 -1.08 9.46
CA ASN A 57 -11.92 0.10 9.51
C ASN A 57 -12.72 1.39 9.27
N LEU A 58 -13.63 1.40 8.30
CA LEU A 58 -14.37 2.65 7.96
C LEU A 58 -15.19 3.06 9.19
N GLY A 59 -15.84 2.10 9.85
CA GLY A 59 -16.64 2.41 11.03
C GLY A 59 -15.78 2.93 12.15
N LEU A 60 -14.63 2.30 12.39
CA LEU A 60 -13.68 2.75 13.45
C LEU A 60 -13.07 4.11 13.06
N ALA A 61 -12.85 4.37 11.76
CA ALA A 61 -12.34 5.69 11.31
C ALA A 61 -13.36 6.79 11.62
N ILE A 62 -14.64 6.53 11.42
CA ILE A 62 -15.71 7.52 11.76
C ILE A 62 -15.64 7.78 13.25
N ASP A 63 -15.45 6.73 14.03
CA ASP A 63 -15.46 6.90 15.50
C ASP A 63 -14.31 7.82 15.94
N GLN A 64 -13.12 7.68 15.36
CA GLN A 64 -11.94 8.47 15.81
C GLN A 64 -12.20 9.95 15.55
N ILE A 65 -12.72 10.29 14.37
CA ILE A 65 -12.99 11.71 14.02
C ILE A 65 -14.07 12.27 14.96
N ASN A 66 -15.08 11.49 15.29
CA ASN A 66 -16.18 11.94 16.17
C ASN A 66 -15.59 12.32 17.52
N GLU A 67 -14.62 11.56 18.02
CA GLU A 67 -13.96 11.89 19.30
C GLU A 67 -13.24 13.24 19.17
N MET A 68 -12.62 13.51 18.02
CA MET A 68 -11.89 14.79 17.81
C MET A 68 -12.83 15.99 17.80
N LEU A 69 -13.93 15.94 17.04
CA LEU A 69 -14.84 17.10 16.92
C LEU A 69 -15.50 17.38 18.27
N HIS A 70 -16.01 16.34 18.93
CA HIS A 70 -16.62 16.48 20.28
C HIS A 70 -15.58 16.18 21.36
N TYR A 71 -14.59 17.05 21.50
CA TYR A 71 -13.63 16.94 22.63
C TYR A 71 -13.70 18.25 23.40
N ASP A 72 -13.78 18.18 24.73
CA ASP A 72 -13.74 19.42 25.54
C ASP A 72 -13.23 19.09 26.95
N TYR A 73 -12.77 20.10 27.67
CA TYR A 73 -12.22 19.88 29.04
C TYR A 73 -12.34 21.20 29.80
N GLU A 74 -12.21 21.15 31.12
CA GLU A 74 -12.29 22.39 31.95
C GLU A 74 -10.87 22.79 32.35
N PRO A 75 -10.41 24.03 32.03
CA PRO A 75 -9.03 24.43 32.31
C PRO A 75 -8.73 24.44 33.82
N LYS A 82 -7.43 25.87 25.67
CA LYS A 82 -7.39 26.80 24.50
C LYS A 82 -8.50 26.43 23.52
N LEU A 83 -9.17 27.43 22.94
CA LEU A 83 -10.30 27.15 22.02
C LEU A 83 -9.79 27.26 20.58
N PHE A 84 -10.18 26.31 19.75
CA PHE A 84 -9.72 26.26 18.35
C PHE A 84 -10.98 26.16 17.51
N GLY A 85 -10.92 26.51 16.24
CA GLY A 85 -12.15 26.51 15.44
C GLY A 85 -12.98 27.73 15.74
N LEU A 86 -12.39 28.74 16.39
CA LEU A 86 -13.10 30.01 16.64
C LEU A 86 -13.44 30.61 15.28
N GLY A 87 -12.52 30.49 14.32
CA GLY A 87 -12.75 31.02 12.96
C GLY A 87 -12.34 32.47 12.87
N GLY A 88 -12.55 33.08 11.71
CA GLY A 88 -12.22 34.50 11.53
C GLY A 88 -13.44 35.38 11.63
N GLY A 89 -14.56 34.83 12.11
CA GLY A 89 -15.80 35.59 12.27
C GLY A 89 -16.36 36.14 10.97
N VAL A 90 -16.25 35.39 9.87
CA VAL A 90 -16.92 35.84 8.60
C VAL A 90 -18.42 35.72 8.82
N GLU A 91 -19.22 36.67 8.33
CA GLU A 91 -20.69 36.66 8.55
C GLU A 91 -21.34 35.61 7.65
N GLY A 92 -22.48 35.07 8.08
CA GLY A 92 -23.21 34.10 7.24
C GLY A 92 -22.62 32.69 7.33
N VAL A 93 -21.67 32.48 8.25
CA VAL A 93 -21.04 31.14 8.42
C VAL A 93 -21.15 30.75 9.90
N LYS A 94 -21.40 29.47 10.19
CA LYS A 94 -21.54 28.98 11.57
C LYS A 94 -20.27 28.23 11.96
N TYR A 95 -19.70 28.55 13.12
CA TYR A 95 -18.51 27.80 13.61
C TYR A 95 -18.82 27.29 15.02
N LYS A 96 -18.31 26.12 15.37
CA LYS A 96 -18.50 25.63 16.76
C LYS A 96 -17.12 25.43 17.41
N PRO A 97 -16.86 25.98 18.61
CA PRO A 97 -15.53 25.88 19.24
C PRO A 97 -15.09 24.48 19.68
N ARG A 98 -13.78 24.18 19.61
CA ARG A 98 -13.31 22.84 19.93
C ARG A 98 -12.05 22.95 20.78
N ALA A 99 -11.91 22.02 21.72
CA ALA A 99 -10.69 21.93 22.52
C ALA A 99 -9.60 21.08 21.87
N CYS A 100 -9.91 20.48 20.71
CA CYS A 100 -8.92 19.66 19.95
C CYS A 100 -8.42 20.40 18.70
N LYS A 101 -7.10 20.41 18.47
CA LYS A 101 -6.50 21.03 17.25
C LYS A 101 -6.42 19.95 16.18
N ILE A 102 -6.91 20.22 14.98
CA ILE A 102 -6.95 19.16 13.93
C ILE A 102 -6.01 19.50 12.78
N PHE A 103 -5.02 18.63 12.54
CA PHE A 103 -4.06 18.80 11.42
C PHE A 103 -4.52 17.86 10.32
N LEU A 104 -4.67 18.37 9.11
CA LEU A 104 -5.11 17.52 7.99
C LEU A 104 -3.98 17.41 6.99
N GLY A 105 -3.55 16.19 6.70
CA GLY A 105 -2.51 15.97 5.67
C GLY A 105 -3.19 15.53 4.41
N ILE A 106 -3.06 16.31 3.35
CA ILE A 106 -3.72 15.98 2.07
C ILE A 106 -2.66 15.84 0.98
N THR A 107 -2.63 14.75 0.24
CA THR A 107 -1.71 14.64 -0.91
C THR A 107 -2.36 15.37 -2.08
N SER A 108 -1.64 15.53 -3.17
CA SER A 108 -2.19 16.34 -4.28
C SER A 108 -3.45 15.68 -4.84
N ASN A 109 -3.54 14.36 -4.79
CA ASN A 109 -4.70 13.63 -5.38
C ASN A 109 -6.02 14.12 -4.77
N LEU A 110 -6.06 14.31 -3.45
CA LEU A 110 -7.32 14.69 -2.77
C LEU A 110 -7.75 16.10 -3.14
N ILE A 111 -6.81 16.99 -3.45
CA ILE A 111 -7.15 18.37 -3.90
C ILE A 111 -7.25 18.39 -5.44
N SER A 112 -7.14 17.22 -6.08
CA SER A 112 -7.34 17.14 -7.56
C SER A 112 -8.63 16.35 -7.84
N SER A 113 -9.07 15.54 -6.88
CA SER A 113 -10.30 14.72 -7.08
C SER A 113 -11.53 15.45 -6.55
N GLY A 114 -12.71 14.82 -6.64
CA GLY A 114 -13.96 15.48 -6.21
C GLY A 114 -14.01 15.51 -4.69
N MET A 115 -12.89 15.16 -4.04
CA MET A 115 -12.82 15.22 -2.55
C MET A 115 -12.59 16.68 -2.14
N ARG A 116 -12.41 17.58 -3.11
CA ARG A 116 -12.24 19.02 -2.82
C ARG A 116 -13.50 19.55 -2.14
N ASP A 117 -14.68 19.14 -2.61
CA ASP A 117 -15.96 19.66 -2.05
C ASP A 117 -16.09 19.25 -0.58
N TYR A 118 -15.48 18.12 -0.19
CA TYR A 118 -15.64 17.65 1.21
C TYR A 118 -14.52 18.21 2.06
N ILE A 119 -13.55 18.87 1.42
CA ILE A 119 -12.42 19.53 2.17
C ILE A 119 -12.71 21.02 2.33
N ARG A 120 -13.31 21.64 1.30
CA ARG A 120 -13.66 23.08 1.38
C ARG A 120 -14.65 23.23 2.51
N PHE A 121 -15.57 22.29 2.64
CA PHE A 121 -16.59 22.34 3.72
C PHE A 121 -15.88 22.28 5.09
N LEU A 122 -14.88 21.41 5.24
CA LEU A 122 -14.13 21.28 6.51
C LEU A 122 -13.39 22.56 6.84
N VAL A 123 -12.76 23.20 5.84
CA VAL A 123 -12.04 24.50 6.04
C VAL A 123 -13.00 25.68 6.24
N LYS A 124 -14.11 25.74 5.51
CA LYS A 124 -15.04 26.90 5.57
C LYS A 124 -15.58 27.01 6.99
N HIS A 125 -15.89 25.88 7.60
CA HIS A 125 -16.50 25.93 8.96
C HIS A 125 -15.36 25.86 9.98
N ALA A 126 -14.12 25.98 9.52
CA ALA A 126 -12.96 26.01 10.42
C ALA A 126 -13.02 24.79 11.33
N LEU A 127 -13.34 23.62 10.78
CA LEU A 127 -13.34 22.37 11.56
C LEU A 127 -11.92 21.80 11.58
N VAL A 128 -11.00 22.34 10.75
CA VAL A 128 -9.57 21.88 10.70
C VAL A 128 -8.63 23.06 11.03
N ASP A 129 -7.85 22.96 12.10
CA ASP A 129 -6.96 24.08 12.50
C ASP A 129 -5.77 24.35 11.57
N VAL A 130 -5.08 23.32 11.06
CA VAL A 130 -3.84 23.49 10.22
C VAL A 130 -3.90 22.51 9.04
N VAL A 131 -3.34 22.86 7.88
CA VAL A 131 -3.27 21.89 6.74
C VAL A 131 -1.83 21.77 6.26
N VAL A 132 -1.36 20.57 5.90
CA VAL A 132 -0.01 20.38 5.28
C VAL A 132 -0.27 19.70 3.94
N CYS A 133 0.20 20.28 2.85
CA CYS A 133 -0.14 19.71 1.52
C CYS A 133 1.08 19.72 0.62
N THR A 134 1.15 18.82 -0.35
CA THR A 134 2.25 18.79 -1.34
C THR A 134 2.05 19.93 -2.34
N ALA A 135 3.12 20.38 -3.01
CA ALA A 135 3.02 21.60 -3.85
C ALA A 135 2.02 21.50 -5.01
N GLY A 136 1.88 20.34 -5.66
CA GLY A 136 0.86 20.18 -6.72
C GLY A 136 -0.52 20.43 -6.17
N GLY A 137 -0.81 19.98 -4.95
CA GLY A 137 -2.11 20.26 -4.30
C GLY A 137 -2.32 21.74 -4.06
N ILE A 138 -1.29 22.46 -3.62
CA ILE A 138 -1.41 23.92 -3.42
C ILE A 138 -1.69 24.56 -4.79
N GLU A 139 -1.02 24.08 -5.84
CA GLU A 139 -1.20 24.66 -7.19
C GLU A 139 -2.58 24.28 -7.75
N GLU A 140 -3.07 23.09 -7.43
CA GLU A 140 -4.36 22.61 -7.99
C GLU A 140 -5.53 23.47 -7.48
N ASP A 141 -5.62 23.75 -6.20
CA ASP A 141 -6.79 24.51 -5.69
C ASP A 141 -6.87 25.81 -6.46
N PHE A 142 -5.76 26.55 -6.54
CA PHE A 142 -5.76 27.86 -7.24
C PHE A 142 -6.09 27.68 -8.71
N ILE A 143 -5.56 26.64 -9.36
CA ILE A 143 -5.92 26.38 -10.79
C ILE A 143 -7.38 25.95 -10.91
N LYS A 144 -7.90 25.18 -9.93
CA LYS A 144 -9.31 24.70 -9.97
C LYS A 144 -10.25 25.90 -9.87
N CYS A 145 -9.93 26.84 -8.99
CA CYS A 145 -10.77 28.06 -8.84
C CYS A 145 -10.63 28.88 -10.12
N LEU A 146 -9.45 28.82 -10.75
CA LEU A 146 -9.29 29.50 -12.05
C LEU A 146 -9.96 28.71 -13.18
N ALA A 147 -9.84 27.37 -13.20
CA ALA A 147 -10.38 26.57 -14.33
C ALA A 147 -10.77 25.14 -13.92
N PRO A 148 -11.76 24.49 -14.58
CA PRO A 148 -12.22 23.13 -14.23
C PRO A 148 -11.38 21.93 -14.67
N THR A 149 -11.63 20.74 -14.09
CA THR A 149 -10.88 19.49 -14.44
C THR A 149 -11.74 18.56 -15.32
N HIS A 150 -11.15 17.88 -16.30
CA HIS A 150 -11.89 16.90 -17.14
C HIS A 150 -11.78 15.47 -16.59
N MET A 151 -12.66 14.55 -17.00
CA MET A 151 -12.61 13.13 -16.57
C MET A 151 -11.84 12.30 -17.61
N GLY A 152 -11.36 11.11 -17.24
CA GLY A 152 -10.53 10.30 -18.17
C GLY A 152 -10.37 8.87 -17.68
N GLU A 153 -9.39 8.12 -18.21
CA GLU A 153 -9.21 6.70 -17.83
C GLU A 153 -7.79 6.46 -17.29
N PHE A 154 -7.58 5.34 -16.59
CA PHE A 154 -6.21 4.99 -16.08
C PHE A 154 -5.38 4.48 -17.26
N PHE A 155 -5.99 3.66 -18.11
CA PHE A 155 -5.26 3.09 -19.28
C PHE A 155 -5.43 4.02 -20.47
N HIS A 156 -4.70 5.14 -20.48
CA HIS A 156 -4.73 6.09 -21.62
C HIS A 156 -3.30 6.16 -22.17
N ASP A 157 -3.12 6.20 -23.51
CA ASP A 157 -1.73 6.16 -24.03
C ASP A 157 -0.96 7.42 -23.64
N GLY A 158 0.21 7.25 -23.00
CA GLY A 158 1.02 8.40 -22.53
C GLY A 158 1.52 9.24 -23.68
N HIS A 159 1.98 8.60 -24.76
CA HIS A 159 2.54 9.34 -25.91
C HIS A 159 1.44 10.23 -26.51
N ASP A 160 0.24 9.70 -26.70
CA ASP A 160 -0.88 10.45 -27.33
C ASP A 160 -1.25 11.65 -26.45
N LEU A 161 -1.37 11.44 -25.13
CA LEU A 161 -1.78 12.52 -24.19
C LEU A 161 -0.79 13.66 -24.28
N ARG A 162 0.50 13.35 -24.47
CA ARG A 162 1.54 14.41 -24.63
C ARG A 162 1.23 15.22 -25.91
N LYS A 163 0.83 14.53 -26.99
CA LYS A 163 0.58 15.25 -28.26
C LYS A 163 -0.59 16.22 -28.04
N ARG A 164 -1.59 15.79 -27.26
CA ARG A 164 -2.79 16.64 -27.01
C ARG A 164 -2.50 17.59 -25.84
N GLY A 165 -1.28 17.51 -25.29
CA GLY A 165 -0.90 18.40 -24.17
C GLY A 165 -1.83 18.22 -22.98
N LEU A 166 -2.18 16.98 -22.67
CA LEU A 166 -3.06 16.72 -21.50
C LEU A 166 -2.25 15.96 -20.44
N ASN A 167 -2.16 16.51 -19.23
CA ASN A 167 -1.42 15.86 -18.12
C ASN A 167 -2.32 14.76 -17.55
N ARG A 168 -1.76 13.83 -16.80
CA ARG A 168 -2.59 12.76 -16.20
C ARG A 168 -2.29 12.58 -14.71
N ILE A 169 -3.28 12.19 -13.90
CA ILE A 169 -3.08 12.03 -12.43
C ILE A 169 -3.61 10.65 -12.00
N LEU A 172 -8.29 11.27 -14.54
CA LEU A 172 -8.19 12.66 -14.05
C LEU A 172 -7.22 13.44 -14.95
N ILE A 173 -7.75 14.28 -15.84
CA ILE A 173 -6.89 15.03 -16.79
C ILE A 173 -6.92 16.52 -16.44
N VAL A 174 -5.75 17.10 -16.14
CA VAL A 174 -5.65 18.57 -15.89
C VAL A 174 -4.97 19.12 -17.14
N PRO A 175 -5.63 19.95 -17.96
CA PRO A 175 -5.04 20.40 -19.24
C PRO A 175 -3.80 21.30 -19.16
N ASN A 176 -2.96 21.28 -20.19
CA ASN A 176 -1.71 22.08 -20.21
C ASN A 176 -2.05 23.58 -20.17
N LYS A 177 -3.13 23.98 -20.85
CA LYS A 177 -3.53 25.41 -20.88
C LYS A 177 -3.81 25.88 -19.46
N ASN A 178 -4.26 25.00 -18.57
CA ASN A 178 -4.65 25.40 -17.20
C ASN A 178 -3.50 26.03 -16.43
N TYR A 179 -2.29 25.47 -16.51
CA TYR A 179 -1.11 26.00 -15.76
C TYR A 179 -0.77 27.42 -16.23
N CYS A 180 -0.90 27.70 -17.54
CA CYS A 180 -0.58 29.03 -18.10
C CYS A 180 -1.50 30.12 -17.52
N LEU A 181 -2.78 29.84 -17.32
CA LEU A 181 -3.68 30.83 -16.67
C LEU A 181 -3.18 31.07 -15.22
N PHE A 182 -2.75 30.01 -14.54
CA PHE A 182 -2.22 30.12 -13.15
C PHE A 182 -0.96 30.99 -13.15
N GLU A 183 -0.10 30.85 -14.16
CA GLU A 183 1.17 31.60 -14.18
C GLU A 183 0.84 33.09 -14.15
N ASP A 184 -0.15 33.50 -14.92
CA ASP A 184 -0.50 34.95 -15.00
C ASP A 184 -0.89 35.45 -13.60
N TRP A 185 -1.49 34.59 -12.79
CA TRP A 185 -1.98 35.03 -11.46
C TRP A 185 -0.83 35.10 -10.44
N ILE A 186 -0.05 34.03 -10.28
CA ILE A 186 0.99 33.97 -9.21
C ILE A 186 2.12 34.99 -9.40
N MET A 187 2.55 35.28 -10.62
CA MET A 187 3.77 36.14 -10.82
C MET A 187 3.66 37.49 -10.11
N PRO A 188 2.54 38.26 -10.18
CA PRO A 188 2.47 39.52 -9.43
C PRO A 188 2.64 39.41 -7.91
N ILE A 189 2.06 38.40 -7.26
CA ILE A 189 2.13 38.32 -5.77
C ILE A 189 3.59 38.18 -5.34
N LEU A 190 4.38 37.38 -6.05
CA LEU A 190 5.82 37.20 -5.76
C LEU A 190 6.59 38.51 -5.99
N ASP A 191 6.28 39.26 -7.05
CA ASP A 191 6.95 40.55 -7.34
C ASP A 191 6.70 41.53 -6.21
N LYS A 192 5.47 41.61 -5.72
CA LYS A 192 5.18 42.47 -4.53
C LYS A 192 5.91 41.88 -3.32
N CYS A 193 5.98 40.56 -3.21
CA CYS A 193 6.76 39.93 -2.09
C CYS A 193 8.24 40.31 -2.20
N LEU A 194 8.81 40.33 -3.41
CA LEU A 194 10.22 40.79 -3.54
C LEU A 194 10.31 42.25 -3.13
N GLU A 195 9.38 43.08 -3.60
CA GLU A 195 9.45 44.53 -3.31
C GLU A 195 9.33 44.72 -1.80
N GLU A 196 8.40 44.00 -1.18
CA GLU A 196 8.17 44.13 0.28
C GLU A 196 9.40 43.63 1.05
N GLN A 197 10.05 42.56 0.57
CA GLN A 197 11.17 41.97 1.34
C GLN A 197 12.33 42.97 1.45
N ASN A 198 12.67 43.62 0.34
CA ASN A 198 13.78 44.61 0.37
C ASN A 198 13.35 45.87 1.14
N THR A 199 12.18 46.44 0.81
CA THR A 199 11.74 47.72 1.43
C THR A 199 11.29 47.61 2.89
N GLN A 200 10.49 46.59 3.25
CA GLN A 200 9.92 46.57 4.62
C GLN A 200 10.57 45.48 5.50
N GLY A 201 11.64 44.85 5.02
CA GLY A 201 12.28 43.76 5.78
C GLY A 201 11.34 42.59 6.07
N THR A 202 10.52 42.18 5.10
CA THR A 202 9.62 41.02 5.30
C THR A 202 10.31 39.74 4.83
N LYS A 203 10.67 38.85 5.76
CA LYS A 203 11.42 37.61 5.41
C LYS A 203 10.42 36.53 5.01
N TRP A 204 10.19 36.36 3.71
CA TRP A 204 9.17 35.40 3.22
C TRP A 204 9.58 33.94 3.46
N THR A 205 8.61 33.08 3.73
CA THR A 205 8.85 31.62 3.93
C THR A 205 7.81 30.93 3.05
N PRO A 206 7.84 29.60 2.82
CA PRO A 206 6.78 28.97 2.02
C PRO A 206 5.35 29.14 2.56
N SER A 207 5.12 28.92 3.87
CA SER A 207 3.77 29.09 4.47
C SER A 207 3.22 30.49 4.21
N LYS A 208 4.03 31.53 4.45
CA LYS A 208 3.57 32.94 4.31
C LYS A 208 3.17 33.24 2.87
N LEU A 209 3.90 32.71 1.88
CA LEU A 209 3.52 32.94 0.47
C LEU A 209 2.12 32.36 0.22
N ILE A 210 1.83 31.15 0.72
CA ILE A 210 0.51 30.49 0.52
C ILE A 210 -0.63 31.28 1.17
N HIS A 211 -0.43 31.75 2.41
CA HIS A 211 -1.49 32.52 3.13
C HIS A 211 -1.78 33.79 2.35
N ARG A 212 -0.74 34.48 1.92
CA ARG A 212 -0.94 35.70 1.09
C ARG A 212 -1.59 35.29 -0.24
N LEU A 213 -1.17 34.18 -0.83
CA LEU A 213 -1.73 33.72 -2.13
C LEU A 213 -3.21 33.38 -1.94
N GLY A 214 -3.57 32.73 -0.84
CA GLY A 214 -4.98 32.40 -0.56
C GLY A 214 -5.82 33.66 -0.37
N LEU A 215 -5.29 34.65 0.32
CA LEU A 215 -6.03 35.92 0.50
C LEU A 215 -6.25 36.54 -0.88
N GLU A 216 -5.27 36.43 -1.77
CA GLU A 216 -5.38 37.06 -3.12
C GLU A 216 -6.46 36.40 -3.98
N ILE A 217 -6.72 35.09 -3.83
CA ILE A 217 -7.67 34.40 -4.77
C ILE A 217 -9.07 35.01 -4.67
N ASN A 218 -9.55 35.29 -3.46
CA ASN A 218 -10.88 35.93 -3.26
C ASN A 218 -11.98 35.13 -3.95
N ASN A 219 -11.91 33.79 -3.94
CA ASN A 219 -13.00 32.95 -4.50
C ASN A 219 -13.47 32.03 -3.40
N GLU A 220 -14.78 31.99 -3.15
CA GLU A 220 -15.32 31.17 -2.03
C GLU A 220 -15.11 29.69 -2.34
N ASP A 221 -14.92 29.36 -3.62
CA ASP A 221 -14.68 27.96 -4.03
C ASP A 221 -13.39 27.46 -3.37
N SER A 222 -12.37 28.31 -3.22
CA SER A 222 -11.03 27.87 -2.74
C SER A 222 -11.00 27.39 -1.29
N VAL A 223 -10.31 26.28 -1.03
CA VAL A 223 -10.06 25.78 0.35
C VAL A 223 -9.02 26.71 0.94
N TRP A 224 -8.21 27.35 0.08
CA TRP A 224 -7.08 28.20 0.56
C TRP A 224 -7.59 29.58 0.96
N TYR A 225 -8.60 30.09 0.26
CA TYR A 225 -9.22 31.39 0.62
C TYR A 225 -9.85 31.27 2.00
N TRP A 226 -10.53 30.16 2.25
CA TRP A 226 -11.22 29.99 3.54
C TRP A 226 -10.20 29.91 4.67
N ALA A 227 -9.08 29.24 4.43
CA ALA A 227 -8.01 29.17 5.44
C ALA A 227 -7.41 30.56 5.68
N ALA A 228 -7.33 31.39 4.65
CA ALA A 228 -6.83 32.77 4.85
C ALA A 228 -7.85 33.54 5.68
N LYS A 229 -9.14 33.44 5.35
CA LYS A 229 -10.21 34.15 6.11
C LYS A 229 -10.33 33.61 7.53
N ASN A 230 -10.14 32.31 7.73
CA ASN A 230 -10.34 31.69 9.06
C ASN A 230 -9.00 31.48 9.79
N ASN A 231 -7.92 32.11 9.30
CA ASN A 231 -6.59 32.04 9.98
C ASN A 231 -6.08 30.60 10.13
N ILE A 232 -6.08 29.81 9.05
CA ILE A 232 -5.56 28.42 9.08
C ILE A 232 -4.21 28.39 8.34
N PRO A 233 -3.07 28.04 8.98
CA PRO A 233 -1.77 28.04 8.30
C PRO A 233 -1.57 26.80 7.43
N VAL A 234 -1.02 26.98 6.23
CA VAL A 234 -0.79 25.86 5.28
C VAL A 234 0.74 25.72 5.08
N TYR A 235 1.29 24.52 5.24
CA TYR A 235 2.76 24.37 5.12
C TYR A 235 3.14 23.31 4.08
N SER A 236 4.00 23.66 3.13
CA SER A 236 4.50 22.66 2.16
C SER A 236 6.03 22.70 2.21
N PRO A 237 6.75 21.69 2.75
CA PRO A 237 8.20 21.77 2.85
C PRO A 237 8.89 21.82 1.49
N ALA A 238 8.50 20.98 0.54
CA ALA A 238 9.07 21.04 -0.83
C ALA A 238 8.17 21.89 -1.74
N LEU A 239 8.06 23.18 -1.50
CA LEU A 239 7.14 23.98 -2.33
C LEU A 239 7.74 24.15 -3.73
N THR A 240 9.07 24.03 -3.86
CA THR A 240 9.75 24.14 -5.17
C THR A 240 9.42 22.95 -6.07
N ASP A 241 9.16 21.78 -5.48
CA ASP A 241 8.79 20.58 -6.27
C ASP A 241 7.33 20.71 -6.64
N GLY A 242 7.02 21.13 -7.87
CA GLY A 242 5.63 21.38 -8.27
C GLY A 242 5.60 22.53 -9.26
N SER A 243 4.41 22.98 -9.67
CA SER A 243 4.28 24.14 -10.60
C SER A 243 4.76 25.43 -9.94
N ILE A 244 4.54 25.58 -8.63
CA ILE A 244 4.92 26.84 -7.93
C ILE A 244 6.43 27.02 -8.04
N GLY A 245 7.19 25.93 -7.86
CA GLY A 245 8.66 25.98 -7.94
C GLY A 245 9.17 26.38 -9.31
N ASP A 246 8.54 25.88 -10.38
CA ASP A 246 8.97 26.30 -11.73
C ASP A 246 8.74 27.81 -11.92
N MET A 247 7.59 28.32 -11.45
CA MET A 247 7.30 29.78 -11.56
C MET A 247 8.31 30.59 -10.74
N ILE A 248 8.69 30.11 -9.54
CA ILE A 248 9.73 30.81 -8.73
C ILE A 248 11.03 30.82 -9.54
N TYR A 249 11.35 29.72 -10.20
CA TYR A 249 12.62 29.63 -10.97
C TYR A 249 12.62 30.67 -12.08
N PHE A 250 11.52 30.78 -12.83
CA PHE A 250 11.51 31.72 -13.99
C PHE A 250 11.59 33.17 -13.49
N HIS A 251 10.90 33.46 -12.40
CA HIS A 251 10.88 34.83 -11.81
C HIS A 251 12.28 35.22 -11.37
N SER A 252 13.05 34.31 -10.78
CA SER A 252 14.38 34.66 -10.24
C SER A 252 15.28 35.13 -11.37
N TYR A 253 15.22 34.51 -12.54
CA TYR A 253 16.04 35.02 -13.67
C TYR A 253 15.58 36.44 -14.05
N ASN A 254 14.27 36.67 -14.15
CA ASN A 254 13.73 38.02 -14.49
C ASN A 254 13.96 39.02 -13.36
N ASN A 255 13.70 38.62 -12.11
CA ASN A 255 13.85 39.52 -10.94
C ASN A 255 14.66 38.77 -9.88
N PRO A 256 16.01 38.95 -9.77
CA PRO A 256 16.79 38.12 -8.86
C PRO A 256 16.72 38.42 -7.36
N GLY A 257 17.11 37.47 -6.50
CA GLY A 257 17.22 37.78 -5.06
C GLY A 257 16.07 37.31 -4.21
N LEU A 258 15.02 36.73 -4.79
CA LEU A 258 13.94 36.25 -3.88
C LEU A 258 14.53 35.15 -3.00
N VAL A 259 14.22 35.19 -1.70
CA VAL A 259 14.73 34.17 -0.75
C VAL A 259 13.54 33.55 -0.01
N LEU A 260 13.50 32.22 0.11
CA LEU A 260 12.45 31.55 0.93
C LEU A 260 13.21 30.80 2.02
N ASP A 261 12.94 31.08 3.29
CA ASP A 261 13.75 30.45 4.38
C ASP A 261 13.04 29.25 5.00
N LEU A 262 13.56 28.05 4.79
CA LEU A 262 12.99 26.83 5.41
C LEU A 262 13.20 26.89 6.91
N VAL A 263 14.26 27.57 7.37
CA VAL A 263 14.56 27.56 8.84
C VAL A 263 13.40 28.19 9.61
N GLU A 264 12.84 29.29 9.09
CA GLU A 264 11.69 29.94 9.77
C GLU A 264 10.45 29.04 9.64
N ASP A 265 10.26 28.41 8.48
CA ASP A 265 9.08 27.53 8.25
C ASP A 265 9.12 26.32 9.20
N ILE A 266 10.29 25.71 9.39
CA ILE A 266 10.42 24.51 10.28
C ILE A 266 10.22 25.00 11.72
N ARG A 267 10.58 26.25 12.00
CA ARG A 267 10.35 26.83 13.34
C ARG A 267 8.84 26.96 13.56
N ASP A 268 8.10 27.47 12.57
CA ASP A 268 6.64 27.64 12.71
C ASP A 268 5.93 26.28 12.76
N MET A 269 6.20 25.39 11.81
CA MET A 269 5.50 24.08 11.72
C MET A 269 5.73 23.24 12.98
N ASN A 270 6.98 23.13 13.44
CA ASN A 270 7.27 22.27 14.62
C ASN A 270 6.53 22.80 15.86
N ASN A 271 6.31 24.11 15.93
CA ASN A 271 5.65 24.71 17.11
C ASN A 271 4.13 24.58 17.02
N GLU A 272 3.59 24.30 15.82
CA GLU A 272 2.12 24.21 15.66
C GLU A 272 1.55 23.21 16.68
N PRO A 273 1.99 21.92 16.81
CA PRO A 273 1.39 21.01 17.79
C PRO A 273 1.62 21.32 19.27
N LEU A 274 2.75 21.95 19.62
CA LEU A 274 3.08 22.18 21.04
C LEU A 274 1.96 22.84 21.85
N TRP A 275 1.27 23.82 21.30
CA TRP A 275 0.27 24.61 22.08
C TRP A 275 -0.99 23.87 22.54
N ALA A 276 -1.60 23.03 21.71
CA ALA A 276 -2.93 22.44 21.97
C ALA A 276 -3.04 21.46 23.14
N THR A 277 -4.23 21.37 23.75
CA THR A 277 -4.44 20.34 24.80
C THR A 277 -4.37 18.97 24.11
N LYS A 278 -5.00 18.83 22.93
CA LYS A 278 -4.89 17.58 22.13
C LYS A 278 -4.82 17.93 20.65
N THR A 279 -4.14 17.11 19.87
CA THR A 279 -4.01 17.33 18.41
C THR A 279 -4.38 16.04 17.68
N GLY A 280 -5.03 16.15 16.53
CA GLY A 280 -5.45 14.96 15.80
C GLY A 280 -5.01 15.04 14.37
N CYS A 281 -4.57 13.93 13.78
CA CYS A 281 -4.04 13.98 12.41
C CYS A 281 -4.89 13.11 11.49
N ILE A 282 -5.55 13.71 10.51
CA ILE A 282 -6.28 12.92 9.50
C ILE A 282 -5.41 12.94 8.25
N ILE A 283 -4.48 11.99 8.15
CA ILE A 283 -3.54 11.94 7.00
C ILE A 283 -4.14 11.03 5.94
N LEU A 284 -4.52 11.62 4.82
CA LEU A 284 -5.12 10.85 3.70
C LEU A 284 -4.04 10.84 2.62
N GLY A 285 -3.56 9.67 2.24
CA GLY A 285 -2.41 9.61 1.31
C GLY A 285 -1.13 9.41 2.13
N GLY A 286 0.03 9.49 1.48
CA GLY A 286 1.32 9.26 2.18
C GLY A 286 2.43 10.05 1.53
N GLY A 287 3.56 10.23 2.22
CA GLY A 287 4.68 10.91 1.55
C GLY A 287 5.34 11.91 2.47
N VAL A 288 5.70 13.07 1.93
CA VAL A 288 6.28 14.17 2.77
C VAL A 288 5.21 14.60 3.78
N VAL A 289 3.94 14.68 3.37
CA VAL A 289 2.83 15.16 4.24
C VAL A 289 2.63 14.24 5.42
N LYS A 290 2.71 12.93 5.21
CA LYS A 290 2.59 11.99 6.35
C LYS A 290 3.74 12.28 7.30
N HIS A 291 4.96 12.39 6.77
CA HIS A 291 6.15 12.60 7.64
C HIS A 291 6.13 13.97 8.32
N HIS A 292 5.81 15.06 7.62
CA HIS A 292 5.92 16.38 8.28
C HIS A 292 4.99 16.45 9.49
N ILE A 293 3.74 16.01 9.33
CA ILE A 293 2.75 16.08 10.46
C ILE A 293 3.21 15.15 11.58
N MET A 294 3.65 13.94 11.25
CA MET A 294 4.11 12.97 12.27
C MET A 294 5.41 13.45 12.93
N ASN A 295 6.32 14.04 12.16
CA ASN A 295 7.59 14.55 12.72
C ASN A 295 7.28 15.68 13.70
N ALA A 296 6.36 16.57 13.31
CA ALA A 296 6.00 17.72 14.16
C ALA A 296 5.42 17.21 15.49
N ASN A 297 4.66 16.13 15.44
CA ASN A 297 4.00 15.59 16.66
C ASN A 297 5.01 14.95 17.60
N LEU A 298 6.24 14.72 17.14
CA LEU A 298 7.30 14.18 18.04
C LEU A 298 7.59 15.23 19.12
N TYR A 299 7.61 16.51 18.74
CA TYR A 299 7.94 17.60 19.70
C TYR A 299 6.85 17.63 20.76
N ARG A 300 5.67 17.11 20.42
CA ARG A 300 4.51 17.12 21.34
C ARG A 300 4.49 15.80 22.13
N ASN A 301 5.45 14.91 21.85
CA ASN A 301 5.52 13.56 22.51
C ASN A 301 4.55 12.60 21.81
N GLY A 302 3.83 13.06 20.78
CA GLY A 302 2.98 12.16 20.00
C GLY A 302 1.57 12.66 19.75
N ALA A 303 1.02 12.41 18.55
CA ALA A 303 -0.36 12.83 18.20
C ALA A 303 -1.39 12.02 18.97
N ASP A 304 -2.42 12.68 19.52
CA ASP A 304 -3.47 12.01 20.33
C ASP A 304 -4.38 11.08 19.50
N PHE A 305 -4.80 11.49 18.28
CA PHE A 305 -5.73 10.67 17.46
C PHE A 305 -5.25 10.67 16.01
N VAL A 306 -5.53 9.61 15.23
CA VAL A 306 -4.96 9.61 13.84
C VAL A 306 -5.79 8.68 12.96
N VAL A 307 -6.01 9.07 11.70
CA VAL A 307 -6.70 8.19 10.73
C VAL A 307 -5.84 8.21 9.46
N TYR A 308 -5.40 7.05 8.98
CA TYR A 308 -4.62 7.00 7.72
C TYR A 308 -5.44 6.29 6.66
N VAL A 309 -5.62 6.91 5.49
CA VAL A 309 -6.31 6.19 4.39
C VAL A 309 -5.35 6.25 3.20
N ASN A 310 -4.86 5.09 2.74
CA ASN A 310 -3.87 5.04 1.64
C ASN A 310 -3.88 3.64 1.04
N THR A 311 -3.17 3.45 -0.06
CA THR A 311 -3.10 2.14 -0.73
C THR A 311 -1.63 1.74 -0.82
N ALA A 312 -1.00 1.45 0.32
CA ALA A 312 0.44 1.11 0.36
C ALA A 312 0.70 0.06 1.42
N HIS A 313 1.73 -0.77 1.25
CA HIS A 313 1.99 -1.89 2.19
C HIS A 313 3.38 -1.76 2.81
N ASP A 314 3.59 -2.26 4.04
CA ASP A 314 4.85 -2.04 4.73
C ASP A 314 5.98 -2.96 4.29
N PHE A 315 5.78 -3.89 3.35
CA PHE A 315 6.86 -4.87 3.01
C PHE A 315 8.11 -4.21 2.43
N ASP A 316 7.98 -3.18 1.60
CA ASP A 316 9.12 -2.51 0.90
C ASP A 316 10.01 -1.73 1.88
N GLY A 317 9.55 -1.45 3.10
CA GLY A 317 10.32 -0.66 4.07
C GLY A 317 10.09 0.82 3.90
N SER A 318 9.15 1.21 3.03
CA SER A 318 8.88 2.64 2.71
C SER A 318 8.18 3.34 3.87
N ASP A 319 8.23 4.67 3.90
CA ASP A 319 7.51 5.44 4.96
C ASP A 319 6.02 5.51 4.59
N SER A 320 5.71 5.68 3.30
CA SER A 320 4.30 5.84 2.88
C SER A 320 3.48 4.62 3.28
N GLY A 321 4.02 3.43 3.11
CA GLY A 321 3.27 2.21 3.43
C GLY A 321 3.45 1.82 4.87
N ALA A 322 4.30 2.54 5.58
CA ALA A 322 4.58 2.12 6.97
C ALA A 322 3.26 2.08 7.71
N ARG A 323 3.06 1.05 8.50
CA ARG A 323 1.78 0.89 9.24
C ARG A 323 1.78 1.91 10.37
N PRO A 324 0.63 2.23 11.04
CA PRO A 324 0.66 3.13 12.20
C PRO A 324 1.66 2.64 13.26
N ASP A 325 1.93 1.33 13.29
CA ASP A 325 2.83 0.76 14.33
C ASP A 325 4.24 1.33 14.17
N GLU A 326 4.72 1.48 12.93
CA GLU A 326 6.08 2.03 12.68
C GLU A 326 6.15 3.48 13.21
N ALA A 327 5.07 4.25 13.04
CA ALA A 327 5.05 5.66 13.52
C ALA A 327 5.13 5.68 15.03
N VAL A 328 4.51 4.71 15.70
CA VAL A 328 4.62 4.60 17.19
C VAL A 328 6.07 4.23 17.56
N SER A 329 6.80 3.62 16.62
CA SER A 329 8.18 3.15 16.94
C SER A 329 9.06 4.35 17.18
N TRP A 330 8.94 5.38 16.34
CA TRP A 330 9.83 6.56 16.47
C TRP A 330 9.20 7.68 17.31
N GLY A 331 8.02 7.46 17.90
CA GLY A 331 7.42 8.45 18.82
C GLY A 331 6.51 9.48 18.18
N ALA A 332 6.18 9.32 16.90
CA ALA A 332 5.26 10.25 16.21
C ALA A 332 3.82 10.07 16.71
N ILE A 333 3.45 8.84 17.11
CA ILE A 333 2.06 8.55 17.58
C ILE A 333 2.10 8.33 19.10
N SER A 334 1.19 8.97 19.84
CA SER A 334 1.11 8.76 21.31
C SER A 334 0.80 7.29 21.61
N LEU A 335 1.48 6.71 22.59
CA LEU A 335 1.21 5.31 23.01
C LEU A 335 -0.24 5.20 23.46
N GLU A 336 -0.82 6.30 23.95
CA GLU A 336 -2.25 6.35 24.37
C GLU A 336 -3.20 6.21 23.18
N ALA A 337 -2.79 6.66 22.00
CA ALA A 337 -3.70 6.70 20.82
C ALA A 337 -4.11 5.31 20.35
N LYS A 338 -5.24 5.23 19.65
CA LYS A 338 -5.65 3.95 19.02
C LYS A 338 -5.73 4.26 17.53
N PRO A 339 -4.59 4.29 16.81
CA PRO A 339 -4.57 4.72 15.42
C PRO A 339 -5.40 3.81 14.51
N VAL A 340 -6.07 4.39 13.51
CA VAL A 340 -6.83 3.55 12.55
C VAL A 340 -6.31 3.78 11.14
N LYS A 341 -6.02 2.70 10.40
CA LYS A 341 -5.63 2.83 8.98
C LYS A 341 -6.67 2.12 8.14
N VAL A 342 -7.23 2.79 7.14
CA VAL A 342 -8.17 2.12 6.21
C VAL A 342 -7.38 1.84 4.94
N TYR A 343 -7.21 0.58 4.57
CA TYR A 343 -6.39 0.23 3.39
C TYR A 343 -7.26 0.40 2.16
N ALA A 344 -7.54 1.65 1.76
CA ALA A 344 -8.48 1.84 0.62
C ALA A 344 -8.20 3.15 -0.10
N GLU A 345 -8.65 3.27 -1.34
CA GLU A 345 -8.51 4.56 -2.07
C GLU A 345 -9.35 5.60 -1.32
N VAL A 346 -8.83 6.82 -1.14
CA VAL A 346 -9.57 7.83 -0.33
C VAL A 346 -10.87 8.19 -1.04
N THR A 347 -10.90 8.18 -2.38
CA THR A 347 -12.13 8.62 -3.08
C THR A 347 -13.36 7.86 -2.59
N LEU A 348 -13.21 6.60 -2.16
CA LEU A 348 -14.32 5.78 -1.62
C LEU A 348 -14.56 5.99 -0.13
N VAL A 349 -13.51 6.10 0.68
CA VAL A 349 -13.66 6.17 2.18
C VAL A 349 -14.09 7.54 2.72
N LEU A 350 -13.52 8.64 2.25
CA LEU A 350 -13.81 9.98 2.83
C LEU A 350 -15.27 10.44 2.67
N PRO A 351 -16.01 10.25 1.54
CA PRO A 351 -17.36 10.81 1.43
C PRO A 351 -18.20 10.28 2.59
N LEU A 352 -18.09 9.00 2.92
CA LEU A 352 -18.80 8.45 4.10
C LEU A 352 -18.23 9.07 5.38
N LEU A 353 -16.92 9.30 5.43
CA LEU A 353 -16.26 9.82 6.66
C LEU A 353 -16.81 11.23 7.01
N VAL A 354 -17.00 12.09 6.02
CA VAL A 354 -17.64 13.41 6.31
C VAL A 354 -19.08 13.16 6.74
N ALA A 355 -19.79 12.26 6.05
CA ALA A 355 -21.22 12.04 6.32
C ALA A 355 -21.44 11.54 7.75
N GLY A 356 -20.58 10.67 8.24
CA GLY A 356 -20.80 10.07 9.57
C GLY A 356 -20.10 10.79 10.69
N SER A 357 -19.44 11.93 10.43
CA SER A 357 -18.84 12.68 11.56
C SER A 357 -19.08 14.20 11.50
N PHE A 358 -18.43 14.91 10.57
CA PHE A 358 -18.51 16.40 10.52
C PHE A 358 -19.90 16.94 10.23
N SER A 359 -20.64 16.32 9.31
CA SER A 359 -21.96 16.86 8.93
C SER A 359 -22.88 16.83 10.16
N LYS A 360 -22.81 15.73 10.92
CA LYS A 360 -23.72 15.61 12.08
C LYS A 360 -23.40 16.69 13.11
N PHE A 361 -22.14 16.91 13.44
CA PHE A 361 -21.76 17.88 14.51
C PHE A 361 -22.12 19.33 14.10
N LEU A 362 -21.83 19.73 12.87
CA LEU A 362 -22.08 21.15 12.51
C LEU A 362 -23.59 21.44 12.55
N ALA A 363 -24.39 20.57 11.95
CA ALA A 363 -25.86 20.76 11.93
C ALA A 363 -26.40 20.65 13.35
N GLU A 364 -25.85 19.74 14.15
CA GLU A 364 -26.31 19.54 15.56
C GLU A 364 -26.44 20.92 16.24
N THR B 25 8.93 -12.38 -32.18
CA THR B 25 8.06 -13.37 -31.52
C THR B 25 8.91 -14.48 -30.91
N PRO B 26 9.83 -14.20 -29.96
CA PRO B 26 10.74 -15.22 -29.41
C PRO B 26 10.07 -16.21 -28.45
N LEU B 27 10.73 -17.34 -28.19
CA LEU B 27 10.20 -18.37 -27.26
C LEU B 27 10.49 -18.03 -25.80
N VAL B 28 9.77 -18.66 -24.88
CA VAL B 28 10.06 -18.46 -23.44
C VAL B 28 10.95 -19.64 -23.04
N LYS B 29 12.25 -19.43 -22.98
CA LYS B 29 13.18 -20.55 -22.68
C LYS B 29 13.99 -20.21 -21.43
N GLY B 30 13.87 -21.02 -20.38
CA GLY B 30 14.67 -20.78 -19.17
C GLY B 30 16.01 -21.50 -19.24
N TYR B 31 16.96 -21.08 -18.42
CA TYR B 31 18.27 -21.80 -18.35
C TYR B 31 18.04 -23.19 -17.73
N VAL B 32 18.71 -24.20 -18.27
CA VAL B 32 18.60 -25.57 -17.70
C VAL B 32 19.89 -25.85 -16.92
N PRO B 33 19.82 -26.23 -15.64
CA PRO B 33 21.02 -26.42 -14.82
C PRO B 33 21.88 -27.62 -15.26
N ASP B 34 23.15 -27.64 -14.85
CA ASP B 34 24.05 -28.77 -15.21
C ASP B 34 23.76 -29.99 -14.31
N ASP B 35 23.78 -31.20 -14.89
CA ASP B 35 23.47 -32.45 -14.15
C ASP B 35 24.51 -32.74 -13.08
N ASN B 36 25.78 -32.42 -13.32
CA ASN B 36 26.87 -32.74 -12.35
C ASN B 36 26.67 -31.99 -11.03
N GLY B 37 26.16 -30.75 -11.06
CA GLY B 37 26.07 -29.98 -9.81
C GLY B 37 26.74 -28.62 -9.92
N LYS B 38 27.22 -28.26 -11.11
CA LYS B 38 27.79 -26.89 -11.30
C LYS B 38 26.71 -25.99 -11.88
N PHE B 39 26.50 -24.81 -11.28
CA PHE B 39 25.46 -23.87 -11.74
C PHE B 39 26.09 -22.53 -12.11
N ASP B 40 26.05 -22.14 -13.38
CA ASP B 40 26.74 -20.89 -13.74
C ASP B 40 25.79 -19.74 -13.43
N PHE B 41 26.11 -18.92 -12.43
CA PHE B 41 25.25 -17.77 -12.05
C PHE B 41 25.19 -16.80 -13.23
N ASP B 42 26.25 -16.71 -14.01
CA ASP B 42 26.24 -15.87 -15.22
C ASP B 42 25.19 -16.40 -16.17
N LYS B 43 25.13 -17.72 -16.37
CA LYS B 43 24.21 -18.31 -17.38
C LYS B 43 22.75 -18.09 -16.97
N MET B 44 22.47 -18.06 -15.67
CA MET B 44 21.09 -17.77 -15.19
C MET B 44 20.70 -16.35 -15.64
N LEU B 45 21.64 -15.41 -15.55
CA LEU B 45 21.32 -13.99 -15.90
C LEU B 45 21.14 -13.83 -17.41
N GLU B 46 21.89 -14.59 -18.21
CA GLU B 46 21.80 -14.49 -19.69
C GLU B 46 20.37 -14.78 -20.15
N GLN B 47 19.62 -15.60 -19.42
CA GLN B 47 18.27 -16.00 -19.89
C GLN B 47 17.14 -15.24 -19.18
N MET B 48 17.46 -14.25 -18.34
CA MET B 48 16.40 -13.54 -17.55
C MET B 48 15.38 -12.92 -18.51
N LYS B 49 15.84 -12.22 -19.55
CA LYS B 49 14.94 -11.54 -20.53
C LYS B 49 14.02 -12.60 -21.13
N TYR B 50 14.45 -13.87 -21.16
CA TYR B 50 13.67 -14.94 -21.82
C TYR B 50 12.91 -15.82 -20.80
N CYS B 51 12.80 -15.43 -19.54
CA CYS B 51 12.13 -16.32 -18.55
C CYS B 51 10.71 -15.85 -18.24
N GLY B 52 10.32 -14.65 -18.71
CA GLY B 52 8.92 -14.21 -18.57
C GLY B 52 8.61 -13.36 -17.34
N PHE B 53 7.49 -12.63 -17.35
CA PHE B 53 7.04 -11.82 -16.18
C PHE B 53 8.06 -10.76 -15.76
N GLN B 54 8.38 -10.70 -14.46
CA GLN B 54 9.29 -9.63 -13.95
C GLN B 54 10.75 -9.96 -14.24
N ALA B 55 11.08 -11.23 -14.49
CA ALA B 55 12.45 -11.58 -14.89
C ALA B 55 12.64 -10.89 -16.23
N THR B 56 11.58 -10.85 -17.04
CA THR B 56 11.77 -10.25 -18.38
C THR B 56 12.19 -8.80 -18.19
N ASN B 57 11.56 -8.10 -17.25
CA ASN B 57 11.88 -6.68 -16.98
C ASN B 57 13.30 -6.54 -16.43
N LEU B 58 13.73 -7.40 -15.49
CA LEU B 58 15.06 -7.31 -14.86
C LEU B 58 16.12 -7.50 -15.94
N GLY B 59 15.92 -8.45 -16.84
CA GLY B 59 16.86 -8.62 -17.97
C GLY B 59 16.83 -7.43 -18.91
N LEU B 60 15.64 -6.92 -19.22
CA LEU B 60 15.51 -5.73 -20.10
C LEU B 60 16.10 -4.50 -19.42
N ALA B 61 15.97 -4.39 -18.09
CA ALA B 61 16.57 -3.25 -17.35
C ALA B 61 18.08 -3.29 -17.49
N ILE B 62 18.69 -4.45 -17.31
CA ILE B 62 20.16 -4.59 -17.39
C ILE B 62 20.58 -4.03 -18.74
N ASP B 63 19.76 -4.22 -19.76
CA ASP B 63 20.13 -3.74 -21.12
C ASP B 63 20.21 -2.21 -21.13
N GLN B 64 19.24 -1.53 -20.52
CA GLN B 64 19.19 -0.04 -20.54
C GLN B 64 20.39 0.53 -19.79
N ILE B 65 20.74 -0.04 -18.64
CA ILE B 65 21.92 0.42 -17.86
C ILE B 65 23.18 0.18 -18.70
N ASN B 66 23.25 -0.94 -19.38
CA ASN B 66 24.39 -1.21 -20.30
C ASN B 66 24.41 -0.16 -21.41
N GLU B 67 23.25 0.21 -21.93
CA GLU B 67 23.23 1.17 -23.06
C GLU B 67 23.81 2.50 -22.57
N MET B 68 23.52 2.90 -21.34
CA MET B 68 24.00 4.20 -20.80
C MET B 68 25.52 4.22 -20.77
N LEU B 69 26.12 3.17 -20.19
CA LEU B 69 27.60 3.09 -20.06
C LEU B 69 28.28 3.07 -21.43
N HIS B 70 27.76 2.30 -22.39
CA HIS B 70 28.41 2.16 -23.72
C HIS B 70 27.74 3.09 -24.72
N TYR B 71 27.38 4.30 -24.31
CA TYR B 71 26.86 5.30 -25.29
C TYR B 71 27.92 6.40 -25.40
N ASP B 72 29.03 6.12 -26.08
CA ASP B 72 30.05 7.17 -26.30
C ASP B 72 30.01 7.61 -27.76
N TYR B 73 29.74 8.89 -28.01
CA TYR B 73 29.64 9.40 -29.40
C TYR B 73 30.40 10.73 -29.50
N GLU B 74 30.97 11.02 -30.67
CA GLU B 74 31.75 12.28 -30.84
C GLU B 74 30.85 13.48 -30.52
N LYS B 82 31.14 18.03 -22.90
CA LYS B 82 30.40 16.75 -22.84
C LYS B 82 31.29 15.69 -22.17
N LEU B 83 32.06 16.09 -21.15
CA LEU B 83 32.98 15.16 -20.46
C LEU B 83 32.37 14.79 -19.10
N PHE B 84 32.20 13.50 -18.82
CA PHE B 84 31.52 13.08 -17.57
C PHE B 84 32.27 11.91 -16.92
N GLY B 85 31.95 11.62 -15.67
CA GLY B 85 32.59 10.46 -15.00
C GLY B 85 34.10 10.60 -14.95
N LEU B 86 34.62 11.79 -15.18
CA LEU B 86 36.08 12.04 -15.09
C LEU B 86 36.54 11.78 -13.65
N GLY B 87 35.72 12.19 -12.68
CA GLY B 87 36.07 12.00 -11.26
C GLY B 87 36.96 13.11 -10.73
N GLY B 88 37.44 12.98 -9.49
CA GLY B 88 38.30 14.00 -8.88
C GLY B 88 39.77 13.72 -9.14
N GLY B 89 40.08 12.63 -9.85
CA GLY B 89 41.48 12.25 -10.10
C GLY B 89 42.17 11.70 -8.86
N VAL B 90 41.38 11.21 -7.90
CA VAL B 90 41.96 10.64 -6.66
C VAL B 90 42.82 9.42 -7.03
N GLU B 91 44.01 9.31 -6.44
CA GLU B 91 44.93 8.19 -6.76
C GLU B 91 44.39 6.87 -6.17
N GLY B 92 44.67 5.74 -6.84
CA GLY B 92 44.23 4.43 -6.33
C GLY B 92 42.79 4.12 -6.68
N VAL B 93 42.14 5.00 -7.45
CA VAL B 93 40.72 4.81 -7.84
C VAL B 93 40.63 4.70 -9.37
N LYS B 94 40.00 3.64 -9.87
CA LYS B 94 39.81 3.49 -11.34
C LYS B 94 38.76 4.52 -11.79
N TYR B 95 38.92 5.07 -12.99
CA TYR B 95 37.96 6.08 -13.52
C TYR B 95 37.48 5.62 -14.90
N LYS B 96 36.39 6.21 -15.42
CA LYS B 96 35.82 5.69 -16.70
C LYS B 96 35.53 6.82 -17.70
N PRO B 97 35.11 6.53 -18.96
CA PRO B 97 34.89 7.55 -20.01
C PRO B 97 33.68 8.49 -19.94
N ARG B 98 33.60 9.44 -20.88
CA ARG B 98 32.54 10.50 -20.83
C ARG B 98 31.30 10.12 -21.65
N ALA B 99 30.49 11.12 -22.03
CA ALA B 99 29.29 10.92 -22.88
C ALA B 99 28.18 10.20 -22.12
N CYS B 100 27.94 10.53 -20.84
CA CYS B 100 26.77 9.95 -20.12
C CYS B 100 26.55 10.59 -18.75
N LYS B 101 25.47 11.37 -18.59
CA LYS B 101 25.15 11.92 -17.25
C LYS B 101 24.15 10.99 -16.58
N ILE B 102 24.47 10.51 -15.38
CA ILE B 102 23.59 9.51 -14.73
C ILE B 102 23.05 10.11 -13.45
N PHE B 103 21.73 10.16 -13.32
CA PHE B 103 21.06 10.70 -12.12
C PHE B 103 20.48 9.53 -11.34
N LEU B 104 20.87 9.38 -10.08
CA LEU B 104 20.40 8.24 -9.26
C LEU B 104 19.34 8.72 -8.27
N GLY B 105 18.08 8.35 -8.48
CA GLY B 105 17.01 8.73 -7.54
C GLY B 105 16.87 7.70 -6.44
N ILE B 106 17.65 7.85 -5.37
CA ILE B 106 17.59 6.89 -4.24
C ILE B 106 16.59 7.42 -3.22
N THR B 107 15.97 6.53 -2.44
CA THR B 107 15.05 6.99 -1.36
C THR B 107 15.75 6.75 -0.02
N SER B 108 15.17 7.22 1.08
CA SER B 108 15.85 7.10 2.40
C SER B 108 15.97 5.63 2.81
N ASN B 109 15.04 4.79 2.39
CA ASN B 109 15.03 3.36 2.80
C ASN B 109 16.29 2.63 2.29
N LEU B 110 16.69 2.90 1.04
CA LEU B 110 17.83 2.16 0.43
C LEU B 110 19.12 2.41 1.20
N ILE B 111 19.36 3.66 1.61
CA ILE B 111 20.64 4.00 2.31
C ILE B 111 20.70 3.29 3.66
N SER B 112 19.57 3.14 4.35
CA SER B 112 19.57 2.39 5.63
C SER B 112 19.86 0.90 5.35
N SER B 113 19.44 0.40 4.19
CA SER B 113 19.67 -1.02 3.81
C SER B 113 21.13 -1.24 3.40
N GLY B 114 21.49 -2.47 3.07
CA GLY B 114 22.87 -2.79 2.68
C GLY B 114 23.06 -2.52 1.20
N MET B 115 22.17 -1.74 0.58
CA MET B 115 22.37 -1.35 -0.85
C MET B 115 23.35 -0.18 -0.84
N ARG B 116 23.71 0.31 0.35
CA ARG B 116 24.66 1.45 0.48
C ARG B 116 25.99 1.03 -0.13
N ASP B 117 26.40 -0.22 0.10
CA ASP B 117 27.68 -0.74 -0.44
C ASP B 117 27.68 -0.65 -1.97
N TYR B 118 26.54 -0.96 -2.61
CA TYR B 118 26.45 -0.89 -4.09
C TYR B 118 26.51 0.55 -4.55
N ILE B 119 25.84 1.47 -3.85
CA ILE B 119 25.83 2.92 -4.22
C ILE B 119 27.24 3.51 -4.05
N ARG B 120 27.94 3.13 -2.98
CA ARG B 120 29.29 3.69 -2.70
C ARG B 120 30.21 3.30 -3.84
N PHE B 121 30.13 2.05 -4.31
CA PHE B 121 30.95 1.58 -5.44
C PHE B 121 30.59 2.36 -6.70
N LEU B 122 29.30 2.60 -6.93
CA LEU B 122 28.83 3.28 -8.16
C LEU B 122 29.36 4.72 -8.23
N VAL B 123 29.40 5.44 -7.10
CA VAL B 123 29.80 6.88 -7.13
C VAL B 123 31.33 6.99 -7.06
N LYS B 124 32.01 6.04 -6.41
CA LYS B 124 33.48 6.07 -6.30
C LYS B 124 34.07 6.12 -7.70
N HIS B 125 33.48 5.41 -8.63
CA HIS B 125 34.06 5.35 -10.01
C HIS B 125 33.39 6.41 -10.89
N ALA B 126 32.59 7.30 -10.31
CA ALA B 126 32.01 8.46 -11.03
C ALA B 126 31.10 8.13 -12.21
N LEU B 127 30.61 6.90 -12.32
CA LEU B 127 29.63 6.62 -13.41
C LEU B 127 28.40 7.48 -13.11
N VAL B 128 28.04 7.62 -11.82
CA VAL B 128 26.85 8.43 -11.39
C VAL B 128 27.26 9.90 -11.25
N ASP B 129 26.84 10.75 -12.19
CA ASP B 129 27.27 12.17 -12.16
C ASP B 129 26.54 13.01 -11.10
N VAL B 130 25.30 12.63 -10.70
CA VAL B 130 24.48 13.41 -9.69
C VAL B 130 23.81 12.52 -8.62
N VAL B 131 23.68 12.98 -7.35
CA VAL B 131 22.96 12.25 -6.24
C VAL B 131 21.67 13.02 -5.96
N VAL B 132 20.51 12.34 -5.92
CA VAL B 132 19.23 13.01 -5.52
C VAL B 132 18.60 12.10 -4.47
N CYS B 133 18.36 12.60 -3.26
CA CYS B 133 17.91 11.68 -2.19
C CYS B 133 17.11 12.50 -1.18
N THR B 134 16.28 11.86 -0.38
CA THR B 134 15.49 12.54 0.68
C THR B 134 16.35 12.78 1.94
N ALA B 135 15.87 13.59 2.89
CA ALA B 135 16.67 13.98 4.08
C ALA B 135 17.10 12.81 4.96
N GLY B 136 16.33 11.75 5.03
CA GLY B 136 16.65 10.60 5.90
C GLY B 136 17.83 9.80 5.40
N GLY B 137 17.95 9.62 4.08
CA GLY B 137 19.14 8.96 3.51
C GLY B 137 20.38 9.80 3.77
N ILE B 138 20.26 11.12 3.63
CA ILE B 138 21.43 12.02 3.87
C ILE B 138 21.87 11.86 5.32
N GLU B 139 20.93 11.85 6.26
CA GLU B 139 21.27 11.68 7.69
C GLU B 139 21.84 10.30 7.95
N GLU B 140 21.31 9.26 7.32
CA GLU B 140 21.74 7.87 7.65
C GLU B 140 23.18 7.62 7.22
N ASP B 141 23.57 8.10 6.05
CA ASP B 141 24.93 7.75 5.58
C ASP B 141 25.91 8.21 6.66
N PHE B 142 25.74 9.43 7.14
CA PHE B 142 26.68 9.99 8.14
C PHE B 142 26.56 9.21 9.45
N ILE B 143 25.35 8.90 9.90
CA ILE B 143 25.23 8.21 11.23
C ILE B 143 25.87 6.81 11.13
N LYS B 144 25.75 6.14 9.99
CA LYS B 144 26.35 4.79 9.80
C LYS B 144 27.86 4.94 9.99
N CYS B 145 28.45 6.01 9.47
CA CYS B 145 29.90 6.24 9.67
C CYS B 145 30.17 6.27 11.18
N LEU B 146 29.42 7.08 11.92
CA LEU B 146 29.58 7.16 13.40
C LEU B 146 29.19 5.83 14.05
N ALA B 147 28.11 5.18 13.59
CA ALA B 147 27.62 3.94 14.25
C ALA B 147 26.75 3.07 13.32
N PRO B 148 26.84 1.72 13.31
CA PRO B 148 26.09 0.87 12.35
C PRO B 148 24.60 0.55 12.59
N THR B 149 23.89 0.03 11.56
CA THR B 149 22.43 -0.28 11.64
C THR B 149 22.19 -1.70 12.19
N HIS B 150 21.00 -1.99 12.75
CA HIS B 150 20.76 -3.36 13.17
C HIS B 150 19.56 -3.92 12.40
N MET B 151 19.51 -5.25 12.29
CA MET B 151 18.37 -5.94 11.71
C MET B 151 17.19 -5.99 12.66
N GLY B 152 16.11 -6.57 12.13
CA GLY B 152 14.88 -6.82 12.87
C GLY B 152 13.90 -7.52 11.97
N GLU B 153 12.61 -7.32 12.20
CA GLU B 153 11.56 -7.95 11.40
C GLU B 153 10.37 -7.02 11.41
N PHE B 154 9.38 -7.32 10.56
CA PHE B 154 8.25 -6.43 10.36
C PHE B 154 7.21 -6.57 11.47
N PHE B 155 7.36 -7.60 12.30
CA PHE B 155 6.32 -7.86 13.29
C PHE B 155 6.89 -7.73 14.71
N HIS B 156 6.90 -6.48 15.20
CA HIS B 156 7.19 -6.17 16.59
C HIS B 156 6.34 -4.99 17.02
N ASP B 157 5.76 -5.13 18.21
CA ASP B 157 4.95 -4.01 18.76
C ASP B 157 5.77 -2.74 18.62
N GLY B 158 5.27 -1.75 17.86
CA GLY B 158 5.96 -0.45 17.73
C GLY B 158 6.08 0.20 19.09
N HIS B 159 5.08 0.00 19.95
CA HIS B 159 5.17 0.52 21.33
C HIS B 159 6.40 -0.10 22.01
N ASP B 160 6.60 -1.41 21.85
CA ASP B 160 7.73 -2.08 22.56
C ASP B 160 9.05 -1.50 22.08
N LEU B 161 9.24 -1.39 20.77
CA LEU B 161 10.52 -0.87 20.22
C LEU B 161 10.81 0.49 20.86
N ARG B 162 9.87 1.41 20.81
CA ARG B 162 10.08 2.79 21.35
C ARG B 162 10.39 2.72 22.85
N LYS B 163 9.69 1.88 23.61
CA LYS B 163 10.04 1.76 25.04
C LYS B 163 11.56 1.52 25.15
N ARG B 164 12.10 0.64 24.31
CA ARG B 164 13.54 0.25 24.38
C ARG B 164 14.40 1.24 23.59
N GLY B 165 13.88 2.43 23.30
CA GLY B 165 14.70 3.45 22.64
C GLY B 165 15.30 2.98 21.34
N LEU B 166 14.47 2.38 20.45
CA LEU B 166 14.94 1.88 19.13
C LEU B 166 13.98 2.30 18.01
N ASN B 167 14.42 3.11 17.05
CA ASN B 167 13.59 3.52 15.88
C ASN B 167 13.48 2.33 14.91
N ARG B 168 12.39 2.24 14.13
CA ARG B 168 12.20 1.13 13.16
C ARG B 168 12.06 1.66 11.74
N ILE B 169 12.69 0.99 10.76
CA ILE B 169 12.55 1.35 9.31
C ILE B 169 12.40 0.01 8.58
N GLY B 170 11.17 -0.47 8.37
CA GLY B 170 10.91 -1.80 7.83
C GLY B 170 11.33 -2.87 8.81
N ASN B 171 12.27 -3.72 8.39
CA ASN B 171 12.81 -4.73 9.30
C ASN B 171 14.19 -4.34 9.81
N LEU B 172 14.54 -3.06 9.62
CA LEU B 172 15.89 -2.55 9.99
C LEU B 172 15.74 -1.57 11.14
N ILE B 173 16.50 -1.77 12.20
CA ILE B 173 16.41 -0.88 13.39
C ILE B 173 17.61 0.06 13.41
N VAL B 174 17.41 1.38 13.31
CA VAL B 174 18.51 2.37 13.47
C VAL B 174 18.48 2.80 14.94
N PRO B 175 19.48 2.48 15.77
CA PRO B 175 19.40 2.73 17.22
C PRO B 175 19.34 4.22 17.64
N ASN B 176 18.91 4.48 18.88
CA ASN B 176 18.78 5.87 19.38
C ASN B 176 20.13 6.61 19.35
N LYS B 177 21.19 6.00 19.89
CA LYS B 177 22.51 6.68 19.97
C LYS B 177 22.95 7.24 18.62
N ASN B 178 22.50 6.65 17.52
CA ASN B 178 23.01 7.05 16.18
C ASN B 178 22.57 8.47 15.80
N TYR B 179 21.59 9.03 16.51
CA TYR B 179 21.07 10.37 16.15
C TYR B 179 21.79 11.44 16.98
N CYS B 180 22.22 11.06 18.19
CA CYS B 180 22.98 12.01 19.05
C CYS B 180 24.38 12.23 18.47
N LEU B 181 24.98 11.20 17.88
CA LEU B 181 26.34 11.31 17.28
C LEU B 181 26.29 12.25 16.09
N PHE B 182 25.21 12.18 15.30
CA PHE B 182 25.06 13.07 14.12
C PHE B 182 24.94 14.52 14.59
N GLU B 183 24.15 14.74 15.64
CA GLU B 183 23.92 16.12 16.15
C GLU B 183 25.28 16.71 16.55
N ASP B 184 26.07 15.95 17.31
CA ASP B 184 27.36 16.49 17.83
C ASP B 184 28.28 16.80 16.66
N TRP B 185 28.27 15.95 15.63
CA TRP B 185 29.12 16.19 14.44
C TRP B 185 28.66 17.42 13.64
N ILE B 186 27.36 17.58 13.40
CA ILE B 186 26.88 18.69 12.51
C ILE B 186 26.81 20.02 13.26
N MET B 187 26.64 20.02 14.58
CA MET B 187 26.42 21.33 15.26
C MET B 187 27.60 22.29 15.03
N PRO B 188 28.89 21.92 15.20
CA PRO B 188 29.97 22.88 15.01
C PRO B 188 29.98 23.37 13.56
N ILE B 189 29.69 22.48 12.62
CA ILE B 189 29.75 22.83 11.17
C ILE B 189 28.70 23.89 10.87
N LEU B 190 27.51 23.78 11.47
CA LEU B 190 26.43 24.77 11.25
C LEU B 190 26.85 26.15 11.78
N ASP B 191 27.48 26.19 12.96
CA ASP B 191 27.95 27.47 13.56
C ASP B 191 28.97 28.10 12.61
N LYS B 192 29.89 27.30 12.07
CA LYS B 192 30.90 27.81 11.10
C LYS B 192 30.20 28.32 9.83
N CYS B 193 29.17 27.62 9.37
CA CYS B 193 28.44 28.04 8.15
C CYS B 193 27.82 29.42 8.38
N LEU B 194 27.22 29.62 9.56
CA LEU B 194 26.60 30.94 9.88
C LEU B 194 27.68 32.00 9.89
N GLU B 195 28.85 31.68 10.46
CA GLU B 195 29.93 32.70 10.58
C GLU B 195 30.32 33.18 9.19
N GLU B 196 30.43 32.28 8.23
CA GLU B 196 30.80 32.66 6.84
C GLU B 196 29.71 33.53 6.22
N GLN B 197 28.44 33.22 6.44
CA GLN B 197 27.35 34.09 5.94
C GLN B 197 27.43 35.46 6.63
N ASN B 198 27.65 35.46 7.95
CA ASN B 198 27.75 36.72 8.75
C ASN B 198 29.00 37.51 8.37
N THR B 199 30.14 36.84 8.15
CA THR B 199 31.41 37.56 7.88
C THR B 199 31.77 37.62 6.39
N GLN B 200 31.73 36.49 5.68
CA GLN B 200 32.18 36.46 4.26
C GLN B 200 31.00 36.47 3.28
N GLY B 201 29.78 36.61 3.80
CA GLY B 201 28.56 36.68 2.95
C GLY B 201 28.31 35.46 2.05
N THR B 202 28.50 34.24 2.56
CA THR B 202 28.19 33.04 1.74
C THR B 202 26.70 32.70 1.87
N LYS B 203 25.97 32.70 0.76
CA LYS B 203 24.50 32.44 0.79
C LYS B 203 24.27 30.92 0.76
N TRP B 204 24.02 30.31 1.91
CA TRP B 204 23.85 28.83 1.97
C TRP B 204 22.56 28.35 1.31
N THR B 205 22.60 27.20 0.66
CA THR B 205 21.40 26.57 0.04
C THR B 205 21.51 25.09 0.40
N PRO B 206 20.47 24.24 0.27
CA PRO B 206 20.57 22.85 0.72
C PRO B 206 21.66 21.95 0.12
N SER B 207 21.90 21.99 -1.20
CA SER B 207 22.99 21.20 -1.81
C SER B 207 24.35 21.60 -1.25
N LYS B 208 24.61 22.90 -1.10
CA LYS B 208 25.94 23.40 -0.65
C LYS B 208 26.26 22.88 0.76
N LEU B 209 25.26 22.81 1.64
CA LEU B 209 25.49 22.33 3.02
C LEU B 209 25.93 20.88 2.99
N ILE B 210 25.30 20.06 2.14
CA ILE B 210 25.65 18.61 2.06
C ILE B 210 27.10 18.45 1.56
N HIS B 211 27.51 19.22 0.55
CA HIS B 211 28.88 19.11 -0.01
C HIS B 211 29.89 19.40 1.08
N ARG B 212 29.63 20.40 1.91
CA ARG B 212 30.55 20.72 3.04
C ARG B 212 30.58 19.56 4.03
N LEU B 213 29.43 18.97 4.33
CA LEU B 213 29.37 17.80 5.26
C LEU B 213 30.10 16.60 4.65
N GLY B 214 30.05 16.46 3.33
CA GLY B 214 30.80 15.37 2.66
C GLY B 214 32.29 15.54 2.86
N LEU B 215 32.81 16.75 2.67
CA LEU B 215 34.25 17.02 2.91
C LEU B 215 34.57 16.83 4.40
N GLU B 216 33.69 17.27 5.30
CA GLU B 216 33.98 17.19 6.75
C GLU B 216 34.13 15.75 7.23
N ILE B 217 33.28 14.84 6.74
CA ILE B 217 33.32 13.44 7.28
C ILE B 217 34.70 12.85 6.97
N ASN B 218 35.28 13.15 5.80
CA ASN B 218 36.62 12.66 5.41
C ASN B 218 36.69 11.17 5.74
N ASN B 219 35.72 10.39 5.26
CA ASN B 219 35.64 8.92 5.54
C ASN B 219 35.34 8.21 4.23
N GLU B 220 36.17 7.25 3.82
CA GLU B 220 36.01 6.55 2.52
C GLU B 220 34.71 5.75 2.48
N ASP B 221 34.25 5.27 3.64
CA ASP B 221 33.01 4.47 3.72
C ASP B 221 31.80 5.26 3.22
N SER B 222 31.73 6.57 3.44
CA SER B 222 30.52 7.37 3.08
C SER B 222 30.34 7.54 1.58
N VAL B 223 29.10 7.37 1.09
CA VAL B 223 28.78 7.61 -0.35
C VAL B 223 28.96 9.09 -0.60
N TRP B 224 28.55 9.91 0.37
CA TRP B 224 28.59 11.38 0.22
C TRP B 224 30.04 11.89 0.13
N TYR B 225 30.96 11.28 0.87
CA TYR B 225 32.38 11.70 0.83
C TYR B 225 32.90 11.57 -0.59
N TRP B 226 32.61 10.45 -1.24
CA TRP B 226 33.11 10.21 -2.62
C TRP B 226 32.50 11.22 -3.58
N ALA B 227 31.24 11.56 -3.36
CA ALA B 227 30.58 12.58 -4.21
C ALA B 227 31.25 13.94 -3.98
N ALA B 228 31.60 14.25 -2.73
CA ALA B 228 32.28 15.54 -2.43
C ALA B 228 33.65 15.56 -3.11
N LYS B 229 34.39 14.45 -3.04
CA LYS B 229 35.72 14.35 -3.71
C LYS B 229 35.54 14.38 -5.24
N ASN B 230 34.50 13.77 -5.78
CA ASN B 230 34.36 13.65 -7.25
C ASN B 230 33.50 14.78 -7.82
N ASN B 231 33.19 15.78 -6.99
CA ASN B 231 32.34 16.90 -7.45
C ASN B 231 31.01 16.33 -7.97
N ILE B 232 30.32 15.54 -7.14
CA ILE B 232 29.00 14.96 -7.53
C ILE B 232 27.95 15.70 -6.71
N PRO B 233 27.10 16.59 -7.31
CA PRO B 233 26.16 17.38 -6.51
C PRO B 233 25.06 16.56 -5.86
N VAL B 234 24.76 16.83 -4.60
CA VAL B 234 23.66 16.12 -3.87
C VAL B 234 22.50 17.11 -3.74
N TYR B 235 21.32 16.79 -4.25
CA TYR B 235 20.20 17.76 -4.22
C TYR B 235 18.98 17.19 -3.51
N SER B 236 18.77 17.56 -2.24
CA SER B 236 17.53 17.12 -1.56
C SER B 236 16.62 18.34 -1.44
N PRO B 237 15.45 18.44 -2.12
CA PRO B 237 14.65 19.67 -2.06
C PRO B 237 14.06 20.01 -0.68
N ALA B 238 13.56 19.01 0.08
CA ALA B 238 12.99 19.26 1.41
C ALA B 238 13.96 18.78 2.48
N LEU B 239 15.11 19.45 2.63
CA LEU B 239 16.15 19.00 3.60
C LEU B 239 15.60 19.06 5.03
N THR B 240 14.73 20.03 5.32
CA THR B 240 14.18 20.22 6.69
C THR B 240 13.32 19.04 7.14
N ASP B 241 12.81 18.23 6.20
CA ASP B 241 11.94 17.06 6.53
C ASP B 241 12.81 15.87 6.91
N GLY B 242 13.40 15.91 8.10
CA GLY B 242 14.27 14.81 8.55
C GLY B 242 15.04 15.23 9.79
N SER B 243 16.04 14.47 10.19
CA SER B 243 16.89 14.85 11.36
C SER B 243 17.69 16.12 11.07
N ILE B 244 18.20 16.30 9.84
CA ILE B 244 19.05 17.51 9.59
C ILE B 244 18.20 18.76 9.82
N GLY B 245 16.96 18.78 9.32
CA GLY B 245 16.04 19.92 9.53
C GLY B 245 15.66 20.12 10.97
N ASP B 246 15.46 19.03 11.71
CA ASP B 246 15.18 19.13 13.16
C ASP B 246 16.40 19.75 13.82
N MET B 247 17.60 19.34 13.39
CA MET B 247 18.86 19.88 13.95
C MET B 247 19.00 21.37 13.62
N ILE B 248 18.60 21.77 12.41
CA ILE B 248 18.68 23.21 12.01
C ILE B 248 17.77 24.02 12.93
N TYR B 249 16.61 23.50 13.29
CA TYR B 249 15.64 24.21 14.16
C TYR B 249 16.22 24.45 15.57
N PHE B 250 16.85 23.46 16.19
CA PHE B 250 17.32 23.62 17.60
C PHE B 250 18.51 24.56 17.64
N HIS B 251 19.27 24.62 16.56
CA HIS B 251 20.40 25.58 16.44
C HIS B 251 19.84 26.99 16.30
N SER B 252 18.74 27.17 15.58
CA SER B 252 18.23 28.54 15.32
C SER B 252 17.92 29.26 16.62
N TYR B 253 17.54 28.56 17.69
CA TYR B 253 17.21 29.32 18.91
C TYR B 253 18.50 29.84 19.52
N ASN B 254 19.50 28.98 19.70
CA ASN B 254 20.80 29.39 20.30
C ASN B 254 21.54 30.38 19.40
N ASN B 255 21.55 30.16 18.08
CA ASN B 255 22.31 31.04 17.15
C ASN B 255 21.39 31.48 16.01
N PRO B 256 20.58 32.54 16.19
CA PRO B 256 19.60 32.92 15.17
C PRO B 256 20.13 33.49 13.84
N GLY B 257 19.32 33.39 12.79
CA GLY B 257 19.70 34.00 11.50
C GLY B 257 20.23 33.05 10.46
N LEU B 258 20.24 31.74 10.71
CA LEU B 258 20.65 30.81 9.62
C LEU B 258 19.54 30.78 8.56
N VAL B 259 19.89 30.91 7.27
CA VAL B 259 18.86 30.93 6.19
C VAL B 259 19.22 29.89 5.12
N LEU B 260 18.26 29.04 4.72
CA LEU B 260 18.47 28.06 3.62
C LEU B 260 17.51 28.41 2.49
N ASP B 261 18.01 28.69 1.30
CA ASP B 261 17.14 29.19 0.19
C ASP B 261 16.77 28.08 -0.80
N LEU B 262 15.53 28.07 -1.24
CA LEU B 262 15.14 27.05 -2.23
C LEU B 262 15.23 27.70 -3.60
N VAL B 263 15.19 29.03 -3.67
CA VAL B 263 15.19 29.69 -5.00
C VAL B 263 16.49 29.34 -5.73
N GLU B 264 17.63 29.45 -5.05
CA GLU B 264 18.93 29.19 -5.72
C GLU B 264 19.07 27.69 -5.99
N ASP B 265 18.55 26.85 -5.09
CA ASP B 265 18.68 25.38 -5.25
C ASP B 265 17.93 24.92 -6.51
N ILE B 266 16.74 25.46 -6.77
CA ILE B 266 15.92 24.98 -7.92
C ILE B 266 16.63 25.39 -9.22
N ARG B 267 17.30 26.55 -9.23
CA ARG B 267 18.08 26.98 -10.43
C ARG B 267 19.20 25.97 -10.71
N ASP B 268 19.93 25.56 -9.68
CA ASP B 268 21.04 24.59 -9.85
C ASP B 268 20.53 23.18 -10.19
N MET B 269 19.52 22.68 -9.45
CA MET B 269 18.98 21.31 -9.70
C MET B 269 18.32 21.23 -11.08
N ASN B 270 17.53 22.23 -11.46
CA ASN B 270 16.82 22.20 -12.76
C ASN B 270 17.81 22.27 -13.93
N ASN B 271 18.89 23.03 -13.78
CA ASN B 271 19.83 23.20 -14.93
C ASN B 271 20.77 21.99 -15.04
N GLU B 272 20.78 21.11 -14.05
CA GLU B 272 21.75 19.98 -14.06
C GLU B 272 21.55 19.08 -15.28
N PRO B 273 20.32 18.67 -15.67
CA PRO B 273 20.14 17.87 -16.89
C PRO B 273 20.56 18.57 -18.18
N LEU B 274 20.45 19.88 -18.24
CA LEU B 274 20.70 20.60 -19.51
C LEU B 274 22.11 20.37 -20.06
N TRP B 275 23.11 20.22 -19.18
CA TRP B 275 24.51 20.16 -19.68
C TRP B 275 24.97 18.72 -19.81
N ALA B 276 24.55 18.00 -20.87
CA ALA B 276 24.91 16.58 -20.97
C ALA B 276 24.78 16.05 -22.40
N THR B 277 25.53 15.00 -22.76
CA THR B 277 25.32 14.37 -24.09
C THR B 277 23.97 13.67 -24.01
N LYS B 278 23.75 12.88 -22.95
CA LYS B 278 22.46 12.20 -22.72
C LYS B 278 22.25 12.06 -21.20
N THR B 279 21.01 11.94 -20.75
CA THR B 279 20.71 11.86 -19.29
C THR B 279 20.05 10.53 -18.95
N GLY B 280 20.54 9.85 -17.93
CA GLY B 280 19.99 8.53 -17.59
C GLY B 280 19.52 8.44 -16.15
N CYS B 281 18.28 8.02 -15.93
CA CYS B 281 17.72 8.01 -14.55
C CYS B 281 17.63 6.60 -14.01
N ILE B 282 18.00 6.40 -12.75
CA ILE B 282 17.85 5.07 -12.12
C ILE B 282 17.08 5.35 -10.84
N ILE B 283 15.77 5.56 -10.98
CA ILE B 283 14.96 5.94 -9.80
C ILE B 283 14.62 4.66 -9.07
N LEU B 284 15.33 4.41 -7.98
CA LEU B 284 15.03 3.24 -7.14
C LEU B 284 14.14 3.76 -6.03
N GLY B 285 12.83 3.48 -6.10
CA GLY B 285 11.89 4.08 -5.17
C GLY B 285 11.00 5.07 -5.89
N GLY B 286 10.24 5.88 -5.16
CA GLY B 286 9.31 6.84 -5.77
C GLY B 286 9.05 8.01 -4.84
N GLY B 287 8.22 8.96 -5.26
CA GLY B 287 7.86 10.11 -4.40
C GLY B 287 8.53 11.40 -4.83
N VAL B 288 9.14 12.12 -3.89
CA VAL B 288 9.77 13.43 -4.21
C VAL B 288 10.95 13.20 -5.17
N VAL B 289 11.75 12.16 -4.93
CA VAL B 289 12.98 11.94 -5.76
C VAL B 289 12.60 11.62 -7.20
N LYS B 290 11.49 10.91 -7.42
CA LYS B 290 11.05 10.57 -8.79
C LYS B 290 10.65 11.83 -9.54
N HIS B 291 9.86 12.69 -8.90
CA HIS B 291 9.39 13.93 -9.56
C HIS B 291 10.55 14.89 -9.78
N HIS B 292 11.45 15.03 -8.81
CA HIS B 292 12.54 16.02 -8.93
C HIS B 292 13.47 15.72 -10.11
N ILE B 293 13.89 14.45 -10.27
CA ILE B 293 14.76 14.05 -11.42
C ILE B 293 13.99 14.18 -12.72
N MET B 294 12.74 13.70 -12.74
CA MET B 294 11.94 13.74 -13.99
C MET B 294 11.58 15.18 -14.35
N ASN B 295 11.17 15.97 -13.36
CA ASN B 295 10.75 17.37 -13.64
C ASN B 295 11.97 18.10 -14.19
N ALA B 296 13.15 17.83 -13.61
CA ALA B 296 14.38 18.48 -14.06
C ALA B 296 14.64 18.08 -15.52
N ASN B 297 14.38 16.82 -15.88
CA ASN B 297 14.65 16.32 -17.25
C ASN B 297 13.64 16.88 -18.25
N LEU B 298 12.57 17.52 -17.76
CA LEU B 298 11.61 18.19 -18.68
C LEU B 298 12.33 19.30 -19.42
N TYR B 299 13.40 19.84 -18.82
CA TYR B 299 14.14 20.99 -19.42
C TYR B 299 14.75 20.64 -20.78
N ARG B 300 15.23 19.40 -20.95
CA ARG B 300 15.81 18.97 -22.24
C ARG B 300 14.73 18.25 -23.05
N ASN B 301 13.45 18.46 -22.71
CA ASN B 301 12.32 17.85 -23.44
C ASN B 301 12.19 16.37 -23.12
N GLY B 302 12.88 15.88 -22.08
CA GLY B 302 12.69 14.48 -21.67
C GLY B 302 13.96 13.67 -21.53
N ALA B 303 14.12 12.96 -20.41
CA ALA B 303 15.25 12.06 -20.20
C ALA B 303 15.29 10.96 -21.27
N ASP B 304 16.46 10.33 -21.35
CA ASP B 304 16.67 9.29 -22.39
C ASP B 304 16.58 7.85 -21.88
N PHE B 305 17.25 7.49 -20.78
CA PHE B 305 17.23 6.06 -20.34
C PHE B 305 16.72 5.98 -18.91
N VAL B 306 15.78 5.09 -18.62
CA VAL B 306 15.21 5.09 -17.25
C VAL B 306 14.92 3.68 -16.75
N VAL B 307 15.18 3.42 -15.47
CA VAL B 307 14.82 2.12 -14.84
C VAL B 307 14.14 2.49 -13.53
N TYR B 308 12.85 2.18 -13.40
CA TYR B 308 12.14 2.45 -12.14
C TYR B 308 11.96 1.12 -11.42
N VAL B 309 12.41 1.04 -10.18
CA VAL B 309 12.14 -0.19 -9.39
C VAL B 309 11.36 0.28 -8.17
N ASN B 310 10.04 0.10 -8.17
CA ASN B 310 9.17 0.56 -7.04
C ASN B 310 8.02 -0.43 -6.88
N THR B 311 7.61 -0.67 -5.64
CA THR B 311 6.47 -1.56 -5.38
C THR B 311 5.16 -0.76 -5.40
N ALA B 312 4.74 -0.21 -6.56
CA ALA B 312 3.54 0.66 -6.57
C ALA B 312 2.77 0.56 -7.89
N HIS B 313 1.46 0.88 -7.89
CA HIS B 313 0.58 0.73 -9.08
C HIS B 313 -0.24 2.00 -9.31
N ASP B 314 -0.88 2.15 -10.47
CA ASP B 314 -1.54 3.42 -10.86
C ASP B 314 -2.99 3.60 -10.39
N PHE B 315 -3.59 2.63 -9.70
CA PHE B 315 -5.03 2.72 -9.33
C PHE B 315 -5.31 3.93 -8.43
N ASP B 316 -4.36 4.28 -7.55
CA ASP B 316 -4.57 5.42 -6.61
C ASP B 316 -4.39 6.77 -7.32
N GLY B 317 -3.69 6.80 -8.45
CA GLY B 317 -3.40 8.09 -9.13
C GLY B 317 -2.23 8.79 -8.47
N SER B 318 -1.54 8.12 -7.55
CA SER B 318 -0.39 8.68 -6.82
C SER B 318 0.81 8.90 -7.73
N ASP B 319 1.72 9.81 -7.38
CA ASP B 319 2.97 9.97 -8.17
C ASP B 319 3.83 8.71 -8.04
N SER B 320 3.88 8.11 -6.85
CA SER B 320 4.76 6.94 -6.62
C SER B 320 4.38 5.77 -7.52
N GLY B 321 3.08 5.51 -7.71
CA GLY B 321 2.63 4.33 -8.49
C GLY B 321 2.48 4.58 -9.97
N ALA B 322 2.73 5.80 -10.43
CA ALA B 322 2.50 6.12 -11.86
C ALA B 322 3.39 5.23 -12.75
N ARG B 323 2.89 4.82 -13.91
CA ARG B 323 3.67 4.02 -14.88
C ARG B 323 4.61 4.96 -15.63
N PRO B 324 5.72 4.52 -16.25
CA PRO B 324 6.52 5.43 -17.08
C PRO B 324 5.61 6.17 -18.07
N ASP B 325 4.49 5.55 -18.46
CA ASP B 325 3.58 6.16 -19.47
C ASP B 325 2.97 7.47 -18.98
N GLU B 326 2.53 7.54 -17.71
CA GLU B 326 1.98 8.80 -17.16
C GLU B 326 3.07 9.87 -17.24
N ALA B 327 4.30 9.51 -16.90
CA ALA B 327 5.45 10.45 -16.97
C ALA B 327 5.63 10.93 -18.41
N VAL B 328 5.43 10.07 -19.40
CA VAL B 328 5.53 10.48 -20.83
C VAL B 328 4.47 11.57 -21.10
N SER B 329 3.28 11.46 -20.50
CA SER B 329 2.21 12.46 -20.70
C SER B 329 2.65 13.83 -20.22
N TRP B 330 3.33 13.93 -19.07
CA TRP B 330 3.88 15.23 -18.60
C TRP B 330 4.98 15.71 -19.56
N GLY B 331 5.74 14.77 -20.13
CA GLY B 331 6.89 15.15 -20.99
C GLY B 331 8.20 14.88 -20.25
N ALA B 332 8.13 14.25 -19.08
CA ALA B 332 9.33 13.97 -18.26
C ALA B 332 10.20 12.92 -18.93
N ILE B 333 9.59 11.90 -19.54
CA ILE B 333 10.37 10.84 -20.26
C ILE B 333 10.32 11.13 -21.75
N SER B 334 11.46 11.04 -22.44
CA SER B 334 11.49 11.25 -23.91
C SER B 334 10.57 10.25 -24.61
N LEU B 335 9.92 10.67 -25.69
CA LEU B 335 9.04 9.79 -26.49
C LEU B 335 9.89 8.64 -27.04
N GLU B 336 11.10 8.95 -27.50
CA GLU B 336 12.03 7.93 -28.06
C GLU B 336 12.43 6.94 -26.97
N ALA B 337 12.48 7.37 -25.71
CA ALA B 337 13.01 6.52 -24.62
C ALA B 337 12.21 5.23 -24.45
N LYS B 338 12.91 4.13 -24.12
CA LYS B 338 12.18 2.88 -23.79
C LYS B 338 12.11 2.85 -22.28
N PRO B 339 11.02 3.27 -21.59
CA PRO B 339 11.05 3.27 -20.15
C PRO B 339 10.88 1.83 -19.63
N VAL B 340 11.74 1.41 -18.70
CA VAL B 340 11.56 0.06 -18.11
C VAL B 340 11.24 0.23 -16.63
N LYS B 341 10.17 -0.41 -16.17
CA LYS B 341 9.81 -0.38 -14.75
C LYS B 341 9.74 -1.81 -14.29
N VAL B 342 10.53 -2.14 -13.28
CA VAL B 342 10.47 -3.52 -12.71
C VAL B 342 9.57 -3.38 -11.47
N TYR B 343 8.46 -4.10 -11.44
CA TYR B 343 7.50 -3.97 -10.32
C TYR B 343 8.02 -4.86 -9.21
N ALA B 344 9.17 -4.50 -8.64
CA ALA B 344 9.77 -5.37 -7.62
C ALA B 344 10.37 -4.51 -6.52
N GLU B 345 11.05 -5.15 -5.57
CA GLU B 345 11.76 -4.41 -4.50
C GLU B 345 13.21 -4.21 -4.96
N VAL B 346 13.73 -2.99 -4.84
CA VAL B 346 15.12 -2.69 -5.29
C VAL B 346 16.09 -3.61 -4.55
N THR B 347 15.77 -3.97 -3.31
CA THR B 347 16.76 -4.74 -2.51
C THR B 347 17.03 -6.09 -3.18
N LEU B 348 16.12 -6.58 -4.02
CA LEU B 348 16.28 -7.89 -4.69
C LEU B 348 16.82 -7.66 -6.10
N VAL B 349 16.28 -6.66 -6.81
CA VAL B 349 16.71 -6.32 -8.20
C VAL B 349 18.12 -5.71 -8.28
N LEU B 350 18.54 -4.84 -7.36
CA LEU B 350 19.84 -4.10 -7.49
C LEU B 350 21.09 -4.98 -7.50
N PRO B 351 21.27 -6.02 -6.66
CA PRO B 351 22.53 -6.74 -6.66
C PRO B 351 22.81 -7.32 -8.05
N LEU B 352 21.80 -7.92 -8.70
CA LEU B 352 21.97 -8.44 -10.08
C LEU B 352 22.18 -7.29 -11.06
N LEU B 353 21.56 -6.14 -10.82
CA LEU B 353 21.63 -5.00 -11.75
C LEU B 353 23.06 -4.46 -11.92
N VAL B 354 23.80 -4.29 -10.82
CA VAL B 354 25.23 -3.86 -10.91
C VAL B 354 26.02 -4.98 -11.58
N ALA B 355 25.72 -6.23 -11.21
CA ALA B 355 26.47 -7.39 -11.72
C ALA B 355 26.34 -7.46 -13.23
N GLY B 356 25.16 -7.14 -13.77
CA GLY B 356 24.94 -7.31 -15.22
C GLY B 356 25.32 -6.09 -16.03
N SER B 357 25.79 -5.02 -15.39
CA SER B 357 26.07 -3.79 -16.19
C SER B 357 27.34 -3.03 -15.79
N PHE B 358 27.40 -2.51 -14.57
CA PHE B 358 28.55 -1.65 -14.15
C PHE B 358 29.83 -2.47 -14.00
N SER B 359 29.75 -3.65 -13.37
CA SER B 359 30.97 -4.44 -13.09
C SER B 359 31.65 -4.81 -14.41
N LYS B 360 30.86 -5.18 -15.41
CA LYS B 360 31.45 -5.52 -16.73
C LYS B 360 32.22 -4.30 -17.24
N PHE B 361 31.65 -3.09 -17.13
CA PHE B 361 32.29 -1.86 -17.67
C PHE B 361 33.62 -1.57 -16.98
N LEU B 362 33.68 -1.68 -15.64
CA LEU B 362 34.92 -1.32 -14.92
C LEU B 362 36.04 -2.25 -15.39
N ALA B 363 35.82 -3.57 -15.35
CA ALA B 363 36.82 -4.53 -15.87
C ALA B 363 37.09 -4.26 -17.35
N GLU B 364 36.05 -3.94 -18.14
CA GLU B 364 36.20 -3.73 -19.60
C GLU B 364 37.24 -2.63 -19.89
N LEU C 27 -17.07 15.55 -16.37
CA LEU C 27 -16.79 16.80 -15.61
C LEU C 27 -16.55 16.45 -14.14
N VAL C 28 -15.34 16.73 -13.61
CA VAL C 28 -15.03 16.33 -12.21
C VAL C 28 -15.92 17.15 -11.29
N LYS C 29 -16.50 16.53 -10.26
CA LYS C 29 -17.47 17.25 -9.40
C LYS C 29 -17.58 16.55 -8.04
N GLY C 30 -18.27 17.16 -7.08
CA GLY C 30 -18.51 16.49 -5.79
C GLY C 30 -19.80 16.99 -5.15
N TYR C 31 -20.26 16.34 -4.09
CA TYR C 31 -21.45 16.85 -3.34
C TYR C 31 -20.95 17.55 -2.08
N VAL C 32 -21.27 18.83 -1.94
CA VAL C 32 -20.83 19.60 -0.74
C VAL C 32 -21.80 19.23 0.38
N PRO C 33 -21.34 18.74 1.54
CA PRO C 33 -22.25 18.49 2.67
C PRO C 33 -22.83 19.87 3.00
N ASP C 34 -24.12 19.95 3.33
CA ASP C 34 -24.77 21.29 3.48
C ASP C 34 -24.23 22.08 4.68
N ASP C 35 -24.30 23.40 4.60
CA ASP C 35 -23.83 24.30 5.70
C ASP C 35 -24.69 24.06 6.94
N ASN C 36 -25.94 23.66 6.74
CA ASN C 36 -26.86 23.37 7.87
C ASN C 36 -26.74 21.88 8.16
N GLY C 37 -25.65 21.26 7.72
CA GLY C 37 -25.41 19.82 7.97
C GLY C 37 -26.49 18.94 7.39
N LYS C 38 -27.00 19.25 6.20
CA LYS C 38 -28.00 18.35 5.54
C LYS C 38 -27.27 17.55 4.46
N PHE C 39 -27.09 16.25 4.69
CA PHE C 39 -26.35 15.41 3.72
C PHE C 39 -27.31 14.36 3.17
N ASP C 40 -27.49 14.35 1.86
CA ASP C 40 -28.33 13.28 1.28
C ASP C 40 -27.36 12.14 0.93
N PHE C 41 -27.48 11.01 1.62
CA PHE C 41 -26.62 9.83 1.32
C PHE C 41 -26.97 9.41 -0.11
N ASP C 42 -28.23 9.56 -0.50
CA ASP C 42 -28.61 9.25 -1.89
C ASP C 42 -27.80 10.17 -2.81
N LYS C 43 -27.70 11.45 -2.47
CA LYS C 43 -26.95 12.42 -3.33
C LYS C 43 -25.47 12.06 -3.37
N MET C 44 -24.89 11.64 -2.24
CA MET C 44 -23.47 11.19 -2.24
C MET C 44 -23.31 10.06 -3.26
N LEU C 45 -24.21 9.07 -3.21
CA LEU C 45 -24.16 7.91 -4.14
C LEU C 45 -24.36 8.39 -5.58
N GLU C 46 -25.27 9.34 -5.81
CA GLU C 46 -25.60 9.77 -7.20
C GLU C 46 -24.38 10.37 -7.91
N GLN C 47 -23.52 11.09 -7.18
CA GLN C 47 -22.40 11.80 -7.88
C GLN C 47 -21.12 10.96 -7.90
N MET C 48 -21.08 9.83 -7.19
CA MET C 48 -19.86 8.97 -7.13
C MET C 48 -19.26 8.84 -8.53
N LYS C 49 -20.10 8.71 -9.55
CA LYS C 49 -19.60 8.45 -10.90
C LYS C 49 -18.68 9.58 -11.38
N TYR C 50 -18.89 10.79 -10.86
CA TYR C 50 -18.18 11.99 -11.29
C TYR C 50 -17.11 12.44 -10.30
N CYS C 51 -16.81 11.64 -9.28
CA CYS C 51 -15.81 12.03 -8.26
C CYS C 51 -14.39 11.72 -8.79
N GLY C 52 -14.27 10.77 -9.71
CA GLY C 52 -12.95 10.41 -10.28
C GLY C 52 -12.33 9.19 -9.62
N PHE C 53 -11.27 8.64 -10.21
CA PHE C 53 -10.53 7.47 -9.65
C PHE C 53 -11.43 6.24 -9.48
N GLN C 54 -11.31 5.56 -8.33
CA GLN C 54 -12.09 4.33 -8.06
C GLN C 54 -13.59 4.64 -7.94
N ALA C 55 -13.94 5.83 -7.44
CA ALA C 55 -15.35 6.19 -7.24
C ALA C 55 -16.08 6.17 -8.58
N THR C 56 -15.40 6.57 -9.66
CA THR C 56 -16.02 6.52 -11.01
C THR C 56 -16.39 5.07 -11.31
N ASN C 57 -15.52 4.12 -10.97
CA ASN C 57 -15.78 2.67 -11.25
C ASN C 57 -17.01 2.20 -10.45
N LEU C 58 -17.18 2.65 -9.21
CA LEU C 58 -18.33 2.24 -8.35
C LEU C 58 -19.63 2.77 -8.95
N GLY C 59 -19.65 4.01 -9.43
CA GLY C 59 -20.84 4.53 -10.11
C GLY C 59 -21.10 3.79 -11.40
N LEU C 60 -20.05 3.50 -12.16
CA LEU C 60 -20.18 2.72 -13.42
C LEU C 60 -20.67 1.30 -13.09
N ALA C 61 -20.19 0.73 -11.98
CA ALA C 61 -20.59 -0.65 -11.60
C ALA C 61 -22.09 -0.69 -11.35
N ILE C 62 -22.63 0.32 -10.65
CA ILE C 62 -24.08 0.36 -10.32
C ILE C 62 -24.81 0.43 -11.66
N ASP C 63 -24.23 1.07 -12.67
CA ASP C 63 -24.95 1.23 -13.97
C ASP C 63 -25.21 -0.12 -14.65
N GLN C 64 -24.17 -0.95 -14.82
CA GLN C 64 -24.30 -2.24 -15.54
C GLN C 64 -25.24 -3.19 -14.79
N ILE C 65 -25.14 -3.24 -13.45
CA ILE C 65 -26.02 -4.11 -12.61
C ILE C 65 -27.48 -3.70 -12.77
N ASN C 66 -27.77 -2.39 -12.84
CA ASN C 66 -29.14 -1.89 -13.12
C ASN C 66 -29.60 -2.31 -14.51
N GLU C 67 -28.71 -2.29 -15.50
CA GLU C 67 -29.06 -2.69 -16.88
C GLU C 67 -29.48 -4.16 -16.86
N MET C 68 -28.81 -4.98 -16.06
CA MET C 68 -29.13 -6.41 -15.96
C MET C 68 -30.57 -6.60 -15.47
N LEU C 69 -30.96 -5.86 -14.44
CA LEU C 69 -32.33 -5.94 -13.89
C LEU C 69 -33.36 -5.39 -14.90
N HIS C 70 -33.03 -4.31 -15.63
CA HIS C 70 -33.99 -3.66 -16.55
C HIS C 70 -33.90 -4.21 -17.97
N TYR C 71 -33.20 -5.33 -18.19
CA TYR C 71 -33.00 -5.81 -19.59
C TYR C 71 -34.28 -6.42 -20.17
N ASP C 72 -35.34 -6.58 -19.37
CA ASP C 72 -36.51 -7.30 -19.92
C ASP C 72 -36.92 -6.66 -21.25
N TYR C 73 -37.07 -7.47 -22.30
CA TYR C 73 -37.38 -6.94 -23.66
C TYR C 73 -38.41 -7.83 -24.34
N GLU C 74 -38.74 -7.57 -25.62
CA GLU C 74 -39.82 -8.34 -26.29
C GLU C 74 -39.34 -8.80 -27.66
N PRO C 75 -39.71 -10.02 -28.13
CA PRO C 75 -39.18 -10.56 -29.39
C PRO C 75 -39.16 -9.54 -30.54
N GLU C 80 -41.81 -19.14 -27.83
CA GLU C 80 -42.34 -18.30 -26.71
C GLU C 80 -41.20 -17.46 -26.11
N LYS C 81 -41.46 -16.77 -24.99
CA LYS C 81 -40.44 -15.90 -24.32
C LYS C 81 -39.89 -16.57 -23.04
N LYS C 82 -38.58 -16.45 -22.81
CA LYS C 82 -37.94 -17.09 -21.63
C LYS C 82 -37.73 -16.05 -20.53
N LEU C 83 -38.34 -16.28 -19.35
CA LEU C 83 -38.24 -15.30 -18.23
C LEU C 83 -37.46 -15.93 -17.07
N PHE C 84 -36.48 -15.21 -16.52
CA PHE C 84 -35.67 -15.72 -15.39
C PHE C 84 -36.06 -14.92 -14.14
N GLY C 85 -35.93 -15.51 -12.95
CA GLY C 85 -36.37 -14.79 -11.74
C GLY C 85 -37.83 -15.04 -11.45
N LEU C 86 -38.43 -16.05 -12.10
CA LEU C 86 -39.83 -16.42 -11.80
C LEU C 86 -39.89 -16.82 -10.33
N GLY C 87 -38.89 -17.53 -9.84
CA GLY C 87 -38.82 -17.84 -8.39
C GLY C 87 -39.48 -19.14 -8.01
N GLY C 88 -39.43 -19.47 -6.71
CA GLY C 88 -40.05 -20.71 -6.21
C GLY C 88 -41.56 -20.63 -6.22
N GLY C 89 -42.11 -19.42 -6.38
CA GLY C 89 -43.58 -19.24 -6.33
C GLY C 89 -44.04 -19.16 -4.90
N VAL C 90 -43.11 -19.06 -3.95
CA VAL C 90 -43.47 -19.04 -2.50
C VAL C 90 -44.32 -17.79 -2.24
N GLU C 91 -45.41 -17.95 -1.48
CA GLU C 91 -46.33 -16.81 -1.19
C GLU C 91 -45.69 -15.89 -0.14
N GLY C 92 -46.06 -14.61 -0.16
CA GLY C 92 -45.55 -13.68 0.87
C GLY C 92 -44.16 -13.15 0.56
N VAL C 93 -43.61 -13.49 -0.62
CA VAL C 93 -42.27 -12.97 -1.03
C VAL C 93 -42.45 -12.30 -2.40
N LYS C 94 -41.88 -11.11 -2.58
CA LYS C 94 -41.96 -10.41 -3.88
C LYS C 94 -40.96 -11.02 -4.88
N TYR C 95 -41.39 -11.26 -6.11
CA TYR C 95 -40.46 -11.76 -7.15
C TYR C 95 -40.72 -10.89 -8.39
N LYS C 96 -39.70 -10.62 -9.20
CA LYS C 96 -39.93 -9.86 -10.46
C LYS C 96 -39.30 -10.58 -11.65
N PRO C 97 -40.03 -10.81 -12.76
CA PRO C 97 -39.47 -11.45 -13.95
C PRO C 97 -38.47 -10.63 -14.77
N ARG C 98 -37.37 -11.25 -15.24
CA ARG C 98 -36.33 -10.54 -16.03
C ARG C 98 -35.90 -11.43 -17.20
N ALA C 99 -35.57 -10.83 -18.35
CA ALA C 99 -35.16 -11.59 -19.54
C ALA C 99 -33.68 -11.95 -19.45
N CYS C 100 -32.88 -11.14 -18.74
CA CYS C 100 -31.46 -11.39 -18.61
C CYS C 100 -31.16 -12.37 -17.48
N LYS C 101 -30.26 -13.35 -17.74
CA LYS C 101 -29.84 -14.38 -16.73
C LYS C 101 -28.60 -13.94 -15.95
N ILE C 102 -28.64 -13.94 -14.62
CA ILE C 102 -27.50 -13.36 -13.84
C ILE C 102 -26.72 -14.43 -13.06
N PHE C 103 -25.39 -14.47 -13.23
CA PHE C 103 -24.51 -15.43 -12.50
C PHE C 103 -23.71 -14.66 -11.45
N LEU C 104 -23.63 -15.21 -10.24
CA LEU C 104 -22.90 -14.53 -9.16
C LEU C 104 -21.72 -15.39 -8.72
N GLY C 105 -20.50 -14.86 -8.80
CA GLY C 105 -19.32 -15.57 -8.31
C GLY C 105 -18.97 -15.05 -6.95
N ILE C 106 -19.04 -15.90 -5.95
CA ILE C 106 -18.77 -15.47 -4.57
C ILE C 106 -17.53 -16.22 -4.09
N THR C 107 -16.52 -15.50 -3.60
CA THR C 107 -15.34 -16.16 -3.01
C THR C 107 -15.74 -16.57 -1.59
N SER C 108 -14.97 -17.45 -0.97
CA SER C 108 -15.36 -17.97 0.37
C SER C 108 -15.41 -16.87 1.43
N ASN C 109 -14.53 -15.87 1.37
CA ASN C 109 -14.45 -14.80 2.39
C ASN C 109 -15.76 -14.02 2.43
N LEU C 110 -16.38 -13.76 1.28
CA LEU C 110 -17.59 -12.91 1.24
C LEU C 110 -18.70 -13.54 2.09
N ILE C 111 -18.87 -14.85 2.07
CA ILE C 111 -19.99 -15.47 2.85
C ILE C 111 -19.62 -15.39 4.33
N SER C 112 -18.34 -15.46 4.66
CA SER C 112 -17.90 -15.26 6.06
C SER C 112 -18.18 -13.80 6.45
N SER C 113 -18.09 -12.88 5.49
CA SER C 113 -18.28 -11.42 5.74
C SER C 113 -19.77 -11.07 5.88
N GLY C 114 -20.06 -9.84 6.31
CA GLY C 114 -21.44 -9.41 6.54
C GLY C 114 -22.14 -9.18 5.23
N MET C 115 -21.43 -9.38 4.12
CA MET C 115 -22.04 -9.24 2.77
C MET C 115 -22.96 -10.43 2.52
N ARG C 116 -22.97 -11.43 3.42
CA ARG C 116 -23.90 -12.59 3.29
C ARG C 116 -25.33 -12.05 3.27
N ASP C 117 -25.62 -11.06 4.12
CA ASP C 117 -27.01 -10.52 4.23
C ASP C 117 -27.43 -9.89 2.91
N TYR C 118 -26.54 -9.16 2.25
CA TYR C 118 -26.83 -8.57 0.92
C TYR C 118 -27.03 -9.67 -0.12
N ILE C 119 -26.26 -10.76 -0.03
CA ILE C 119 -26.41 -11.94 -0.96
C ILE C 119 -27.77 -12.62 -0.74
N ARG C 120 -28.16 -12.84 0.53
CA ARG C 120 -29.44 -13.50 0.87
C ARG C 120 -30.59 -12.74 0.21
N PHE C 121 -30.48 -11.42 0.11
CA PHE C 121 -31.52 -10.58 -0.50
C PHE C 121 -31.69 -10.94 -1.99
N LEU C 122 -30.59 -11.13 -2.71
CA LEU C 122 -30.65 -11.48 -4.16
C LEU C 122 -31.24 -12.87 -4.39
N VAL C 123 -30.84 -13.84 -3.57
CA VAL C 123 -31.37 -15.23 -3.72
C VAL C 123 -32.84 -15.30 -3.32
N LYS C 124 -33.24 -14.63 -2.24
CA LYS C 124 -34.64 -14.72 -1.73
C LYS C 124 -35.58 -14.19 -2.78
N HIS C 125 -35.22 -13.09 -3.44
CA HIS C 125 -36.07 -12.48 -4.49
C HIS C 125 -35.68 -13.06 -5.85
N ALA C 126 -34.74 -14.01 -5.86
CA ALA C 126 -34.33 -14.71 -7.08
C ALA C 126 -33.88 -13.75 -8.18
N LEU C 127 -33.17 -12.70 -7.79
CA LEU C 127 -32.63 -11.77 -8.82
C LEU C 127 -31.35 -12.36 -9.42
N VAL C 128 -30.78 -13.40 -8.79
CA VAL C 128 -29.57 -14.10 -9.32
C VAL C 128 -29.97 -15.52 -9.74
N ASP C 129 -29.81 -15.86 -11.02
CA ASP C 129 -30.20 -17.20 -11.54
C ASP C 129 -29.30 -18.36 -11.08
N VAL C 130 -27.98 -18.20 -11.14
CA VAL C 130 -27.02 -19.30 -10.81
C VAL C 130 -25.92 -18.72 -9.93
N VAL C 131 -25.37 -19.53 -9.02
CA VAL C 131 -24.23 -19.04 -8.19
C VAL C 131 -23.05 -20.03 -8.28
N VAL C 132 -21.84 -19.53 -8.55
CA VAL C 132 -20.64 -20.41 -8.50
C VAL C 132 -19.84 -20.03 -7.26
N CYS C 133 -19.73 -20.93 -6.29
CA CYS C 133 -19.09 -20.63 -5.02
C CYS C 133 -18.19 -21.78 -4.62
N THR C 134 -17.00 -21.43 -4.12
CA THR C 134 -16.00 -22.44 -3.73
C THR C 134 -16.42 -23.22 -2.50
N ALA C 135 -15.66 -24.24 -2.14
CA ALA C 135 -16.07 -25.12 -1.03
C ALA C 135 -16.19 -24.36 0.27
N GLY C 136 -15.27 -23.43 0.55
CA GLY C 136 -15.29 -22.75 1.85
C GLY C 136 -16.55 -21.93 2.06
N GLY C 137 -16.99 -21.21 1.03
CA GLY C 137 -18.20 -20.39 1.13
C GLY C 137 -19.42 -21.25 1.35
N ILE C 138 -19.52 -22.37 0.64
CA ILE C 138 -20.68 -23.28 0.77
C ILE C 138 -20.72 -23.79 2.21
N GLU C 139 -19.58 -24.19 2.73
CA GLU C 139 -19.54 -24.75 4.11
C GLU C 139 -19.96 -23.67 5.10
N GLU C 140 -19.51 -22.43 4.91
CA GLU C 140 -19.77 -21.34 5.89
C GLU C 140 -21.25 -21.00 6.01
N ASP C 141 -22.02 -20.96 4.91
CA ASP C 141 -23.43 -20.55 5.03
C ASP C 141 -24.15 -21.53 5.95
N PHE C 142 -23.90 -22.83 5.76
CA PHE C 142 -24.53 -23.86 6.61
C PHE C 142 -24.00 -23.76 8.04
N ILE C 143 -22.69 -23.50 8.20
CA ILE C 143 -22.13 -23.32 9.58
C ILE C 143 -22.70 -22.05 10.22
N LYS C 144 -22.93 -20.99 9.45
CA LYS C 144 -23.38 -19.70 10.05
C LYS C 144 -24.72 -19.96 10.71
N CYS C 145 -25.56 -20.76 10.05
CA CYS C 145 -26.87 -21.10 10.64
C CYS C 145 -26.64 -21.88 11.93
N LEU C 146 -25.68 -22.79 11.91
CA LEU C 146 -25.38 -23.61 13.12
C LEU C 146 -24.81 -22.74 14.26
N ALA C 147 -23.91 -21.79 13.96
CA ALA C 147 -23.24 -20.98 15.02
C ALA C 147 -22.62 -19.71 14.41
N PRO C 148 -22.38 -18.57 15.14
CA PRO C 148 -21.88 -17.37 14.50
C PRO C 148 -20.37 -17.12 14.48
N THR C 149 -19.90 -16.48 13.41
CA THR C 149 -18.51 -16.11 13.22
C THR C 149 -18.18 -14.85 14.00
N HIS C 150 -16.98 -14.81 14.57
CA HIS C 150 -16.54 -13.74 15.47
C HIS C 150 -15.56 -12.84 14.74
N MET C 151 -15.57 -11.56 15.17
CA MET C 151 -14.72 -10.50 14.54
C MET C 151 -13.37 -10.40 15.27
N GLY C 152 -12.39 -9.69 14.70
CA GLY C 152 -11.04 -9.64 15.28
C GLY C 152 -10.12 -8.73 14.49
N GLU C 153 -8.80 -8.85 14.71
CA GLU C 153 -7.82 -7.98 14.01
C GLU C 153 -6.89 -8.82 13.14
N PHE C 154 -6.38 -8.25 12.03
CA PHE C 154 -5.45 -8.98 11.12
C PHE C 154 -4.16 -9.34 11.84
N PHE C 155 -3.63 -8.43 12.64
CA PHE C 155 -2.33 -8.66 13.34
C PHE C 155 -2.54 -9.34 14.69
N HIS C 156 -2.84 -10.63 14.69
CA HIS C 156 -2.99 -11.41 15.95
C HIS C 156 -2.06 -12.61 15.82
N ASP C 157 -1.47 -13.08 16.92
CA ASP C 157 -0.46 -14.17 16.77
C ASP C 157 -1.13 -15.41 16.20
N GLY C 158 -0.60 -15.97 15.11
CA GLY C 158 -1.14 -17.20 14.51
C GLY C 158 -0.96 -18.37 15.45
N HIS C 159 0.19 -18.43 16.13
CA HIS C 159 0.42 -19.53 17.12
C HIS C 159 -0.61 -19.41 18.23
N ASP C 160 -0.83 -18.20 18.77
CA ASP C 160 -1.78 -18.00 19.89
C ASP C 160 -3.19 -18.36 19.43
N LEU C 161 -3.59 -17.90 18.25
CA LEU C 161 -4.94 -18.20 17.73
C LEU C 161 -5.15 -19.72 17.68
N ARG C 162 -4.17 -20.47 17.16
CA ARG C 162 -4.25 -21.96 17.17
C ARG C 162 -4.27 -22.48 18.61
N LYS C 163 -3.46 -21.89 19.49
CA LYS C 163 -3.38 -22.33 20.90
C LYS C 163 -4.75 -22.17 21.56
N ARG C 164 -5.48 -21.11 21.19
CA ARG C 164 -6.83 -20.86 21.76
C ARG C 164 -7.88 -21.66 20.97
N GLY C 165 -7.44 -22.46 20.00
CA GLY C 165 -8.36 -23.26 19.18
C GLY C 165 -9.30 -22.40 18.36
N LEU C 166 -8.80 -21.29 17.82
CA LEU C 166 -9.62 -20.39 16.95
C LEU C 166 -9.03 -20.43 15.54
N ASN C 167 -9.87 -20.31 14.50
CA ASN C 167 -9.43 -20.27 13.08
C ASN C 167 -9.61 -18.84 12.58
N ARG C 168 -8.77 -18.38 11.65
CA ARG C 168 -8.81 -16.96 11.23
C ARG C 168 -9.04 -16.84 9.74
N ILE C 169 -9.92 -15.92 9.31
CA ILE C 169 -10.11 -15.64 7.85
C ILE C 169 -10.04 -14.11 7.75
N GLY C 170 -8.83 -13.55 7.67
CA GLY C 170 -8.71 -12.07 7.73
C GLY C 170 -8.82 -11.57 9.16
N ASN C 171 -9.75 -10.65 9.42
CA ASN C 171 -9.97 -10.08 10.78
C ASN C 171 -11.18 -10.76 11.41
N LEU C 172 -11.55 -11.95 10.93
CA LEU C 172 -12.71 -12.70 11.47
C LEU C 172 -12.18 -13.98 12.11
N ILE C 173 -12.92 -14.54 13.06
CA ILE C 173 -12.42 -15.74 13.80
C ILE C 173 -13.55 -16.76 13.93
N VAL C 174 -13.65 -17.71 12.99
CA VAL C 174 -14.67 -18.79 13.11
C VAL C 174 -14.14 -19.79 14.13
N PRO C 175 -14.83 -20.07 15.25
CA PRO C 175 -14.30 -20.96 16.30
C PRO C 175 -14.18 -22.44 15.90
N ASN C 176 -13.32 -23.19 16.58
CA ASN C 176 -13.09 -24.63 16.23
C ASN C 176 -14.38 -25.43 16.41
N LYS C 177 -15.14 -25.14 17.45
CA LYS C 177 -16.37 -25.94 17.75
C LYS C 177 -17.33 -25.85 16.57
N ASN C 178 -17.39 -24.71 15.90
CA ASN C 178 -18.42 -24.53 14.85
C ASN C 178 -18.30 -25.56 13.73
N TYR C 179 -17.08 -25.90 13.30
CA TYR C 179 -16.90 -26.83 12.15
C TYR C 179 -17.43 -28.22 12.53
N CYS C 180 -17.28 -28.60 13.81
CA CYS C 180 -17.80 -29.90 14.28
C CYS C 180 -19.32 -29.95 14.07
N LEU C 181 -20.01 -28.83 14.27
CA LEU C 181 -21.49 -28.80 14.11
C LEU C 181 -21.86 -29.16 12.67
N PHE C 182 -21.08 -28.67 11.70
CA PHE C 182 -21.35 -28.99 10.27
C PHE C 182 -21.22 -30.51 10.07
N GLU C 183 -20.26 -31.13 10.76
CA GLU C 183 -20.04 -32.60 10.63
C GLU C 183 -21.30 -33.33 11.08
N ASP C 184 -21.88 -32.91 12.21
CA ASP C 184 -23.03 -33.66 12.74
C ASP C 184 -24.18 -33.60 11.73
N TRP C 185 -24.42 -32.42 11.16
CA TRP C 185 -25.55 -32.27 10.20
C TRP C 185 -25.31 -33.00 8.89
N ILE C 186 -24.12 -32.86 8.28
CA ILE C 186 -23.84 -33.43 6.92
C ILE C 186 -23.74 -34.96 6.89
N MET C 187 -23.20 -35.60 7.93
CA MET C 187 -22.95 -37.08 7.85
C MET C 187 -24.24 -37.87 7.58
N PRO C 188 -25.39 -37.62 8.22
CA PRO C 188 -26.60 -38.35 7.87
C PRO C 188 -27.04 -38.16 6.41
N ILE C 189 -26.95 -36.95 5.87
CA ILE C 189 -27.42 -36.70 4.47
C ILE C 189 -26.56 -37.50 3.51
N LEU C 190 -25.25 -37.58 3.77
CA LEU C 190 -24.33 -38.33 2.90
C LEU C 190 -24.67 -39.83 2.89
N ASP C 191 -25.00 -40.39 4.06
CA ASP C 191 -25.38 -41.83 4.14
C ASP C 191 -26.63 -42.05 3.28
N LYS C 192 -27.57 -41.11 3.32
CA LYS C 192 -28.80 -41.23 2.48
C LYS C 192 -28.41 -41.14 1.00
N CYS C 193 -27.40 -40.32 0.68
CA CYS C 193 -26.94 -40.20 -0.72
C CYS C 193 -26.37 -41.54 -1.21
N LEU C 194 -25.57 -42.20 -0.39
CA LEU C 194 -24.98 -43.51 -0.80
C LEU C 194 -26.12 -44.52 -0.98
N GLU C 195 -27.10 -44.51 -0.07
CA GLU C 195 -28.21 -45.50 -0.13
C GLU C 195 -29.01 -45.32 -1.42
N GLU C 196 -29.27 -44.08 -1.83
CA GLU C 196 -30.02 -43.83 -3.08
C GLU C 196 -29.23 -44.34 -4.28
N GLN C 197 -27.91 -44.14 -4.27
CA GLN C 197 -27.07 -44.57 -5.41
C GLN C 197 -27.13 -46.10 -5.52
N ASN C 198 -27.04 -46.79 -4.39
CA ASN C 198 -27.08 -48.28 -4.38
C ASN C 198 -28.45 -48.80 -4.79
N THR C 199 -29.55 -48.20 -4.30
CA THR C 199 -30.90 -48.78 -4.57
C THR C 199 -31.62 -48.11 -5.74
N GLN C 200 -31.66 -46.78 -5.81
CA GLN C 200 -32.44 -46.10 -6.87
C GLN C 200 -31.55 -45.69 -8.03
N GLY C 201 -30.26 -46.05 -7.96
CA GLY C 201 -29.29 -45.72 -9.04
C GLY C 201 -29.12 -44.23 -9.26
N THR C 202 -29.13 -43.42 -8.19
CA THR C 202 -28.91 -41.96 -8.33
C THR C 202 -27.42 -41.67 -8.52
N LYS C 203 -27.07 -40.84 -9.50
CA LYS C 203 -25.64 -40.47 -9.71
C LYS C 203 -25.41 -39.08 -9.09
N TRP C 204 -24.56 -38.99 -8.07
CA TRP C 204 -24.42 -37.72 -7.33
C TRP C 204 -23.25 -36.87 -7.84
N THR C 205 -23.53 -35.62 -8.22
CA THR C 205 -22.45 -34.69 -8.62
C THR C 205 -22.30 -33.62 -7.52
N PRO C 206 -21.22 -32.81 -7.40
CA PRO C 206 -21.20 -31.72 -6.40
C PRO C 206 -22.44 -30.82 -6.29
N SER C 207 -22.98 -30.33 -7.41
CA SER C 207 -24.15 -29.41 -7.37
C SER C 207 -25.36 -30.10 -6.75
N LYS C 208 -25.62 -31.35 -7.11
CA LYS C 208 -26.79 -32.11 -6.59
C LYS C 208 -26.65 -32.25 -5.08
N LEU C 209 -25.43 -32.49 -4.60
CA LEU C 209 -25.21 -32.68 -3.15
C LEU C 209 -25.59 -31.39 -2.42
N ILE C 210 -25.20 -30.22 -2.93
CA ILE C 210 -25.55 -28.91 -2.30
C ILE C 210 -27.04 -28.59 -2.42
N HIS C 211 -27.70 -28.92 -3.54
CA HIS C 211 -29.17 -28.71 -3.66
C HIS C 211 -29.89 -29.51 -2.58
N ARG C 212 -29.48 -30.75 -2.34
CA ARG C 212 -30.08 -31.52 -1.22
C ARG C 212 -29.72 -30.88 0.11
N LEU C 213 -28.46 -30.44 0.26
CA LEU C 213 -28.03 -29.85 1.56
C LEU C 213 -28.82 -28.55 1.82
N GLY C 214 -29.00 -27.71 0.79
CA GLY C 214 -29.75 -26.46 0.95
C GLY C 214 -31.20 -26.71 1.31
N LEU C 215 -31.84 -27.66 0.63
CA LEU C 215 -33.26 -28.00 0.92
C LEU C 215 -33.37 -28.44 2.37
N GLU C 216 -32.36 -29.14 2.91
CA GLU C 216 -32.50 -29.69 4.28
C GLU C 216 -31.97 -28.76 5.37
N ILE C 217 -31.49 -27.54 5.06
CA ILE C 217 -30.90 -26.73 6.17
C ILE C 217 -31.99 -26.39 7.21
N ASN C 218 -33.19 -26.00 6.76
CA ASN C 218 -34.33 -25.70 7.68
C ASN C 218 -34.12 -24.41 8.49
N ASN C 219 -33.22 -23.52 8.06
CA ASN C 219 -33.06 -22.17 8.68
C ASN C 219 -33.29 -21.17 7.56
N GLU C 220 -34.21 -20.21 7.72
CA GLU C 220 -34.53 -19.28 6.59
C GLU C 220 -33.33 -18.36 6.36
N ASP C 221 -32.36 -18.39 7.28
CA ASP C 221 -31.13 -17.56 7.19
C ASP C 221 -30.28 -17.94 5.97
N SER C 222 -30.22 -19.23 5.62
CA SER C 222 -29.30 -19.71 4.55
C SER C 222 -29.53 -19.11 3.15
N VAL C 223 -28.46 -18.64 2.50
CA VAL C 223 -28.53 -18.21 1.07
C VAL C 223 -28.90 -19.45 0.27
N TRP C 224 -28.31 -20.59 0.61
CA TRP C 224 -28.53 -21.85 -0.14
C TRP C 224 -29.97 -22.37 0.00
N TYR C 225 -30.61 -22.16 1.15
CA TYR C 225 -32.02 -22.59 1.34
C TYR C 225 -32.89 -21.93 0.28
N TRP C 226 -32.69 -20.63 0.04
CA TRP C 226 -33.47 -19.87 -0.96
C TRP C 226 -33.13 -20.35 -2.37
N ALA C 227 -31.86 -20.63 -2.63
CA ALA C 227 -31.45 -21.14 -3.96
C ALA C 227 -32.10 -22.50 -4.20
N ALA C 228 -32.19 -23.34 -3.16
CA ALA C 228 -32.89 -24.63 -3.29
C ALA C 228 -34.37 -24.39 -3.56
N LYS C 229 -35.01 -23.46 -2.83
CA LYS C 229 -36.46 -23.17 -2.98
C LYS C 229 -36.74 -22.57 -4.35
N ASN C 230 -35.85 -21.72 -4.84
CA ASN C 230 -36.10 -21.05 -6.15
C ASN C 230 -35.36 -21.78 -7.27
N ASN C 231 -34.95 -23.02 -7.03
CA ASN C 231 -34.35 -23.83 -8.11
C ASN C 231 -33.19 -23.05 -8.71
N ILE C 232 -32.21 -22.71 -7.86
CA ILE C 232 -30.99 -22.00 -8.34
C ILE C 232 -29.86 -23.01 -8.24
N PRO C 233 -29.11 -23.33 -9.33
CA PRO C 233 -28.08 -24.35 -9.27
C PRO C 233 -26.77 -23.78 -8.73
N VAL C 234 -26.25 -24.35 -7.65
CA VAL C 234 -24.99 -23.85 -7.02
C VAL C 234 -23.85 -24.82 -7.33
N TYR C 235 -22.82 -24.38 -8.07
CA TYR C 235 -21.74 -25.29 -8.51
C TYR C 235 -20.38 -25.00 -7.87
N SER C 236 -19.76 -25.97 -7.18
CA SER C 236 -18.38 -25.79 -6.67
C SER C 236 -17.51 -26.83 -7.40
N PRO C 237 -16.53 -26.46 -8.25
CA PRO C 237 -15.73 -27.49 -8.90
C PRO C 237 -14.84 -28.29 -7.94
N ALA C 238 -14.17 -27.64 -6.99
CA ALA C 238 -13.31 -28.32 -6.01
C ALA C 238 -14.03 -28.47 -4.67
N LEU C 239 -15.13 -29.21 -4.61
CA LEU C 239 -15.92 -29.30 -3.35
C LEU C 239 -15.12 -30.00 -2.24
N THR C 240 -14.25 -30.95 -2.59
CA THR C 240 -13.41 -31.66 -1.60
C THR C 240 -12.41 -30.71 -0.96
N ASP C 241 -12.06 -29.62 -1.65
CA ASP C 241 -11.07 -28.64 -1.13
C ASP C 241 -11.76 -27.72 -0.13
N GLY C 242 -12.02 -28.20 1.08
CA GLY C 242 -12.76 -27.40 2.07
C GLY C 242 -13.11 -28.29 3.26
N SER C 243 -13.97 -27.83 4.17
CA SER C 243 -14.43 -28.71 5.27
C SER C 243 -15.27 -29.87 4.72
N ILE C 244 -16.04 -29.63 3.66
CA ILE C 244 -16.95 -30.68 3.10
C ILE C 244 -16.09 -31.86 2.66
N GLY C 245 -14.92 -31.57 2.09
CA GLY C 245 -14.05 -32.64 1.57
C GLY C 245 -13.47 -33.51 2.66
N ASP C 246 -13.06 -32.93 3.79
CA ASP C 246 -12.58 -33.79 4.91
C ASP C 246 -13.74 -34.66 5.40
N MET C 247 -14.95 -34.12 5.49
CA MET C 247 -16.13 -34.93 5.89
C MET C 247 -16.34 -36.05 4.86
N ILE C 248 -16.31 -35.72 3.57
CA ILE C 248 -16.54 -36.73 2.49
C ILE C 248 -15.47 -37.82 2.66
N TYR C 249 -14.20 -37.42 2.79
CA TYR C 249 -13.10 -38.38 3.01
C TYR C 249 -13.37 -39.22 4.26
N PHE C 250 -13.74 -38.59 5.38
CA PHE C 250 -13.90 -39.35 6.65
C PHE C 250 -15.05 -40.36 6.51
N HIS C 251 -16.14 -39.96 5.84
CA HIS C 251 -17.30 -40.86 5.62
C HIS C 251 -16.88 -42.07 4.78
N SER C 252 -16.04 -41.84 3.76
CA SER C 252 -15.63 -42.95 2.86
C SER C 252 -15.05 -44.12 3.65
N TYR C 253 -14.15 -43.86 4.60
CA TYR C 253 -13.52 -44.99 5.34
C TYR C 253 -14.59 -45.79 6.09
N ASN C 254 -15.53 -45.11 6.77
CA ASN C 254 -16.64 -45.82 7.47
C ASN C 254 -17.58 -46.52 6.49
N ASN C 255 -17.96 -45.86 5.40
CA ASN C 255 -18.94 -46.44 4.43
C ASN C 255 -18.43 -46.23 3.01
N PRO C 256 -17.55 -47.11 2.46
CA PRO C 256 -16.95 -46.88 1.14
C PRO C 256 -17.93 -46.99 -0.02
N GLY C 257 -17.66 -46.27 -1.11
CA GLY C 257 -18.50 -46.44 -2.31
C GLY C 257 -19.03 -45.13 -2.87
N LEU C 258 -18.94 -44.03 -2.14
CA LEU C 258 -19.55 -42.78 -2.68
C LEU C 258 -18.79 -42.34 -3.92
N VAL C 259 -19.50 -41.95 -4.97
CA VAL C 259 -18.82 -41.45 -6.20
C VAL C 259 -19.38 -40.07 -6.56
N LEU C 260 -18.50 -39.07 -6.70
CA LEU C 260 -18.92 -37.70 -7.11
C LEU C 260 -18.29 -37.48 -8.49
N ASP C 261 -19.13 -37.35 -9.51
CA ASP C 261 -18.63 -37.29 -10.90
C ASP C 261 -18.59 -35.87 -11.42
N LEU C 262 -17.39 -35.36 -11.66
CA LEU C 262 -17.22 -34.03 -12.26
C LEU C 262 -17.71 -34.08 -13.71
N VAL C 263 -17.73 -35.26 -14.33
CA VAL C 263 -18.08 -35.32 -15.78
C VAL C 263 -19.51 -34.82 -16.01
N GLU C 264 -20.47 -35.23 -15.19
CA GLU C 264 -21.86 -34.75 -15.32
C GLU C 264 -21.94 -33.25 -15.04
N ASP C 265 -21.25 -32.79 -14.00
CA ASP C 265 -21.29 -31.35 -13.61
C ASP C 265 -20.76 -30.49 -14.74
N ILE C 266 -19.71 -30.92 -15.42
CA ILE C 266 -19.11 -30.06 -16.47
C ILE C 266 -20.14 -29.86 -17.60
N ARG C 267 -20.88 -30.90 -17.97
CA ARG C 267 -21.92 -30.76 -19.02
C ARG C 267 -23.03 -29.81 -18.57
N ASP C 268 -23.53 -29.95 -17.34
CA ASP C 268 -24.62 -29.07 -16.80
C ASP C 268 -24.13 -27.64 -16.69
N MET C 269 -22.99 -27.41 -16.04
CA MET C 269 -22.50 -26.03 -15.80
C MET C 269 -22.20 -25.32 -17.13
N ASN C 270 -21.57 -25.98 -18.08
CA ASN C 270 -21.29 -25.36 -19.42
C ASN C 270 -22.60 -25.13 -20.18
N ASN C 271 -23.60 -26.01 -20.02
CA ASN C 271 -24.92 -25.87 -20.69
C ASN C 271 -25.72 -24.68 -20.14
N GLU C 272 -25.53 -24.32 -18.87
CA GLU C 272 -26.27 -23.21 -18.22
C GLU C 272 -26.37 -21.96 -19.11
N PRO C 273 -25.28 -21.34 -19.59
CA PRO C 273 -25.38 -20.08 -20.34
C PRO C 273 -26.15 -20.06 -21.66
N LEU C 274 -26.36 -21.22 -22.30
CA LEU C 274 -26.96 -21.26 -23.68
C LEU C 274 -28.29 -20.52 -23.86
N TRP C 275 -29.38 -20.96 -23.23
CA TRP C 275 -30.74 -20.38 -23.51
C TRP C 275 -30.88 -18.88 -23.20
N ALA C 276 -30.33 -18.39 -22.09
CA ALA C 276 -30.50 -16.98 -21.66
C ALA C 276 -30.49 -15.99 -22.83
N THR C 277 -31.40 -14.99 -22.84
CA THR C 277 -31.28 -13.97 -23.89
C THR C 277 -29.99 -13.18 -23.67
N LYS C 278 -29.71 -12.76 -22.42
CA LYS C 278 -28.41 -12.09 -22.12
C LYS C 278 -27.84 -12.66 -20.82
N THR C 279 -26.52 -12.48 -20.61
CA THR C 279 -25.87 -13.07 -19.40
C THR C 279 -25.27 -11.97 -18.52
N GLY C 280 -25.54 -12.03 -17.22
CA GLY C 280 -25.01 -11.03 -16.28
C GLY C 280 -23.99 -11.67 -15.34
N CYS C 281 -22.71 -11.37 -15.54
CA CYS C 281 -21.64 -11.99 -14.73
C CYS C 281 -21.24 -11.01 -13.64
N ILE C 282 -21.49 -11.35 -12.38
CA ILE C 282 -20.98 -10.50 -11.32
C ILE C 282 -19.97 -11.32 -10.54
N ILE C 283 -18.69 -11.01 -10.74
CA ILE C 283 -17.64 -11.75 -10.00
C ILE C 283 -17.13 -10.87 -8.88
N LEU C 284 -17.38 -11.27 -7.64
CA LEU C 284 -16.82 -10.53 -6.49
C LEU C 284 -15.69 -11.41 -5.99
N GLY C 285 -14.45 -10.94 -6.11
CA GLY C 285 -13.29 -11.81 -5.80
C GLY C 285 -12.70 -12.39 -7.07
N GLY C 286 -11.79 -13.35 -6.95
CA GLY C 286 -11.14 -14.00 -8.11
C GLY C 286 -10.63 -15.37 -7.69
N GLY C 287 -10.25 -16.22 -8.63
CA GLY C 287 -9.82 -17.58 -8.27
C GLY C 287 -10.41 -18.58 -9.24
N VAL C 288 -10.73 -19.78 -8.79
CA VAL C 288 -11.42 -20.77 -9.66
C VAL C 288 -12.80 -20.23 -10.06
N VAL C 289 -13.48 -19.51 -9.16
CA VAL C 289 -14.86 -19.01 -9.41
C VAL C 289 -14.88 -18.03 -10.58
N LYS C 290 -13.89 -17.14 -10.66
CA LYS C 290 -13.82 -16.22 -11.81
C LYS C 290 -13.63 -17.04 -13.08
N HIS C 291 -12.74 -18.04 -13.04
CA HIS C 291 -12.48 -18.90 -14.22
C HIS C 291 -13.69 -19.77 -14.57
N HIS C 292 -14.25 -20.48 -13.59
CA HIS C 292 -15.39 -21.42 -13.83
C HIS C 292 -16.50 -20.72 -14.61
N ILE C 293 -16.99 -19.59 -14.10
CA ILE C 293 -18.05 -18.81 -14.80
C ILE C 293 -17.50 -18.28 -16.12
N MET C 294 -16.28 -17.75 -16.12
CA MET C 294 -15.74 -17.13 -17.36
C MET C 294 -15.53 -18.17 -18.45
N ASN C 295 -15.04 -19.37 -18.10
CA ASN C 295 -14.85 -20.45 -19.11
C ASN C 295 -16.21 -20.82 -19.67
N ALA C 296 -17.22 -20.91 -18.80
CA ALA C 296 -18.58 -21.31 -19.24
C ALA C 296 -19.12 -20.30 -20.24
N ASN C 297 -18.79 -19.01 -20.06
CA ASN C 297 -19.35 -17.97 -20.93
C ASN C 297 -18.77 -18.06 -22.35
N LEU C 298 -17.66 -18.78 -22.54
CA LEU C 298 -17.08 -18.98 -23.90
C LEU C 298 -18.05 -19.74 -24.81
N TYR C 299 -18.90 -20.59 -24.22
CA TYR C 299 -19.79 -21.45 -25.03
C TYR C 299 -20.75 -20.59 -25.86
N ARG C 300 -21.38 -19.59 -25.23
CA ARG C 300 -22.30 -18.66 -25.94
C ARG C 300 -21.50 -17.50 -26.53
N ASN C 301 -20.16 -17.62 -26.57
CA ASN C 301 -19.27 -16.59 -27.18
C ASN C 301 -18.97 -15.42 -26.23
N GLY C 302 -19.43 -15.46 -24.98
CA GLY C 302 -19.03 -14.41 -24.03
C GLY C 302 -20.16 -13.85 -23.16
N ALA C 303 -19.81 -13.38 -21.95
CA ALA C 303 -20.79 -12.73 -21.05
C ALA C 303 -21.17 -11.38 -21.65
N ASP C 304 -22.41 -10.93 -21.44
CA ASP C 304 -22.84 -9.66 -22.09
C ASP C 304 -22.67 -8.53 -21.08
N PHE C 305 -22.78 -8.79 -19.77
CA PHE C 305 -22.55 -7.71 -18.77
C PHE C 305 -21.69 -8.23 -17.63
N VAL C 306 -20.59 -7.56 -17.31
CA VAL C 306 -19.69 -8.10 -16.26
C VAL C 306 -19.26 -7.01 -15.28
N VAL C 307 -19.30 -7.29 -13.97
CA VAL C 307 -18.74 -6.33 -12.97
C VAL C 307 -17.79 -7.16 -12.10
N TYR C 308 -16.50 -6.81 -12.05
CA TYR C 308 -15.53 -7.52 -11.19
C TYR C 308 -15.06 -6.60 -10.08
N VAL C 309 -15.20 -7.01 -8.83
CA VAL C 309 -14.60 -6.19 -7.75
C VAL C 309 -13.55 -7.07 -7.07
N ASN C 310 -12.29 -6.65 -7.07
CA ASN C 310 -11.17 -7.47 -6.53
C ASN C 310 -9.98 -6.59 -6.20
N THR C 311 -8.97 -7.14 -5.55
CA THR C 311 -7.77 -6.38 -5.14
C THR C 311 -6.53 -7.11 -5.66
N ALA C 312 -6.33 -7.13 -6.98
CA ALA C 312 -5.19 -7.88 -7.57
C ALA C 312 -4.72 -7.16 -8.84
N HIS C 313 -3.45 -7.33 -9.22
CA HIS C 313 -2.91 -6.59 -10.39
C HIS C 313 -2.42 -7.56 -11.47
N ASP C 314 -2.50 -7.20 -12.76
CA ASP C 314 -2.16 -8.12 -13.84
C ASP C 314 -0.67 -8.32 -14.04
N PHE C 315 0.19 -7.60 -13.31
CA PHE C 315 1.62 -7.63 -13.60
C PHE C 315 2.23 -9.01 -13.37
N ASP C 316 1.59 -9.86 -12.58
CA ASP C 316 2.13 -11.19 -12.32
C ASP C 316 1.58 -12.23 -13.29
N GLY C 317 0.78 -11.82 -14.26
CA GLY C 317 0.21 -12.73 -15.22
C GLY C 317 -0.85 -13.67 -14.68
N SER C 318 -1.25 -13.50 -13.43
CA SER C 318 -2.19 -14.42 -12.81
C SER C 318 -3.59 -14.24 -13.39
N ASP C 319 -4.38 -15.32 -13.34
CA ASP C 319 -5.79 -15.20 -13.66
C ASP C 319 -6.53 -14.32 -12.66
N SER C 320 -6.24 -14.50 -11.35
CA SER C 320 -6.96 -13.74 -10.29
C SER C 320 -6.85 -12.23 -10.50
N GLY C 321 -5.65 -11.74 -10.77
CA GLY C 321 -5.44 -10.30 -10.97
C GLY C 321 -5.67 -9.87 -12.39
N ALA C 322 -5.99 -10.81 -13.27
CA ALA C 322 -6.13 -10.48 -14.71
C ALA C 322 -7.18 -9.38 -14.88
N ARG C 323 -6.84 -8.39 -15.70
CA ARG C 323 -7.78 -7.27 -15.95
C ARG C 323 -8.93 -7.80 -16.80
N PRO C 324 -10.07 -7.08 -16.96
CA PRO C 324 -11.12 -7.55 -17.86
C PRO C 324 -10.54 -7.79 -19.26
N ASP C 325 -9.55 -7.01 -19.68
CA ASP C 325 -9.00 -7.13 -21.06
C ASP C 325 -8.39 -8.51 -21.30
N GLU C 326 -7.66 -9.05 -20.32
CA GLU C 326 -7.05 -10.40 -20.46
C GLU C 326 -8.17 -11.42 -20.69
N ALA C 327 -9.31 -11.25 -20.02
CA ALA C 327 -10.47 -12.18 -20.14
C ALA C 327 -11.12 -11.99 -21.51
N VAL C 328 -11.14 -10.75 -22.01
CA VAL C 328 -11.67 -10.50 -23.39
C VAL C 328 -10.81 -11.27 -24.39
N SER C 329 -9.51 -11.41 -24.11
CA SER C 329 -8.57 -12.09 -25.05
C SER C 329 -9.01 -13.52 -25.38
N TRP C 330 -9.46 -14.30 -24.39
CA TRP C 330 -9.81 -15.72 -24.70
C TRP C 330 -11.28 -15.84 -25.09
N GLY C 331 -12.00 -14.72 -25.16
CA GLY C 331 -13.42 -14.75 -25.61
C GLY C 331 -14.36 -15.07 -24.47
N ALA C 332 -13.91 -14.91 -23.22
CA ALA C 332 -14.78 -15.15 -22.05
C ALA C 332 -15.78 -13.99 -21.87
N ILE C 333 -15.38 -12.76 -22.21
CA ILE C 333 -16.30 -11.58 -22.14
C ILE C 333 -16.70 -11.18 -23.55
N SER C 334 -17.97 -10.88 -23.79
CA SER C 334 -18.39 -10.37 -25.12
C SER C 334 -17.58 -9.13 -25.47
N LEU C 335 -17.03 -9.07 -26.69
CA LEU C 335 -16.27 -7.90 -27.16
C LEU C 335 -17.16 -6.67 -27.02
N GLU C 336 -18.45 -6.83 -27.29
CA GLU C 336 -19.42 -5.70 -27.17
C GLU C 336 -19.54 -5.24 -25.71
N ALA C 337 -19.46 -6.15 -24.75
CA ALA C 337 -19.67 -5.80 -23.32
C ALA C 337 -18.66 -4.78 -22.84
N LYS C 338 -19.09 -3.84 -21.98
CA LYS C 338 -18.15 -2.88 -21.35
C LYS C 338 -17.86 -3.41 -19.95
N PRO C 339 -16.76 -4.17 -19.72
CA PRO C 339 -16.49 -4.73 -18.41
C PRO C 339 -16.13 -3.65 -17.39
N VAL C 340 -16.51 -3.82 -16.12
CA VAL C 340 -16.08 -2.83 -15.10
C VAL C 340 -15.29 -3.55 -14.01
N LYS C 341 -14.10 -3.05 -13.66
CA LYS C 341 -13.35 -3.61 -12.52
C LYS C 341 -13.18 -2.53 -11.47
N VAL C 342 -13.63 -2.78 -10.24
CA VAL C 342 -13.41 -1.81 -9.14
C VAL C 342 -12.32 -2.42 -8.26
N TYR C 343 -11.21 -1.72 -8.09
CA TYR C 343 -10.09 -2.31 -7.33
C TYR C 343 -10.30 -1.95 -5.87
N ALA C 344 -11.05 -2.78 -5.14
CA ALA C 344 -11.36 -2.44 -3.74
C ALA C 344 -11.79 -3.67 -2.98
N GLU C 345 -11.69 -3.65 -1.66
CA GLU C 345 -12.24 -4.78 -0.89
C GLU C 345 -13.75 -4.73 -1.14
N VAL C 346 -14.39 -5.87 -1.43
CA VAL C 346 -15.85 -5.91 -1.75
C VAL C 346 -16.65 -5.46 -0.52
N THR C 347 -16.09 -5.59 0.68
CA THR C 347 -16.86 -5.27 1.89
C THR C 347 -17.29 -3.81 1.84
N LEU C 348 -16.60 -2.97 1.07
CA LEU C 348 -16.92 -1.52 1.01
C LEU C 348 -17.65 -1.15 -0.28
N VAL C 349 -17.61 -1.97 -1.32
CA VAL C 349 -18.21 -1.56 -2.63
C VAL C 349 -19.61 -2.17 -2.84
N LEU C 350 -19.83 -3.40 -2.37
CA LEU C 350 -21.14 -4.10 -2.56
C LEU C 350 -22.29 -3.36 -1.85
N PRO C 351 -22.20 -2.82 -0.62
CA PRO C 351 -23.36 -2.19 0.00
C PRO C 351 -23.90 -1.06 -0.89
N LEU C 352 -23.03 -0.24 -1.48
CA LEU C 352 -23.45 0.81 -2.44
C LEU C 352 -24.00 0.21 -3.73
N LEU C 353 -23.41 -0.87 -4.22
CA LEU C 353 -23.90 -1.54 -5.47
C LEU C 353 -25.33 -2.08 -5.28
N VAL C 354 -25.62 -2.75 -4.16
CA VAL C 354 -27.01 -3.24 -3.88
C VAL C 354 -27.94 -2.05 -3.64
N ALA C 355 -27.49 -1.05 -2.88
CA ALA C 355 -28.33 0.11 -2.52
C ALA C 355 -28.71 0.87 -3.78
N GLY C 356 -27.79 0.99 -4.72
CA GLY C 356 -28.04 1.79 -5.92
C GLY C 356 -28.63 0.97 -7.05
N SER C 357 -28.88 -0.33 -6.88
CA SER C 357 -29.47 -1.03 -8.05
C SER C 357 -30.67 -1.93 -7.71
N PHE C 358 -30.46 -3.06 -7.07
CA PHE C 358 -31.55 -4.03 -6.81
C PHE C 358 -32.66 -3.45 -5.92
N SER C 359 -32.31 -2.71 -4.87
CA SER C 359 -33.36 -2.25 -3.91
C SER C 359 -34.36 -1.38 -4.65
N LYS C 360 -33.88 -0.46 -5.47
CA LYS C 360 -34.78 0.44 -6.21
C LYS C 360 -35.64 -0.38 -7.19
N PHE C 361 -35.05 -1.36 -7.89
CA PHE C 361 -35.81 -2.13 -8.92
C PHE C 361 -36.95 -2.91 -8.27
N LEU C 362 -36.71 -3.51 -7.11
CA LEU C 362 -37.77 -4.31 -6.42
C LEU C 362 -38.92 -3.36 -6.07
N ALA C 363 -38.60 -2.17 -5.58
CA ALA C 363 -39.62 -1.16 -5.25
C ALA C 363 -40.35 -0.72 -6.52
N GLU C 364 -39.61 -0.53 -7.60
CA GLU C 364 -40.23 -0.11 -8.90
C GLU C 364 -41.28 -1.15 -9.32
N THR D 25 22.61 -8.88 17.59
CA THR D 25 21.81 -8.57 16.38
C THR D 25 22.76 -8.40 15.19
N PRO D 26 22.61 -9.19 14.11
CA PRO D 26 23.55 -9.16 13.00
C PRO D 26 23.62 -7.80 12.29
N LEU D 27 24.71 -7.48 11.61
CA LEU D 27 24.80 -6.12 11.02
C LEU D 27 24.18 -6.09 9.63
N VAL D 28 24.11 -4.91 9.01
CA VAL D 28 23.63 -4.84 7.61
C VAL D 28 24.84 -4.49 6.77
N LYS D 29 25.43 -5.48 6.11
CA LYS D 29 26.57 -5.18 5.22
C LYS D 29 26.33 -5.85 3.87
N GLY D 30 26.18 -5.07 2.80
CA GLY D 30 26.04 -5.65 1.46
C GLY D 30 27.39 -6.11 0.94
N TYR D 31 27.41 -7.02 -0.03
CA TYR D 31 28.69 -7.43 -0.64
C TYR D 31 29.33 -6.19 -1.30
N VAL D 32 30.62 -5.98 -1.06
CA VAL D 32 31.33 -4.80 -1.64
C VAL D 32 31.88 -5.21 -3.02
N PRO D 33 31.40 -4.70 -4.18
CA PRO D 33 31.92 -5.19 -5.45
C PRO D 33 33.43 -4.96 -5.53
N ASP D 34 34.18 -5.87 -6.15
CA ASP D 34 35.67 -5.76 -6.17
C ASP D 34 36.09 -4.60 -7.09
N ASP D 35 36.88 -3.66 -6.56
CA ASP D 35 37.33 -2.50 -7.37
C ASP D 35 38.20 -2.99 -8.53
N PHE D 39 33.00 -9.00 -10.85
CA PHE D 39 31.93 -9.43 -9.90
C PHE D 39 31.85 -10.93 -9.63
N ASP D 40 31.66 -11.32 -8.36
CA ASP D 40 31.44 -12.75 -8.06
C ASP D 40 29.98 -12.93 -7.66
N PHE D 41 29.16 -13.50 -8.55
CA PHE D 41 27.69 -13.63 -8.28
C PHE D 41 27.45 -14.54 -7.07
N ASP D 42 28.33 -15.53 -6.87
CA ASP D 42 28.17 -16.46 -5.73
C ASP D 42 28.30 -15.69 -4.41
N LYS D 43 29.26 -14.76 -4.33
CA LYS D 43 29.49 -14.03 -3.06
C LYS D 43 28.31 -13.10 -2.77
N MET D 44 27.71 -12.51 -3.81
CA MET D 44 26.53 -11.64 -3.61
C MET D 44 25.41 -12.46 -2.97
N LEU D 45 25.23 -13.71 -3.38
CA LEU D 45 24.16 -14.59 -2.86
C LEU D 45 24.38 -14.89 -1.37
N GLU D 46 25.63 -14.95 -0.92
CA GLU D 46 25.92 -15.17 0.52
C GLU D 46 25.51 -13.95 1.34
N GLN D 47 25.63 -12.75 0.76
CA GLN D 47 25.34 -11.50 1.53
C GLN D 47 23.89 -11.06 1.34
N MET D 48 23.10 -11.78 0.54
CA MET D 48 21.69 -11.42 0.27
C MET D 48 20.91 -11.44 1.59
N LYS D 49 21.15 -12.45 2.44
CA LYS D 49 20.48 -12.56 3.76
C LYS D 49 20.79 -11.32 4.60
N TYR D 50 21.80 -10.52 4.21
CA TYR D 50 22.17 -9.37 5.02
C TYR D 50 21.95 -8.05 4.30
N CYS D 51 21.19 -8.01 3.22
CA CYS D 51 21.01 -6.74 2.47
C CYS D 51 19.66 -6.09 2.82
N GLY D 52 18.83 -6.71 3.66
CA GLY D 52 17.61 -6.06 4.12
C GLY D 52 16.43 -6.34 3.21
N PHE D 53 15.25 -5.97 3.72
CA PHE D 53 13.94 -6.09 2.99
C PHE D 53 13.66 -7.47 2.43
N GLN D 54 13.16 -7.55 1.20
CA GLN D 54 12.82 -8.87 0.57
C GLN D 54 14.08 -9.69 0.28
N ALA D 55 15.23 -9.05 0.11
CA ALA D 55 16.50 -9.77 -0.06
C ALA D 55 16.76 -10.52 1.24
N THR D 56 16.40 -9.96 2.38
CA THR D 56 16.70 -10.76 3.58
C THR D 56 15.93 -12.08 3.46
N ASN D 57 14.68 -12.02 3.02
CA ASN D 57 13.83 -13.24 2.93
C ASN D 57 14.36 -14.21 1.87
N LEU D 58 14.79 -13.72 0.69
CA LEU D 58 15.32 -14.60 -0.39
C LEU D 58 16.54 -15.31 0.16
N GLY D 59 17.40 -14.62 0.90
CA GLY D 59 18.53 -15.31 1.52
C GLY D 59 18.10 -16.33 2.56
N LEU D 60 17.15 -15.98 3.44
CA LEU D 60 16.63 -16.93 4.47
C LEU D 60 15.85 -18.07 3.80
N ALA D 61 15.16 -17.79 2.69
CA ALA D 61 14.43 -18.83 1.94
C ALA D 61 15.42 -19.88 1.41
N ILE D 62 16.56 -19.44 0.88
CA ILE D 62 17.55 -20.37 0.29
C ILE D 62 17.95 -21.27 1.45
N ASP D 63 18.05 -20.70 2.64
CA ASP D 63 18.49 -21.49 3.81
C ASP D 63 17.47 -22.60 4.10
N GLN D 64 16.18 -22.29 4.02
CA GLN D 64 15.13 -23.29 4.36
C GLN D 64 15.20 -24.45 3.37
N ILE D 65 15.37 -24.15 2.08
CA ILE D 65 15.47 -25.21 1.04
C ILE D 65 16.71 -26.06 1.32
N ASN D 66 17.83 -25.42 1.68
CA ASN D 66 19.07 -26.17 2.03
C ASN D 66 18.78 -27.10 3.19
N GLU D 67 18.07 -26.63 4.21
CA GLU D 67 17.82 -27.46 5.41
C GLU D 67 17.04 -28.71 4.99
N MET D 68 16.10 -28.58 4.07
CA MET D 68 15.25 -29.75 3.71
C MET D 68 16.09 -30.85 3.10
N LEU D 69 16.95 -30.49 2.15
CA LEU D 69 17.78 -31.48 1.44
C LEU D 69 18.76 -32.14 2.41
N HIS D 70 19.47 -31.36 3.23
CA HIS D 70 20.46 -31.90 4.19
C HIS D 70 19.83 -32.11 5.58
N TYR D 71 18.87 -33.06 5.66
CA TYR D 71 18.29 -33.49 6.95
C TYR D 71 18.31 -35.02 6.91
N ASP D 72 19.12 -35.64 7.76
CA ASP D 72 19.12 -37.13 7.83
C ASP D 72 18.86 -37.54 9.28
N TYR D 73 17.91 -38.46 9.47
CA TYR D 73 17.58 -38.96 10.83
C TYR D 73 17.55 -40.49 10.81
N GLU D 74 18.46 -41.13 11.54
CA GLU D 74 18.52 -42.61 11.58
C GLU D 74 17.23 -43.13 12.20
N PRO D 75 16.59 -44.20 11.65
CA PRO D 75 15.38 -44.77 12.25
C PRO D 75 15.73 -45.65 13.45
N LYS D 82 12.91 -45.43 5.26
CA LYS D 82 11.97 -44.30 5.00
C LYS D 82 12.59 -43.35 3.99
N LEU D 83 13.45 -43.86 3.12
CA LEU D 83 14.14 -43.00 2.12
C LEU D 83 13.18 -42.56 1.02
N PHE D 84 13.41 -41.38 0.45
CA PHE D 84 12.51 -40.80 -0.56
C PHE D 84 13.40 -40.20 -1.64
N GLY D 85 12.83 -39.87 -2.79
CA GLY D 85 13.65 -39.36 -3.90
C GLY D 85 14.56 -40.44 -4.46
N LEU D 86 14.17 -41.71 -4.30
CA LEU D 86 14.95 -42.84 -4.83
C LEU D 86 15.04 -42.68 -6.35
N GLY D 87 13.96 -42.22 -6.97
CA GLY D 87 13.95 -42.03 -8.44
C GLY D 87 13.34 -43.21 -9.15
N GLY D 88 13.29 -43.16 -10.48
CA GLY D 88 12.69 -44.24 -11.29
C GLY D 88 13.73 -45.25 -11.74
N GLY D 89 15.00 -45.03 -11.38
CA GLY D 89 16.06 -45.98 -11.76
C GLY D 89 16.52 -45.76 -13.17
N VAL D 90 16.11 -44.66 -13.80
CA VAL D 90 16.47 -44.43 -15.24
C VAL D 90 17.99 -44.33 -15.33
N GLU D 91 18.59 -44.97 -16.34
CA GLU D 91 20.08 -45.00 -16.46
C GLU D 91 20.64 -43.63 -16.84
N GLY D 92 21.80 -43.27 -16.27
CA GLY D 92 22.45 -41.99 -16.60
C GLY D 92 21.94 -40.82 -15.77
N VAL D 93 21.05 -41.08 -14.81
CA VAL D 93 20.45 -39.95 -14.04
C VAL D 93 20.86 -40.08 -12.58
N LYS D 94 21.35 -39.00 -11.97
CA LYS D 94 21.86 -39.04 -10.56
C LYS D 94 20.70 -38.82 -9.58
N TYR D 95 20.61 -39.67 -8.56
CA TYR D 95 19.49 -39.58 -7.58
C TYR D 95 20.05 -39.69 -6.17
N LYS D 96 19.45 -39.01 -5.19
CA LYS D 96 20.02 -39.03 -3.83
C LYS D 96 18.92 -39.29 -2.80
N PRO D 97 19.15 -40.16 -1.79
CA PRO D 97 18.18 -40.41 -0.72
C PRO D 97 17.97 -39.25 0.26
N ARG D 98 16.72 -38.98 0.65
CA ARG D 98 16.38 -37.89 1.61
C ARG D 98 15.43 -38.46 2.65
N ALA D 99 15.60 -38.12 3.92
CA ALA D 99 14.60 -38.56 4.89
C ALA D 99 13.51 -37.50 4.81
N CYS D 100 13.48 -36.74 3.71
CA CYS D 100 12.52 -35.60 3.60
C CYS D 100 11.55 -35.76 2.42
N LYS D 101 10.26 -35.54 2.64
CA LYS D 101 9.23 -35.58 1.55
C LYS D 101 8.97 -34.15 1.10
N ILE D 102 9.05 -33.85 -0.19
CA ILE D 102 8.89 -32.43 -0.59
C ILE D 102 7.66 -32.23 -1.48
N PHE D 103 6.78 -31.31 -1.10
CA PHE D 103 5.55 -31.00 -1.88
C PHE D 103 5.71 -29.65 -2.60
N LEU D 104 5.57 -29.64 -3.92
CA LEU D 104 5.82 -28.39 -4.66
C LEU D 104 4.50 -27.95 -5.27
N GLY D 105 4.00 -26.79 -4.87
CA GLY D 105 2.69 -26.35 -5.37
C GLY D 105 2.92 -25.26 -6.37
N ILE D 106 2.58 -25.52 -7.61
CA ILE D 106 2.91 -24.51 -8.65
C ILE D 106 1.60 -23.99 -9.24
N THR D 107 1.41 -22.68 -9.24
CA THR D 107 0.20 -22.16 -9.91
C THR D 107 0.45 -22.36 -11.40
N SER D 108 -0.59 -22.27 -12.22
CA SER D 108 -0.44 -22.59 -13.66
C SER D 108 0.55 -21.65 -14.35
N ASN D 109 0.60 -20.38 -13.98
CA ASN D 109 1.46 -19.38 -14.64
C ASN D 109 2.93 -19.79 -14.71
N LEU D 110 3.41 -20.49 -13.66
CA LEU D 110 4.82 -20.94 -13.52
C LEU D 110 5.19 -21.94 -14.60
N ILE D 111 4.42 -23.01 -14.73
CA ILE D 111 4.68 -24.02 -15.80
C ILE D 111 4.62 -23.29 -17.14
N SER D 112 3.73 -22.31 -17.25
CA SER D 112 3.60 -21.55 -18.52
C SER D 112 4.91 -20.81 -18.85
N SER D 113 5.62 -20.29 -17.85
CA SER D 113 6.82 -19.45 -18.10
C SER D 113 8.08 -20.30 -18.29
N GLY D 114 9.24 -19.65 -18.26
CA GLY D 114 10.52 -20.36 -18.40
C GLY D 114 10.95 -21.02 -17.11
N MET D 115 10.13 -20.94 -16.06
CA MET D 115 10.42 -21.64 -14.78
C MET D 115 10.22 -23.14 -14.97
N ARG D 116 9.67 -23.56 -16.12
CA ARG D 116 9.39 -25.00 -16.37
C ARG D 116 10.71 -25.77 -16.28
N ASP D 117 11.81 -25.21 -16.79
CA ASP D 117 13.11 -25.90 -16.81
C ASP D 117 13.63 -26.18 -15.38
N TYR D 118 13.50 -25.21 -14.46
CA TYR D 118 13.95 -25.39 -13.05
C TYR D 118 13.07 -26.43 -12.36
N ILE D 119 11.77 -26.41 -12.63
CA ILE D 119 10.83 -27.44 -12.07
C ILE D 119 11.18 -28.83 -12.64
N ARG D 120 11.50 -28.91 -13.93
CA ARG D 120 11.85 -30.21 -14.57
C ARG D 120 13.10 -30.76 -13.89
N PHE D 121 14.06 -29.90 -13.57
CA PHE D 121 15.34 -30.34 -12.94
C PHE D 121 15.03 -30.98 -11.58
N LEU D 122 14.08 -30.40 -10.85
CA LEU D 122 13.71 -30.92 -9.51
C LEU D 122 13.12 -32.33 -9.63
N VAL D 123 12.31 -32.58 -10.66
CA VAL D 123 11.64 -33.92 -10.78
C VAL D 123 12.62 -34.95 -11.36
N LYS D 124 13.53 -34.51 -12.24
CA LYS D 124 14.45 -35.48 -12.90
C LYS D 124 15.31 -36.14 -11.83
N HIS D 125 15.73 -35.37 -10.83
CA HIS D 125 16.61 -35.91 -9.76
C HIS D 125 15.75 -36.29 -8.55
N ALA D 126 14.44 -36.41 -8.76
CA ALA D 126 13.50 -36.85 -7.70
C ALA D 126 13.63 -36.00 -6.43
N LEU D 127 14.09 -34.76 -6.56
CA LEU D 127 14.19 -33.84 -5.39
C LEU D 127 12.79 -33.51 -4.84
N VAL D 128 11.78 -33.37 -5.71
CA VAL D 128 10.38 -33.13 -5.20
C VAL D 128 9.57 -34.43 -5.26
N ASP D 129 9.14 -34.92 -4.09
CA ASP D 129 8.35 -36.19 -4.01
C ASP D 129 6.95 -36.08 -4.64
N VAL D 130 6.23 -34.98 -4.43
CA VAL D 130 4.81 -34.88 -4.91
C VAL D 130 4.60 -33.51 -5.57
N VAL D 131 3.63 -33.39 -6.49
CA VAL D 131 3.34 -32.05 -7.07
C VAL D 131 1.83 -31.81 -7.08
N VAL D 132 1.36 -30.63 -6.69
CA VAL D 132 -0.09 -30.24 -6.79
C VAL D 132 -0.13 -29.07 -7.75
N CYS D 133 -0.90 -29.15 -8.83
CA CYS D 133 -0.91 -28.06 -9.82
C CYS D 133 -2.30 -27.97 -10.44
N THR D 134 -2.67 -26.80 -10.93
CA THR D 134 -4.03 -26.57 -11.48
C THR D 134 -4.12 -27.05 -12.93
N ALA D 135 -5.32 -27.29 -13.45
CA ALA D 135 -5.52 -27.86 -14.81
C ALA D 135 -4.76 -27.12 -15.92
N GLY D 136 -4.33 -25.89 -15.64
CA GLY D 136 -3.63 -25.08 -16.65
C GLY D 136 -2.17 -25.46 -16.71
N GLY D 137 -1.54 -25.67 -15.57
CA GLY D 137 -0.15 -26.17 -15.55
C GLY D 137 -0.08 -27.58 -16.09
N ILE D 138 -1.04 -28.43 -15.72
CA ILE D 138 -1.07 -29.84 -16.20
C ILE D 138 -1.24 -29.82 -17.71
N GLU D 139 -2.22 -29.06 -18.22
CA GLU D 139 -2.40 -28.94 -19.68
C GLU D 139 -1.16 -28.29 -20.31
N GLU D 140 -0.55 -27.29 -19.65
CA GLU D 140 0.57 -26.52 -20.27
C GLU D 140 1.78 -27.41 -20.57
N ASP D 141 2.17 -28.28 -19.64
CA ASP D 141 3.40 -29.08 -19.87
C ASP D 141 3.17 -29.93 -21.13
N PHE D 142 2.01 -30.57 -21.23
CA PHE D 142 1.70 -31.46 -22.38
C PHE D 142 1.62 -30.62 -23.66
N ILE D 143 1.00 -29.44 -23.61
CA ILE D 143 0.83 -28.62 -24.85
C ILE D 143 2.19 -28.10 -25.36
N LYS D 144 3.09 -27.71 -24.47
CA LYS D 144 4.41 -27.13 -24.87
C LYS D 144 5.15 -28.21 -25.65
N CYS D 145 5.01 -29.45 -25.21
CA CYS D 145 5.71 -30.56 -25.89
C CYS D 145 5.21 -30.60 -27.33
N LEU D 146 3.91 -30.46 -27.57
CA LEU D 146 3.40 -30.41 -28.96
C LEU D 146 3.77 -29.09 -29.66
N ALA D 147 3.59 -27.94 -28.99
CA ALA D 147 3.96 -26.63 -29.58
C ALA D 147 4.44 -25.67 -28.47
N PRO D 148 5.54 -24.90 -28.67
CA PRO D 148 6.11 -24.06 -27.60
C PRO D 148 5.40 -22.78 -27.15
N THR D 149 5.58 -22.38 -25.87
CA THR D 149 5.00 -21.10 -25.36
C THR D 149 5.82 -19.93 -25.92
N HIS D 150 5.24 -18.74 -26.02
CA HIS D 150 5.93 -17.58 -26.64
C HIS D 150 5.89 -16.37 -25.71
N MET D 151 6.81 -15.41 -25.87
CA MET D 151 6.79 -14.16 -25.06
C MET D 151 6.13 -13.05 -25.89
N PHE D 155 -0.14 -5.08 -21.29
CA PHE D 155 -0.33 -3.81 -22.05
C PHE D 155 -1.00 -4.10 -23.40
N HIS D 156 -0.84 -5.32 -23.92
CA HIS D 156 -1.40 -5.68 -25.24
C HIS D 156 -2.93 -5.54 -25.16
N ASP D 157 -3.56 -4.98 -26.19
CA ASP D 157 -5.03 -4.77 -26.10
C ASP D 157 -5.68 -6.15 -26.05
N GLY D 158 -6.58 -6.38 -25.08
CA GLY D 158 -7.24 -7.69 -24.93
C GLY D 158 -8.16 -8.06 -26.10
N HIS D 159 -8.91 -7.08 -26.61
CA HIS D 159 -9.80 -7.33 -27.78
C HIS D 159 -8.96 -7.76 -28.98
N ASP D 160 -7.83 -7.10 -29.22
CA ASP D 160 -7.00 -7.40 -30.41
C ASP D 160 -6.49 -8.84 -30.35
N LEU D 161 -6.13 -9.30 -29.16
CA LEU D 161 -5.56 -10.66 -29.03
C LEU D 161 -6.62 -11.71 -29.43
N ARG D 162 -7.88 -11.51 -29.08
CA ARG D 162 -8.96 -12.44 -29.52
C ARG D 162 -9.06 -12.40 -31.06
N LYS D 163 -8.94 -11.21 -31.65
CA LYS D 163 -9.07 -11.06 -33.13
C LYS D 163 -7.96 -11.87 -33.83
N ARG D 164 -6.76 -11.93 -33.22
CA ARG D 164 -5.61 -12.64 -33.84
C ARG D 164 -5.60 -14.10 -33.39
N GLY D 165 -6.65 -14.55 -32.70
CA GLY D 165 -6.66 -15.92 -32.16
C GLY D 165 -5.53 -16.18 -31.18
N LEU D 166 -5.28 -15.26 -30.25
CA LEU D 166 -4.17 -15.39 -29.28
C LEU D 166 -4.73 -15.40 -27.85
N ASN D 167 -4.19 -16.25 -26.97
CA ASN D 167 -4.63 -16.30 -25.54
C ASN D 167 -3.51 -15.67 -24.70
N ARG D 168 -3.80 -14.65 -23.90
CA ARG D 168 -2.72 -13.92 -23.18
C ARG D 168 -2.70 -14.19 -21.68
N ILE D 169 -1.56 -14.60 -21.14
CA ILE D 169 -1.39 -14.76 -19.67
C ILE D 169 -0.16 -13.91 -19.33
N GLY D 170 -0.30 -12.81 -18.59
CA GLY D 170 0.86 -11.91 -18.36
C GLY D 170 1.44 -11.41 -19.66
N ASN D 171 2.76 -11.52 -19.83
CA ASN D 171 3.44 -11.12 -21.10
C ASN D 171 3.67 -12.38 -21.94
N LEU D 172 3.08 -13.51 -21.55
CA LEU D 172 3.25 -14.79 -22.27
C LEU D 172 1.95 -15.11 -23.03
N ILE D 173 2.04 -15.31 -24.35
CA ILE D 173 0.83 -15.59 -25.18
C ILE D 173 0.88 -17.01 -25.74
N VAL D 174 -0.15 -17.84 -25.51
CA VAL D 174 -0.22 -19.24 -26.02
C VAL D 174 -1.12 -19.24 -27.25
N PRO D 175 -0.66 -19.67 -28.44
CA PRO D 175 -1.46 -19.58 -29.66
C PRO D 175 -2.71 -20.49 -29.59
N ASN D 176 -3.77 -20.14 -30.31
CA ASN D 176 -5.04 -20.93 -30.21
C ASN D 176 -4.83 -22.29 -30.88
N LYS D 177 -3.90 -22.38 -31.83
CA LYS D 177 -3.62 -23.66 -32.53
C LYS D 177 -3.12 -24.70 -31.51
N ASN D 178 -2.40 -24.25 -30.49
CA ASN D 178 -1.77 -25.18 -29.53
C ASN D 178 -2.81 -26.06 -28.84
N TYR D 179 -3.99 -25.52 -28.53
CA TYR D 179 -5.05 -26.29 -27.82
C TYR D 179 -5.56 -27.47 -28.65
N CYS D 180 -5.68 -27.31 -29.97
CA CYS D 180 -6.13 -28.41 -30.86
C CYS D 180 -5.15 -29.59 -30.80
N LEU D 181 -3.83 -29.32 -30.71
CA LEU D 181 -2.81 -30.39 -30.65
C LEU D 181 -3.04 -31.24 -29.40
N PHE D 182 -3.37 -30.60 -28.27
CA PHE D 182 -3.67 -31.34 -27.02
C PHE D 182 -4.91 -32.19 -27.25
N GLU D 183 -5.88 -31.64 -27.99
CA GLU D 183 -7.16 -32.38 -28.18
C GLU D 183 -6.87 -33.71 -28.86
N ASP D 184 -6.05 -33.71 -29.90
CA ASP D 184 -5.82 -34.96 -30.65
C ASP D 184 -5.20 -36.00 -29.73
N TRP D 185 -4.22 -35.60 -28.92
CA TRP D 185 -3.49 -36.57 -28.06
C TRP D 185 -4.36 -37.15 -26.93
N ILE D 186 -5.13 -36.31 -26.25
CA ILE D 186 -5.92 -36.77 -25.06
C ILE D 186 -7.11 -37.66 -25.45
N MET D 187 -7.76 -37.41 -26.57
CA MET D 187 -9.02 -38.17 -26.86
C MET D 187 -8.80 -39.67 -26.89
N PRO D 188 -7.79 -40.25 -27.58
CA PRO D 188 -7.66 -41.71 -27.63
C PRO D 188 -7.43 -42.33 -26.24
N ILE D 189 -6.63 -41.66 -25.40
CA ILE D 189 -6.34 -42.17 -24.03
C ILE D 189 -7.64 -42.19 -23.23
N LEU D 190 -8.49 -41.18 -23.41
CA LEU D 190 -9.80 -41.14 -22.71
C LEU D 190 -10.69 -42.29 -23.18
N ASP D 191 -10.71 -42.58 -24.49
CA ASP D 191 -11.52 -43.71 -25.02
C ASP D 191 -11.00 -45.01 -24.41
N LYS D 192 -9.69 -45.17 -24.32
CA LYS D 192 -9.08 -46.39 -23.74
C LYS D 192 -9.41 -46.47 -22.25
N CYS D 193 -9.50 -45.33 -21.56
CA CYS D 193 -9.74 -45.36 -20.10
C CYS D 193 -11.18 -45.80 -19.88
N LEU D 194 -12.10 -45.34 -20.73
CA LEU D 194 -13.51 -45.80 -20.63
C LEU D 194 -13.56 -47.29 -20.88
N GLU D 195 -12.83 -47.78 -21.90
CA GLU D 195 -12.87 -49.21 -22.26
C GLU D 195 -12.35 -50.06 -21.10
N GLU D 196 -11.28 -49.61 -20.45
CA GLU D 196 -10.72 -50.34 -19.29
C GLU D 196 -11.74 -50.32 -18.16
N GLN D 197 -12.41 -49.19 -17.96
CA GLN D 197 -13.42 -49.05 -16.88
C GLN D 197 -14.56 -50.02 -17.17
N ASN D 198 -15.00 -50.08 -18.42
CA ASN D 198 -16.14 -50.97 -18.79
C ASN D 198 -15.78 -52.43 -18.58
N THR D 199 -14.58 -52.87 -18.99
CA THR D 199 -14.25 -54.31 -18.95
C THR D 199 -13.42 -54.72 -17.72
N GLN D 200 -12.33 -54.02 -17.45
CA GLN D 200 -11.41 -54.43 -16.35
C GLN D 200 -11.83 -53.73 -15.06
N GLY D 201 -12.87 -52.89 -15.13
CA GLY D 201 -13.42 -52.22 -13.93
C GLY D 201 -12.40 -51.35 -13.22
N THR D 202 -11.59 -50.60 -13.96
CA THR D 202 -10.67 -49.65 -13.27
C THR D 202 -11.44 -48.37 -12.96
N LYS D 203 -11.43 -47.94 -11.69
CA LYS D 203 -12.18 -46.73 -11.31
C LYS D 203 -11.23 -45.55 -11.45
N TRP D 204 -11.50 -44.64 -12.38
CA TRP D 204 -10.54 -43.54 -12.65
C TRP D 204 -10.67 -42.38 -11.66
N THR D 205 -9.61 -41.58 -11.52
CA THR D 205 -9.65 -40.35 -10.68
C THR D 205 -8.79 -39.32 -11.41
N PRO D 206 -8.75 -38.03 -11.01
CA PRO D 206 -7.86 -37.04 -11.65
C PRO D 206 -6.34 -37.30 -11.61
N SER D 207 -5.79 -37.79 -10.49
CA SER D 207 -4.34 -38.13 -10.40
C SER D 207 -3.98 -39.26 -11.37
N LYS D 208 -4.80 -40.32 -11.44
CA LYS D 208 -4.49 -41.49 -12.32
C LYS D 208 -4.39 -41.01 -13.77
N LEU D 209 -5.33 -40.15 -14.18
CA LEU D 209 -5.35 -39.70 -15.60
C LEU D 209 -4.04 -38.99 -15.91
N ILE D 210 -3.55 -38.14 -15.00
CA ILE D 210 -2.30 -37.36 -15.28
C ILE D 210 -1.11 -38.32 -15.43
N HIS D 211 -1.02 -39.34 -14.59
CA HIS D 211 0.09 -40.34 -14.70
C HIS D 211 -0.01 -41.08 -16.04
N ARG D 212 -1.24 -41.43 -16.43
CA ARG D 212 -1.42 -42.14 -17.72
C ARG D 212 -0.95 -41.21 -18.84
N LEU D 213 -1.27 -39.92 -18.75
CA LEU D 213 -0.88 -38.93 -19.79
C LEU D 213 0.65 -38.80 -19.83
N GLY D 214 1.30 -38.77 -18.67
CA GLY D 214 2.77 -38.69 -18.60
C GLY D 214 3.39 -39.91 -19.26
N LEU D 215 2.80 -41.09 -19.05
CA LEU D 215 3.31 -42.31 -19.73
C LEU D 215 3.17 -42.19 -21.25
N GLU D 216 2.13 -41.48 -21.74
CA GLU D 216 1.87 -41.37 -23.20
C GLU D 216 2.79 -40.35 -23.85
N ILE D 217 3.07 -39.24 -23.16
CA ILE D 217 3.95 -38.17 -23.75
C ILE D 217 5.34 -38.77 -23.95
N ASN D 218 5.84 -39.57 -23.00
CA ASN D 218 7.14 -40.28 -23.13
C ASN D 218 8.26 -39.30 -23.49
N ASN D 219 8.28 -38.10 -22.89
CA ASN D 219 9.30 -37.09 -23.27
C ASN D 219 9.99 -36.62 -21.99
N GLU D 220 11.33 -36.73 -21.91
CA GLU D 220 12.07 -36.33 -20.68
C GLU D 220 11.89 -34.83 -20.48
N ASP D 221 11.62 -34.11 -21.57
CA ASP D 221 11.36 -32.65 -21.49
C ASP D 221 10.14 -32.42 -20.57
N SER D 222 9.16 -33.31 -20.57
CA SER D 222 7.94 -33.06 -19.78
C SER D 222 8.24 -33.17 -18.28
N VAL D 223 7.74 -32.23 -17.48
CA VAL D 223 7.88 -32.27 -16.00
C VAL D 223 7.11 -33.49 -15.54
N TRP D 224 5.94 -33.71 -16.14
CA TRP D 224 5.05 -34.83 -15.74
C TRP D 224 5.63 -36.21 -16.11
N TYR D 225 6.33 -36.30 -17.26
CA TYR D 225 6.94 -37.59 -17.66
C TYR D 225 7.98 -38.04 -16.63
N TRP D 226 8.81 -37.11 -16.17
CA TRP D 226 9.83 -37.47 -15.15
C TRP D 226 9.14 -37.72 -13.81
N ALA D 227 7.98 -37.11 -13.60
CA ALA D 227 7.25 -37.41 -12.37
C ALA D 227 6.68 -38.83 -12.41
N ALA D 228 6.20 -39.21 -13.61
CA ALA D 228 5.59 -40.54 -13.84
C ALA D 228 6.66 -41.63 -13.86
N LYS D 229 7.74 -41.40 -14.62
CA LYS D 229 8.84 -42.39 -14.71
C LYS D 229 9.41 -42.58 -13.32
N ASN D 230 9.42 -41.52 -12.51
CA ASN D 230 10.02 -41.58 -11.15
C ASN D 230 8.94 -41.93 -10.12
N ASN D 231 7.74 -42.29 -10.57
CA ASN D 231 6.62 -42.66 -9.65
C ASN D 231 6.32 -41.50 -8.69
N ILE D 232 6.16 -40.29 -9.21
CA ILE D 232 5.85 -39.08 -8.38
C ILE D 232 4.38 -38.72 -8.62
N PRO D 233 3.53 -38.72 -7.58
CA PRO D 233 2.11 -38.46 -7.76
C PRO D 233 1.79 -36.99 -8.06
N VAL D 234 0.87 -36.70 -8.97
CA VAL D 234 0.47 -35.27 -9.20
C VAL D 234 -1.04 -35.10 -8.95
N TYR D 235 -1.48 -34.20 -8.06
CA TYR D 235 -2.92 -34.06 -7.70
C TYR D 235 -3.53 -32.76 -8.25
N SER D 236 -4.84 -32.74 -8.55
CA SER D 236 -5.51 -31.60 -9.18
C SER D 236 -7.01 -31.75 -8.97
N PRO D 237 -7.54 -31.38 -7.81
CA PRO D 237 -8.94 -31.74 -7.51
C PRO D 237 -9.97 -31.01 -8.35
N ALA D 238 -9.65 -29.84 -8.90
CA ALA D 238 -10.50 -29.18 -9.90
C ALA D 238 -9.93 -29.41 -11.29
N LEU D 239 -9.73 -30.68 -11.68
CA LEU D 239 -9.10 -30.97 -13.00
C LEU D 239 -10.05 -30.54 -14.12
N THR D 240 -11.35 -30.56 -13.85
CA THR D 240 -12.37 -30.17 -14.86
C THR D 240 -12.30 -28.67 -15.10
N ASP D 241 -11.70 -27.92 -14.17
CA ASP D 241 -11.59 -26.45 -14.30
C ASP D 241 -10.39 -26.12 -15.19
N GLY D 242 -10.52 -26.24 -16.51
CA GLY D 242 -9.38 -26.01 -17.41
C GLY D 242 -9.63 -26.61 -18.77
N SER D 243 -8.60 -26.72 -19.61
CA SER D 243 -8.75 -27.37 -20.94
C SER D 243 -9.05 -28.86 -20.81
N ILE D 244 -8.44 -29.55 -19.83
CA ILE D 244 -8.64 -31.01 -19.66
C ILE D 244 -10.11 -31.27 -19.35
N GLY D 245 -10.71 -30.47 -18.46
CA GLY D 245 -12.16 -30.59 -18.16
C GLY D 245 -13.05 -30.25 -19.33
N ASP D 246 -12.71 -29.21 -20.09
CA ASP D 246 -13.50 -28.86 -21.30
C ASP D 246 -13.41 -30.03 -22.30
N MET D 247 -12.24 -30.64 -22.42
CA MET D 247 -12.06 -31.81 -23.34
C MET D 247 -12.93 -32.96 -22.87
N ILE D 248 -13.05 -33.15 -21.56
CA ILE D 248 -13.92 -34.23 -21.01
C ILE D 248 -15.38 -33.97 -21.42
N TYR D 249 -15.80 -32.71 -21.41
CA TYR D 249 -17.20 -32.37 -21.76
C TYR D 249 -17.51 -32.82 -23.18
N PHE D 250 -16.63 -32.50 -24.13
CA PHE D 250 -16.87 -32.85 -25.55
C PHE D 250 -16.86 -34.38 -25.72
N HIS D 251 -15.99 -35.06 -24.99
CA HIS D 251 -15.89 -36.53 -25.08
C HIS D 251 -17.19 -37.19 -24.61
N SER D 252 -17.82 -36.65 -23.56
CA SER D 252 -19.04 -37.31 -23.00
C SER D 252 -20.15 -37.36 -24.05
N TYR D 253 -20.27 -36.35 -24.91
CA TYR D 253 -21.42 -36.40 -25.85
C TYR D 253 -21.15 -37.42 -26.97
N ASN D 254 -19.92 -37.94 -27.05
CA ASN D 254 -19.59 -38.98 -28.06
C ASN D 254 -19.51 -40.35 -27.37
N ASN D 255 -18.82 -40.43 -26.24
CA ASN D 255 -18.63 -41.73 -25.53
C ASN D 255 -19.06 -41.58 -24.07
N PRO D 256 -20.34 -41.71 -23.73
CA PRO D 256 -20.81 -41.46 -22.36
C PRO D 256 -20.45 -42.52 -21.33
N GLY D 257 -20.51 -42.16 -20.04
CA GLY D 257 -20.28 -43.14 -18.96
C GLY D 257 -18.91 -43.02 -18.33
N LEU D 258 -18.07 -42.09 -18.81
CA LEU D 258 -16.76 -41.87 -18.13
C LEU D 258 -17.03 -41.19 -16.79
N VAL D 259 -16.43 -41.70 -15.72
CA VAL D 259 -16.64 -41.10 -14.37
C VAL D 259 -15.28 -40.68 -13.79
N LEU D 260 -15.11 -39.40 -13.46
CA LEU D 260 -13.88 -38.93 -12.76
C LEU D 260 -14.28 -38.73 -11.30
N ASP D 261 -13.95 -39.68 -10.43
CA ASP D 261 -14.44 -39.61 -9.02
C ASP D 261 -13.50 -38.82 -8.13
N LEU D 262 -13.99 -37.74 -7.53
CA LEU D 262 -13.20 -36.93 -6.57
C LEU D 262 -13.04 -37.69 -5.25
N VAL D 263 -14.01 -38.52 -4.87
CA VAL D 263 -13.91 -39.16 -3.51
C VAL D 263 -12.59 -39.91 -3.38
N GLU D 264 -12.23 -40.73 -4.37
CA GLU D 264 -10.98 -41.54 -4.26
C GLU D 264 -9.76 -40.60 -4.22
N ASP D 265 -9.76 -39.55 -5.04
CA ASP D 265 -8.57 -38.64 -5.12
C ASP D 265 -8.29 -37.97 -3.78
N ILE D 266 -9.31 -37.51 -3.07
CA ILE D 266 -9.09 -36.75 -1.79
C ILE D 266 -8.41 -37.69 -0.80
N ARG D 267 -8.78 -38.97 -0.81
CA ARG D 267 -8.17 -39.96 0.11
C ARG D 267 -6.67 -40.09 -0.18
N ASP D 268 -6.29 -40.15 -1.46
CA ASP D 268 -4.86 -40.23 -1.84
C ASP D 268 -4.11 -38.94 -1.50
N MET D 269 -4.66 -37.77 -1.84
CA MET D 269 -3.95 -36.49 -1.60
C MET D 269 -3.78 -36.24 -0.11
N ASN D 270 -4.82 -36.48 0.68
CA ASN D 270 -4.74 -36.28 2.16
C ASN D 270 -3.79 -37.31 2.78
N ASN D 271 -3.68 -38.51 2.20
CA ASN D 271 -2.84 -39.58 2.81
C ASN D 271 -1.37 -39.41 2.40
N GLU D 272 -1.07 -38.50 1.47
CA GLU D 272 0.32 -38.38 0.98
C GLU D 272 1.29 -38.00 2.11
N PRO D 273 1.02 -37.01 2.99
CA PRO D 273 2.01 -36.59 3.99
C PRO D 273 2.16 -37.44 5.25
N LEU D 274 1.25 -38.36 5.53
CA LEU D 274 1.23 -39.10 6.82
C LEU D 274 2.44 -40.01 7.10
N TRP D 275 2.96 -40.74 6.13
CA TRP D 275 4.03 -41.75 6.41
C TRP D 275 5.39 -41.19 6.87
N ALA D 276 5.85 -40.06 6.33
CA ALA D 276 7.22 -39.55 6.58
C ALA D 276 7.49 -39.07 8.01
N THR D 277 8.74 -38.62 8.18
CA THR D 277 9.16 -37.97 9.45
C THR D 277 9.12 -36.46 9.15
N LYS D 278 9.55 -36.02 7.95
CA LYS D 278 9.59 -34.56 7.61
C LYS D 278 8.99 -34.26 6.24
N THR D 279 8.31 -33.11 6.11
CA THR D 279 7.64 -32.72 4.83
C THR D 279 7.95 -31.27 4.50
N GLY D 280 8.25 -30.97 3.22
CA GLY D 280 8.65 -29.61 2.87
C GLY D 280 7.78 -29.03 1.79
N CYS D 281 7.29 -27.81 1.99
CA CYS D 281 6.36 -27.24 1.01
C CYS D 281 7.01 -26.03 0.36
N ILE D 282 7.10 -26.04 -0.96
CA ILE D 282 7.61 -24.84 -1.67
C ILE D 282 6.42 -24.42 -2.52
N ILE D 283 5.63 -23.48 -2.02
CA ILE D 283 4.39 -23.08 -2.73
C ILE D 283 4.71 -21.83 -3.52
N LEU D 284 4.70 -21.94 -4.83
CA LEU D 284 4.98 -20.78 -5.68
C LEU D 284 3.63 -20.28 -6.19
N GLY D 285 3.10 -19.25 -5.55
CA GLY D 285 1.74 -18.77 -5.83
C GLY D 285 0.82 -19.08 -4.67
N GLY D 286 -0.49 -18.87 -4.82
CA GLY D 286 -1.46 -19.21 -3.76
C GLY D 286 -2.76 -19.67 -4.39
N GLY D 287 -3.65 -20.30 -3.62
CA GLY D 287 -4.97 -20.69 -4.15
C GLY D 287 -5.33 -22.12 -3.80
N VAL D 288 -5.90 -22.87 -4.77
CA VAL D 288 -6.24 -24.30 -4.54
C VAL D 288 -4.95 -25.07 -4.26
N VAL D 289 -3.89 -24.77 -5.01
CA VAL D 289 -2.59 -25.46 -4.83
C VAL D 289 -2.12 -25.24 -3.40
N LYS D 290 -2.24 -24.01 -2.87
CA LYS D 290 -1.75 -23.70 -1.52
C LYS D 290 -2.65 -24.41 -0.51
N HIS D 291 -3.97 -24.30 -0.68
CA HIS D 291 -4.92 -24.89 0.31
C HIS D 291 -4.80 -26.41 0.34
N HIS D 292 -4.71 -27.06 -0.83
CA HIS D 292 -4.70 -28.54 -0.88
C HIS D 292 -3.49 -29.13 -0.15
N ILE D 293 -2.30 -28.55 -0.34
CA ILE D 293 -1.06 -29.07 0.31
C ILE D 293 -1.14 -28.78 1.81
N MET D 294 -1.53 -27.56 2.15
CA MET D 294 -1.60 -27.15 3.58
C MET D 294 -2.64 -27.99 4.32
N ASN D 295 -3.80 -28.20 3.71
CA ASN D 295 -4.88 -28.94 4.40
C ASN D 295 -4.38 -30.36 4.64
N ALA D 296 -3.67 -30.93 3.66
CA ALA D 296 -3.16 -32.31 3.81
C ALA D 296 -2.20 -32.35 4.98
N ASN D 297 -1.38 -31.31 5.14
CA ASN D 297 -0.35 -31.27 6.21
C ASN D 297 -1.02 -31.16 7.58
N LEU D 298 -2.29 -30.78 7.61
CA LEU D 298 -3.05 -30.73 8.89
C LEU D 298 -3.12 -32.16 9.45
N TYR D 299 -3.16 -33.17 8.57
CA TYR D 299 -3.32 -34.58 9.02
C TYR D 299 -2.06 -35.05 9.75
N ARG D 300 -0.90 -34.49 9.40
CA ARG D 300 0.35 -34.85 10.12
C ARG D 300 0.54 -33.86 11.27
N ASN D 301 -0.41 -32.93 11.45
CA ASN D 301 -0.37 -31.95 12.57
C ASN D 301 0.57 -30.79 12.23
N GLY D 302 0.92 -30.60 10.95
CA GLY D 302 1.75 -29.44 10.57
C GLY D 302 2.85 -29.78 9.58
N ALA D 303 3.18 -28.84 8.69
CA ALA D 303 4.28 -29.04 7.71
C ALA D 303 5.56 -28.49 8.33
N ASP D 304 6.64 -29.27 8.33
CA ASP D 304 7.88 -28.83 9.02
C ASP D 304 8.57 -27.63 8.36
N PHE D 305 8.67 -27.57 7.02
CA PHE D 305 9.41 -26.46 6.39
C PHE D 305 8.58 -25.86 5.26
N VAL D 306 8.56 -24.54 5.12
CA VAL D 306 7.69 -23.90 4.08
C VAL D 306 8.36 -22.67 3.50
N VAL D 307 8.15 -22.41 2.22
CA VAL D 307 8.63 -21.14 1.59
C VAL D 307 7.47 -20.69 0.69
N TYR D 308 6.98 -19.47 0.87
CA TYR D 308 5.85 -18.97 0.06
C TYR D 308 6.35 -17.84 -0.82
N VAL D 309 6.15 -17.94 -2.12
CA VAL D 309 6.51 -16.79 -3.00
C VAL D 309 5.25 -16.37 -3.74
N ASN D 310 4.63 -15.26 -3.34
CA ASN D 310 3.41 -14.75 -4.02
C ASN D 310 3.35 -13.23 -3.87
N THR D 311 2.80 -12.54 -4.87
CA THR D 311 2.59 -11.08 -4.75
C THR D 311 1.21 -10.82 -4.16
N ALA D 312 0.96 -11.15 -2.88
CA ALA D 312 -0.41 -11.01 -2.32
C ALA D 312 -0.36 -10.50 -0.89
N HIS D 313 -1.39 -9.74 -0.46
CA HIS D 313 -1.40 -9.12 0.89
C HIS D 313 -2.64 -9.54 1.67
N ASP D 314 -2.61 -9.47 3.01
CA ASP D 314 -3.72 -10.01 3.85
C ASP D 314 -4.94 -9.08 3.99
N PHE D 315 -4.93 -7.87 3.45
CA PHE D 315 -6.02 -6.89 3.69
C PHE D 315 -7.37 -7.41 3.18
N ASP D 316 -7.39 -8.12 2.06
CA ASP D 316 -8.65 -8.59 1.42
C ASP D 316 -9.28 -9.76 2.18
N GLY D 317 -8.58 -10.34 3.14
CA GLY D 317 -9.13 -11.50 3.86
C GLY D 317 -9.01 -12.77 3.04
N SER D 318 -8.37 -12.70 1.87
CA SER D 318 -8.25 -13.86 0.95
C SER D 318 -7.32 -14.94 1.51
N ASP D 319 -7.50 -16.19 1.08
CA ASP D 319 -6.63 -17.30 1.54
C ASP D 319 -5.25 -17.10 0.94
N SER D 320 -5.18 -16.69 -0.34
CA SER D 320 -3.87 -16.53 -1.01
C SER D 320 -3.06 -15.44 -0.31
N GLY D 321 -3.68 -14.29 -0.04
CA GLY D 321 -2.96 -13.14 0.53
C GLY D 321 -2.52 -13.40 1.94
N ALA D 322 -3.13 -14.39 2.58
CA ALA D 322 -2.81 -14.63 4.00
C ALA D 322 -1.30 -14.83 4.14
N ARG D 323 -0.72 -14.19 5.15
CA ARG D 323 0.71 -14.39 5.45
C ARG D 323 0.81 -15.72 6.18
N PRO D 324 2.00 -16.27 6.49
CA PRO D 324 2.11 -17.59 7.12
C PRO D 324 1.32 -17.70 8.42
N ASP D 325 1.18 -16.61 9.18
CA ASP D 325 0.49 -16.65 10.51
C ASP D 325 -0.98 -17.09 10.39
N GLU D 326 -1.71 -16.68 9.35
CA GLU D 326 -3.10 -17.18 9.15
C GLU D 326 -3.04 -18.70 8.95
N ALA D 327 -2.12 -19.17 8.09
CA ALA D 327 -1.96 -20.61 7.80
C ALA D 327 -1.56 -21.34 9.08
N VAL D 328 -0.74 -20.72 9.92
CA VAL D 328 -0.38 -21.34 11.23
C VAL D 328 -1.65 -21.46 12.08
N SER D 329 -2.56 -20.49 11.98
CA SER D 329 -3.78 -20.47 12.84
C SER D 329 -4.64 -21.73 12.67
N TRP D 330 -4.86 -22.19 11.43
CA TRP D 330 -5.63 -23.45 11.22
C TRP D 330 -4.85 -24.60 11.86
N GLY D 331 -3.52 -24.58 11.75
CA GLY D 331 -2.69 -25.69 12.26
C GLY D 331 -1.98 -26.34 11.09
N ALA D 332 -2.10 -25.73 9.90
CA ALA D 332 -1.48 -26.28 8.69
C ALA D 332 0.05 -26.28 8.80
N ILE D 333 0.68 -25.24 9.37
CA ILE D 333 2.15 -25.18 9.57
C ILE D 333 2.45 -25.55 11.04
N SER D 334 3.46 -26.39 11.27
CA SER D 334 3.86 -26.77 12.65
C SER D 334 4.16 -25.50 13.44
N LEU D 335 3.73 -25.44 14.70
CA LEU D 335 3.99 -24.25 15.55
C LEU D 335 5.50 -24.11 15.70
N GLU D 336 6.21 -25.22 15.86
CA GLU D 336 7.69 -25.21 16.04
C GLU D 336 8.39 -24.68 14.77
N ALA D 337 7.86 -24.97 13.58
CA ALA D 337 8.51 -24.60 12.31
C ALA D 337 8.61 -23.09 12.12
N LYS D 338 9.63 -22.63 11.41
CA LYS D 338 9.74 -21.17 11.08
C LYS D 338 9.37 -20.98 9.61
N PRO D 339 8.22 -20.34 9.30
CA PRO D 339 7.79 -20.14 7.93
C PRO D 339 8.54 -18.99 7.23
N VAL D 340 8.62 -18.99 5.91
CA VAL D 340 9.23 -17.84 5.19
C VAL D 340 8.35 -17.42 4.02
N LYS D 341 8.13 -16.11 3.83
CA LYS D 341 7.38 -15.63 2.65
C LYS D 341 8.18 -14.56 1.97
N VAL D 342 8.38 -14.67 0.66
CA VAL D 342 9.09 -13.63 -0.11
C VAL D 342 8.01 -12.86 -0.88
N TYR D 343 7.76 -11.60 -0.56
CA TYR D 343 6.67 -10.92 -1.30
C TYR D 343 7.22 -10.57 -2.67
N ALA D 344 7.40 -11.56 -3.55
CA ALA D 344 8.02 -11.27 -4.86
C ALA D 344 7.46 -12.19 -5.94
N GLU D 345 7.66 -11.83 -7.21
CA GLU D 345 7.25 -12.75 -8.32
C GLU D 345 8.21 -13.94 -8.28
N VAL D 346 7.70 -15.15 -8.49
CA VAL D 346 8.56 -16.37 -8.43
C VAL D 346 9.59 -16.27 -9.56
N THR D 347 9.23 -15.62 -10.67
CA THR D 347 10.15 -15.59 -11.83
C THR D 347 11.50 -15.02 -11.40
N LEU D 348 11.53 -13.96 -10.58
CA LEU D 348 12.82 -13.45 -10.02
C LEU D 348 13.44 -14.34 -8.93
N VAL D 349 12.66 -14.78 -7.93
CA VAL D 349 13.23 -15.52 -6.74
C VAL D 349 13.73 -16.96 -6.99
N LEU D 350 13.01 -17.80 -7.73
CA LEU D 350 13.38 -19.24 -7.87
C LEU D 350 14.73 -19.49 -8.58
N PRO D 351 15.13 -18.78 -9.66
CA PRO D 351 16.39 -19.11 -10.31
C PRO D 351 17.51 -19.01 -9.27
N LEU D 352 17.47 -17.99 -8.40
CA LEU D 352 18.45 -17.87 -7.28
C LEU D 352 18.26 -18.98 -6.23
N LEU D 353 17.01 -19.39 -5.95
CA LEU D 353 16.72 -20.43 -4.93
C LEU D 353 17.28 -21.81 -5.32
N VAL D 354 17.11 -22.21 -6.59
CA VAL D 354 17.67 -23.51 -7.08
C VAL D 354 19.20 -23.38 -7.05
N ALA D 355 19.72 -22.24 -7.50
CA ALA D 355 21.18 -22.00 -7.54
C ALA D 355 21.72 -22.04 -6.12
N GLY D 356 21.00 -21.47 -5.17
CA GLY D 356 21.56 -21.38 -3.81
C GLY D 356 21.41 -22.61 -2.96
N SER D 357 20.68 -23.63 -3.40
CA SER D 357 20.46 -24.78 -2.46
C SER D 357 20.54 -26.17 -3.13
N PHE D 358 19.67 -26.47 -4.10
CA PHE D 358 19.62 -27.79 -4.78
C PHE D 358 20.87 -28.09 -5.60
N SER D 359 21.43 -27.09 -6.29
CA SER D 359 22.59 -27.33 -7.18
C SER D 359 23.74 -27.84 -6.32
N LYS D 360 23.83 -27.33 -5.09
CA LYS D 360 24.86 -27.82 -4.13
C LYS D 360 24.64 -29.30 -3.83
N PHE D 361 23.38 -29.74 -3.67
CA PHE D 361 23.09 -31.16 -3.31
C PHE D 361 23.58 -32.10 -4.41
N LEU D 362 23.28 -31.78 -5.67
CA LEU D 362 23.74 -32.64 -6.81
C LEU D 362 25.26 -32.56 -6.91
N ALA D 363 25.85 -31.39 -6.66
CA ALA D 363 27.32 -31.24 -6.67
C ALA D 363 27.89 -32.14 -5.58
N GLU D 364 27.22 -32.20 -4.43
CA GLU D 364 27.65 -33.10 -3.34
C GLU D 364 27.46 -34.54 -3.80
N VAL E 29 15.86 23.23 35.49
CA VAL E 29 14.68 22.96 34.62
C VAL E 29 13.93 21.77 35.25
N ASN E 30 14.59 21.01 36.12
CA ASN E 30 13.95 19.87 36.81
C ASN E 30 12.98 20.41 37.86
N LYS E 31 13.22 21.63 38.32
CA LYS E 31 12.30 22.31 39.29
C LYS E 31 11.47 23.38 38.58
N LEU E 32 11.57 23.52 37.25
CA LEU E 32 10.86 24.63 36.56
C LEU E 32 9.36 24.37 36.46
N LYS E 33 8.63 24.53 37.58
CA LYS E 33 7.15 24.38 37.56
C LYS E 33 6.54 25.60 36.86
N LYS E 34 5.37 25.42 36.23
CA LYS E 34 4.67 26.57 35.59
C LYS E 34 4.16 27.53 36.68
N GLY E 35 4.04 28.82 36.36
CA GLY E 35 3.60 29.81 37.36
C GLY E 35 4.78 30.40 38.12
N GLY E 36 6.00 29.93 37.82
CA GLY E 36 7.20 30.50 38.45
C GLY E 36 7.89 31.45 37.47
N TYR E 37 8.91 32.19 37.92
CA TYR E 37 9.56 33.14 37.05
C TYR E 37 10.95 32.72 36.25
N VAL E 38 11.34 33.30 35.10
CA VAL E 38 12.61 33.01 34.35
C VAL E 38 12.95 34.27 33.54
N LEU E 39 14.22 34.45 33.17
CA LEU E 39 14.61 35.60 32.31
C LEU E 39 14.84 35.04 30.90
N ILE E 40 13.93 35.35 29.96
CA ILE E 40 14.05 34.84 28.54
C ILE E 40 14.36 36.04 27.64
N GLU E 41 15.48 35.99 26.93
CA GLU E 41 15.89 37.10 26.01
C GLU E 41 16.08 38.40 26.81
N GLY E 42 16.16 38.32 28.15
CA GLY E 42 16.38 39.56 29.02
C GLY E 42 14.99 40.07 29.55
N ARG E 43 13.85 39.48 29.23
CA ARG E 43 12.56 40.04 29.70
C ARG E 43 12.04 39.11 30.79
N PRO E 44 11.83 39.54 32.06
CA PRO E 44 11.24 38.67 33.09
C PRO E 44 9.98 38.01 32.52
N CYS E 45 9.97 36.67 32.44
CA CYS E 45 8.82 35.94 31.83
C CYS E 45 8.24 34.96 32.86
N ARG E 46 6.91 34.93 32.99
CA ARG E 46 6.27 33.97 33.91
C ARG E 46 6.04 32.66 33.14
N VAL E 47 6.55 31.55 33.65
CA VAL E 47 6.44 30.28 32.88
C VAL E 47 4.94 30.01 32.70
N VAL E 48 4.53 29.76 31.45
CA VAL E 48 3.09 29.47 31.16
C VAL E 48 3.07 28.24 30.26
N ASP E 49 4.26 27.75 29.89
CA ASP E 49 4.35 26.56 29.00
C ASP E 49 5.69 25.83 29.16
N ILE E 50 5.70 24.50 29.03
CA ILE E 50 6.97 23.70 29.08
C ILE E 50 6.71 22.29 28.54
N THR E 51 7.53 21.80 27.60
CA THR E 51 7.38 20.41 27.07
C THR E 51 8.71 19.70 27.29
N LYS E 52 8.70 18.39 27.58
CA LYS E 52 9.98 17.65 27.72
C LYS E 52 9.97 16.41 26.82
N SER E 53 11.08 16.16 26.11
CA SER E 53 11.18 14.96 25.23
C SER E 53 12.28 14.03 25.77
N LYS E 54 11.97 12.73 25.93
CA LYS E 54 12.95 11.76 26.49
C LYS E 54 14.15 11.77 25.55
N THR E 55 13.94 11.47 24.25
CA THR E 55 15.02 11.44 23.22
C THR E 55 14.33 11.20 21.88
N GLY E 56 15.09 11.00 20.80
CA GLY E 56 14.43 10.67 19.52
C GLY E 56 15.26 11.04 18.29
N LYS E 57 14.65 10.97 17.11
CA LYS E 57 15.34 11.37 15.86
C LYS E 57 15.68 12.86 15.97
N HIS E 58 14.78 13.65 16.56
CA HIS E 58 14.99 15.11 16.70
C HIS E 58 16.44 15.42 17.11
N GLY E 59 17.08 14.56 17.89
CA GLY E 59 18.43 14.89 18.35
C GLY E 59 18.57 14.36 19.75
N HIS E 60 19.44 14.95 20.56
CA HIS E 60 19.49 14.49 21.98
C HIS E 60 18.25 15.00 22.73
N ALA E 61 18.06 14.61 24.00
CA ALA E 61 16.90 15.05 24.83
C ALA E 61 16.80 16.58 24.93
N LYS E 62 15.63 17.16 24.60
CA LYS E 62 15.48 18.64 24.60
C LYS E 62 14.21 19.05 25.36
N ALA E 63 14.01 20.36 25.57
CA ALA E 63 12.84 20.85 26.34
C ALA E 63 12.48 22.26 25.87
N GLY E 64 11.21 22.47 25.49
CA GLY E 64 10.77 23.82 25.08
C GLY E 64 10.07 24.53 26.22
N ILE E 65 10.66 25.63 26.70
CA ILE E 65 10.08 26.41 27.83
C ILE E 65 9.52 27.71 27.25
N ALA E 66 8.38 28.19 27.76
CA ALA E 66 7.77 29.40 27.18
C ALA E 66 7.26 30.30 28.30
N GLY E 67 7.28 31.64 28.10
CA GLY E 67 6.88 32.57 29.18
C GLY E 67 6.50 33.94 28.65
N THR E 68 5.64 34.66 29.36
CA THR E 68 5.16 35.99 28.87
C THR E 68 5.90 37.12 29.60
N ASP E 69 6.45 38.08 28.86
CA ASP E 69 7.14 39.23 29.48
C ASP E 69 6.11 40.02 30.30
N LEU E 70 6.47 40.40 31.53
CA LEU E 70 5.54 41.16 32.39
C LEU E 70 5.25 42.52 31.76
N PHE E 71 6.29 43.22 31.27
CA PHE E 71 6.10 44.59 30.72
C PHE E 71 5.30 44.60 29.40
N THR E 72 5.59 43.69 28.48
CA THR E 72 4.92 43.76 27.14
C THR E 72 3.82 42.71 26.99
N GLY E 73 3.65 41.82 27.97
CA GLY E 73 2.66 40.72 27.84
C GLY E 73 2.92 39.88 26.60
N ARG E 74 4.18 39.59 26.29
CA ARG E 74 4.52 38.83 25.06
C ARG E 74 5.14 37.48 25.41
N ARG E 75 4.58 36.38 24.89
CA ARG E 75 5.10 35.02 25.17
C ARG E 75 6.32 34.77 24.26
N TYR E 76 7.35 34.07 24.77
CA TYR E 76 8.58 33.86 23.97
C TYR E 76 8.92 32.37 24.00
N GLU E 77 9.69 31.87 23.03
CA GLU E 77 9.97 30.41 22.98
C GLU E 77 11.48 30.13 23.06
N THR E 78 11.88 29.17 23.90
CA THR E 78 13.31 28.77 23.95
C THR E 78 13.38 27.24 23.97
N HIS E 79 14.47 26.65 23.45
CA HIS E 79 14.66 25.17 23.48
C HIS E 79 16.01 24.83 24.14
N LEU E 80 16.02 23.95 25.16
CA LEU E 80 17.27 23.70 25.94
C LEU E 80 17.39 22.23 26.36
N PRO E 81 18.57 21.74 26.82
CA PRO E 81 18.74 20.37 27.35
C PRO E 81 18.37 20.21 28.84
N THR E 82 18.71 19.07 29.44
CA THR E 82 18.47 18.86 30.89
C THR E 82 19.77 19.15 31.63
N SER E 83 19.80 18.92 32.95
CA SER E 83 21.02 19.14 33.78
C SER E 83 21.54 20.57 33.61
N HIS E 84 20.62 21.54 33.52
CA HIS E 84 21.00 22.98 33.37
C HIS E 84 20.07 23.85 34.21
N GLU E 85 20.39 25.14 34.37
CA GLU E 85 19.52 26.08 35.14
C GLU E 85 19.36 27.38 34.35
N ILE E 86 18.27 28.13 34.60
CA ILE E 86 18.00 29.39 33.86
C ILE E 86 17.86 30.55 34.86
N GLU E 87 18.35 31.74 34.51
CA GLU E 87 18.26 32.94 35.39
C GLU E 87 16.85 33.15 35.96
N VAL E 88 16.74 33.49 37.25
CA VAL E 88 15.43 33.76 37.91
C VAL E 88 15.40 35.23 38.36
N PRO E 89 14.40 36.09 38.03
CA PRO E 89 14.48 37.50 38.38
C PRO E 89 13.68 38.00 39.59
N PHE E 90 14.35 38.57 40.61
CA PHE E 90 13.64 38.98 41.85
C PHE E 90 12.61 40.07 41.53
N VAL E 91 11.32 39.73 41.58
CA VAL E 91 10.24 40.73 41.35
C VAL E 91 9.40 40.81 42.63
N ASP E 92 9.20 42.02 43.17
CA ASP E 92 8.39 42.20 44.41
C ASP E 92 7.23 43.17 44.16
N ARG E 93 6.01 42.76 44.48
CA ARG E 93 4.84 43.68 44.36
C ARG E 93 5.03 44.80 45.38
N SER E 94 4.68 46.05 45.04
CA SER E 94 4.96 47.17 45.98
C SER E 94 3.88 48.25 45.97
N ASP E 95 3.18 48.46 47.09
CA ASP E 95 2.21 49.54 47.20
C ASP E 95 2.81 50.81 47.84
N TYR E 96 2.47 51.98 47.29
CA TYR E 96 2.94 53.29 47.82
C TYR E 96 1.77 54.26 47.68
N GLY E 97 1.65 55.21 48.60
CA GLY E 97 0.57 56.21 48.52
C GLY E 97 0.84 57.22 47.42
N LEU E 98 -0.15 57.47 46.56
CA LEU E 98 0.03 58.51 45.51
C LEU E 98 -0.09 59.89 46.16
N ILE E 99 0.96 60.71 46.05
CA ILE E 99 0.99 62.02 46.70
C ILE E 99 0.74 63.11 45.62
N ASN E 100 1.28 62.95 44.41
CA ASN E 100 1.13 64.02 43.38
C ASN E 100 1.47 63.45 42.01
N ILE E 101 0.88 64.00 40.94
CA ILE E 101 1.25 63.57 39.56
C ILE E 101 2.33 64.54 39.05
N ASP E 102 3.61 64.22 39.25
CA ASP E 102 4.68 65.19 38.86
C ASP E 102 4.94 65.16 37.35
N ASP E 103 3.90 65.36 36.53
CA ASP E 103 4.06 65.45 35.05
C ASP E 103 4.77 64.22 34.48
N GLY E 104 4.41 63.02 34.94
CA GLY E 104 5.01 61.78 34.43
C GLY E 104 6.45 61.58 34.86
N HIS E 105 6.68 61.28 36.14
CA HIS E 105 7.14 60.57 37.37
C HIS E 105 6.19 61.02 38.48
N THR E 106 5.87 60.14 39.43
CA THR E 106 4.86 60.51 40.45
C THR E 106 5.47 60.46 41.84
N GLN E 107 5.16 61.45 42.69
CA GLN E 107 5.64 61.39 44.09
C GLN E 107 4.99 60.16 44.72
N LEU E 108 5.78 59.30 45.37
CA LEU E 108 5.23 58.03 45.92
C LEU E 108 5.77 57.84 47.34
N LEU E 109 4.87 57.65 48.30
CA LEU E 109 5.29 57.50 49.73
C LEU E 109 5.52 56.01 50.03
N THR E 110 6.75 55.64 50.38
CA THR E 110 7.07 54.22 50.68
C THR E 110 6.53 53.86 52.08
N LEU E 111 6.41 52.56 52.37
CA LEU E 111 5.96 52.10 53.71
C LEU E 111 6.98 52.60 54.74
N ASP E 112 8.27 52.61 54.36
CA ASP E 112 9.35 53.12 55.25
C ASP E 112 9.10 54.59 55.56
N GLY E 113 8.44 55.31 54.65
CA GLY E 113 8.19 56.76 54.82
C GLY E 113 9.14 57.59 53.99
N THR E 114 10.06 56.95 53.27
CA THR E 114 10.95 57.71 52.34
C THR E 114 10.12 58.05 51.09
N LEU E 115 10.56 59.04 50.31
CA LEU E 115 9.77 59.46 49.12
C LEU E 115 10.52 59.07 47.85
N ARG E 116 9.85 58.35 46.94
CA ARG E 116 10.49 57.95 45.65
C ARG E 116 9.73 58.60 44.49
N GLU E 117 10.45 59.31 43.62
CA GLU E 117 9.80 59.91 42.41
C GLU E 117 10.27 59.12 41.18
N ASP E 118 11.01 58.03 41.39
CA ASP E 118 11.56 57.23 40.26
C ASP E 118 10.43 56.62 39.43
N VAL E 119 9.35 56.17 40.06
CA VAL E 119 8.25 55.47 39.34
C VAL E 119 7.47 56.43 38.44
N ASP E 120 7.26 56.06 37.17
CA ASP E 120 6.43 56.86 36.25
C ASP E 120 5.09 56.16 36.05
N LEU E 121 4.04 56.92 35.71
CA LEU E 121 2.70 56.33 35.43
C LEU E 121 2.81 55.26 34.34
N PRO E 122 1.84 54.33 34.23
CA PRO E 122 1.85 53.32 33.16
C PRO E 122 1.75 54.00 31.79
N PRO E 123 2.36 53.45 30.72
CA PRO E 123 2.38 54.10 29.41
C PRO E 123 1.00 54.26 28.74
N GLU E 124 0.98 54.83 27.53
CA GLU E 124 -0.30 55.06 26.80
C GLU E 124 -0.87 53.73 26.34
N GLY E 125 -2.18 53.66 26.11
CA GLY E 125 -2.83 52.39 25.73
C GLY E 125 -3.07 51.56 26.97
N ASN E 126 -2.07 51.45 27.84
CA ASN E 126 -2.27 50.76 29.14
C ASN E 126 -3.40 51.50 29.85
N GLU E 127 -4.56 50.85 30.00
CA GLU E 127 -5.72 51.55 30.60
C GLU E 127 -5.41 51.82 32.07
N MET E 128 -4.32 51.25 32.60
CA MET E 128 -4.04 51.57 33.99
C MET E 128 -3.72 53.06 34.18
N ARG E 129 -3.10 53.42 33.13
CA ARG E 129 -2.72 54.82 33.26
C ARG E 129 -4.04 55.63 33.57
N GLN E 130 -5.07 55.45 32.77
CA GLN E 130 -6.40 56.28 33.05
C GLN E 130 -7.01 55.87 34.46
N ARG E 131 -7.05 54.82 34.85
CA ARG E 131 -7.57 54.28 36.12
C ARG E 131 -6.66 54.94 37.28
N VAL E 132 -5.43 55.36 37.04
CA VAL E 132 -4.55 55.94 38.17
C VAL E 132 -4.83 57.45 38.30
N ILE E 133 -4.81 57.93 37.15
CA ILE E 133 -5.12 59.38 37.14
C ILE E 133 -6.62 59.51 37.66
N ASP E 134 -7.57 58.85 37.02
CA ASP E 134 -9.06 59.07 37.37
C ASP E 134 -9.22 58.74 38.86
N LEU E 135 -8.62 58.09 39.41
CA LEU E 135 -8.76 57.73 40.82
C LEU E 135 -7.92 58.68 41.70
N PHE E 136 -6.93 59.42 41.22
CA PHE E 136 -6.15 60.50 41.90
C PHE E 136 -7.08 61.75 41.94
N ASN E 137 -7.79 61.66 40.83
CA ASN E 137 -8.65 62.89 40.77
C ASN E 137 -9.91 62.73 41.62
N VAL E 138 -10.46 61.59 41.43
CA VAL E 138 -11.58 61.47 42.36
C VAL E 138 -11.12 61.78 43.78
N CYS E 139 -9.88 61.75 44.21
CA CYS E 139 -9.37 61.67 45.58
C CYS E 139 -8.56 62.89 46.06
N VAL E 140 -8.41 63.78 45.13
CA VAL E 140 -7.32 64.75 45.43
C VAL E 140 -7.77 65.77 46.54
N ASN E 141 -9.02 66.16 46.35
CA ASN E 141 -9.41 67.18 47.37
C ASN E 141 -10.17 66.57 48.55
N THR E 142 -10.00 65.32 48.49
CA THR E 142 -10.74 64.54 49.49
C THR E 142 -9.78 63.79 50.43
N ASN E 143 -10.58 63.38 51.35
CA ASN E 143 -9.71 62.75 52.36
C ASN E 143 -9.31 61.33 51.97
N ASP E 144 -9.40 60.63 51.23
CA ASP E 144 -8.99 59.37 50.64
C ASP E 144 -7.75 59.59 49.78
N GLN E 145 -6.76 58.76 49.93
CA GLN E 145 -5.53 58.74 49.14
C GLN E 145 -5.61 57.60 48.09
N VAL E 146 -4.93 57.45 46.98
CA VAL E 146 -4.87 56.38 45.96
C VAL E 146 -3.77 55.39 46.36
N VAL E 147 -3.76 54.37 46.46
CA VAL E 147 -2.72 53.35 46.61
C VAL E 147 -2.47 52.76 45.23
N VAL E 148 -1.20 52.76 44.89
CA VAL E 148 -0.78 52.14 43.62
C VAL E 148 0.03 50.89 43.93
N THR E 149 0.04 50.19 42.98
CA THR E 149 0.91 49.01 42.98
C THR E 149 2.01 49.18 41.87
N VAL E 150 3.28 49.01 42.21
CA VAL E 150 4.40 49.08 41.22
C VAL E 150 5.20 47.78 41.40
N LEU E 151 4.88 46.73 40.64
CA LEU E 151 5.68 45.49 40.72
C LEU E 151 7.11 45.86 40.37
N SER E 152 8.09 45.45 41.18
CA SER E 152 9.48 45.92 40.92
C SER E 152 10.43 44.75 40.64
N SER E 153 11.04 44.74 39.44
CA SER E 153 12.07 43.71 39.14
C SER E 153 13.40 44.45 39.01
N ASN E 154 14.26 44.36 40.03
CA ASN E 154 15.52 45.14 40.01
C ASN E 154 15.15 46.61 39.77
N GLY E 155 15.82 47.27 38.82
CA GLY E 155 15.47 48.67 38.47
C GLY E 155 14.08 48.79 37.87
N GLU E 156 13.67 47.80 37.06
CA GLU E 156 12.36 47.87 36.35
C GLU E 156 11.18 47.88 37.33
N ASN E 157 10.13 48.64 37.02
CA ASN E 157 8.92 48.74 37.88
C ASN E 157 7.79 49.39 37.08
N LEU E 158 6.52 49.05 37.35
CA LEU E 158 5.40 49.73 36.63
C LEU E 158 4.11 49.58 37.44
N ILE E 159 3.22 50.56 37.41
CA ILE E 159 1.99 50.50 38.20
C ILE E 159 1.02 49.54 37.52
N VAL E 160 0.97 48.66 38.04
CA VAL E 160 0.08 47.64 37.52
C VAL E 160 -1.33 47.69 38.25
N ASP E 161 -1.77 48.34 39.31
CA ASP E 161 -3.12 48.37 39.97
C ASP E 161 -3.25 49.60 40.84
N CYS E 162 -4.43 49.93 40.84
CA CYS E 162 -4.65 51.02 41.78
C CYS E 162 -5.97 50.83 42.58
N LYS E 163 -5.97 51.60 43.66
CA LYS E 163 -7.17 51.50 44.55
C LYS E 163 -7.26 52.66 45.55
N LYS E 164 -8.56 52.89 45.67
CA LYS E 164 -8.79 53.89 46.74
C LYS E 164 -8.33 53.47 48.22
#